data_6LMS
#
_entry.id   6LMS
#
_entity_poly.entity_id   1
_entity_poly.type   'polypeptide(L)'
_entity_poly.pdbx_seq_one_letter_code
;MHHHHHHSSGLVPRGSDKKVIATKVLGTVKWFNVRNGYGFINRNDTKEDVFVHQTAIKKNNPRKYLRSVGDGETVEFDVV
EGEKGAEAANVTGPGGVPVQGSKYAA
;
_entity_poly.pdbx_strand_id   A
#
# COMPACT_ATOMS: atom_id res chain seq x y z
N ASP A 17 -2.31 21.18 1.11
CA ASP A 17 -2.90 19.82 0.95
C ASP A 17 -1.93 18.77 1.38
N LYS A 18 -1.57 18.79 2.70
CA LYS A 18 -0.64 17.84 3.25
C LYS A 18 0.71 18.03 2.61
N LYS A 19 1.65 17.13 2.94
CA LYS A 19 2.98 17.21 2.39
C LYS A 19 3.27 15.90 1.75
N VAL A 20 3.87 15.96 0.54
CA VAL A 20 4.22 14.76 -0.16
C VAL A 20 5.69 14.67 -0.08
N ILE A 21 6.20 13.56 0.49
CA ILE A 21 7.59 13.38 0.65
C ILE A 21 8.12 12.70 -0.57
N ALA A 22 7.31 11.77 -1.13
CA ALA A 22 7.77 11.08 -2.30
C ALA A 22 6.58 10.83 -3.17
N THR A 23 6.83 10.72 -4.48
CA THR A 23 5.74 10.50 -5.41
C THR A 23 5.65 9.03 -5.64
N LYS A 24 4.76 8.65 -6.57
CA LYS A 24 4.53 7.26 -6.92
C LYS A 24 5.83 6.51 -7.01
N VAL A 25 6.04 5.64 -6.00
CA VAL A 25 7.21 4.82 -5.94
C VAL A 25 6.72 3.41 -5.93
N LEU A 26 7.60 2.45 -6.27
CA LEU A 26 7.21 1.08 -6.27
C LEU A 26 7.81 0.45 -5.06
N GLY A 27 7.03 -0.42 -4.39
CA GLY A 27 7.54 -1.06 -3.21
C GLY A 27 6.92 -2.42 -3.14
N THR A 28 7.57 -3.30 -2.35
CA THR A 28 7.08 -4.65 -2.20
C THR A 28 6.47 -4.76 -0.83
N VAL A 29 5.23 -5.29 -0.77
CA VAL A 29 4.54 -5.43 0.50
C VAL A 29 5.18 -6.56 1.24
N LYS A 30 5.80 -6.25 2.40
CA LYS A 30 6.43 -7.27 3.20
C LYS A 30 5.34 -8.12 3.76
N TRP A 31 4.29 -7.45 4.27
CA TRP A 31 3.18 -8.17 4.83
C TRP A 31 2.10 -7.19 5.14
N PHE A 32 0.85 -7.67 5.18
CA PHE A 32 -0.26 -6.82 5.47
C PHE A 32 -1.19 -7.65 6.30
N ASN A 33 -1.49 -7.19 7.54
CA ASN A 33 -2.36 -7.95 8.39
C ASN A 33 -3.75 -7.38 8.21
N VAL A 34 -4.67 -8.21 7.68
CA VAL A 34 -6.02 -7.79 7.44
C VAL A 34 -6.67 -7.43 8.75
N ARG A 35 -6.40 -8.23 9.81
CA ARG A 35 -7.01 -7.99 11.10
C ARG A 35 -6.55 -6.66 11.64
N ASN A 36 -5.26 -6.31 11.46
CA ASN A 36 -4.77 -5.06 11.98
C ASN A 36 -5.29 -3.95 11.12
N GLY A 37 -5.49 -4.24 9.82
CA GLY A 37 -5.98 -3.24 8.91
C GLY A 37 -4.82 -2.44 8.43
N TYR A 38 -3.58 -2.95 8.65
CA TYR A 38 -2.42 -2.21 8.22
C TYR A 38 -1.29 -3.18 8.07
N GLY A 39 -0.21 -2.72 7.40
CA GLY A 39 0.92 -3.57 7.18
C GLY A 39 2.08 -2.68 6.85
N PHE A 40 3.17 -3.27 6.33
CA PHE A 40 4.33 -2.49 5.99
C PHE A 40 4.73 -2.80 4.58
N ILE A 41 5.15 -1.75 3.84
CA ILE A 41 5.56 -1.92 2.48
C ILE A 41 6.98 -1.45 2.41
N ASN A 42 7.88 -2.29 1.84
CA ASN A 42 9.26 -1.91 1.73
C ASN A 42 9.39 -1.15 0.45
N ARG A 43 9.92 0.08 0.52
CA ARG A 43 10.10 0.87 -0.66
C ARG A 43 11.26 0.29 -1.39
N ASN A 44 11.06 -0.02 -2.69
CA ASN A 44 12.13 -0.63 -3.46
C ASN A 44 12.96 0.46 -4.11
N ASP A 45 12.61 1.74 -3.90
CA ASP A 45 13.36 2.80 -4.53
C ASP A 45 14.37 3.36 -3.56
N THR A 46 14.02 3.47 -2.26
CA THR A 46 14.94 4.04 -1.30
C THR A 46 15.32 2.98 -0.31
N LYS A 47 14.62 1.82 -0.32
CA LYS A 47 14.92 0.73 0.60
C LYS A 47 14.55 1.17 1.98
N GLU A 48 13.45 1.93 2.08
CA GLU A 48 12.99 2.41 3.36
C GLU A 48 11.64 1.81 3.62
N ASP A 49 11.34 1.53 4.91
CA ASP A 49 10.08 0.95 5.27
C ASP A 49 9.03 2.03 5.20
N VAL A 50 7.83 1.68 4.70
CA VAL A 50 6.76 2.65 4.61
C VAL A 50 5.58 2.03 5.27
N PHE A 51 4.81 2.84 6.01
CA PHE A 51 3.65 2.34 6.71
C PHE A 51 2.46 2.50 5.80
N VAL A 52 1.65 1.43 5.68
CA VAL A 52 0.49 1.47 4.82
C VAL A 52 -0.70 1.11 5.66
N HIS A 53 -1.86 1.62 5.26
CA HIS A 53 -3.08 1.37 5.98
C HIS A 53 -4.11 1.01 4.95
N GLN A 54 -5.19 0.31 5.38
CA GLN A 54 -6.22 -0.09 4.46
C GLN A 54 -6.93 1.11 3.90
N THR A 55 -6.79 2.29 4.55
CA THR A 55 -7.46 3.48 4.07
C THR A 55 -6.57 4.16 3.07
N ALA A 56 -5.41 3.54 2.81
CA ALA A 56 -4.47 4.11 1.86
C ALA A 56 -4.67 3.41 0.54
N ILE A 57 -5.53 2.38 0.53
CA ILE A 57 -5.78 1.62 -0.67
C ILE A 57 -6.85 2.36 -1.43
N LYS A 58 -6.45 3.06 -2.51
CA LYS A 58 -7.39 3.83 -3.30
C LYS A 58 -8.27 2.92 -4.10
N LYS A 59 -7.72 1.86 -4.72
CA LYS A 59 -8.52 1.00 -5.56
C LYS A 59 -8.52 -0.38 -4.98
N ASN A 60 -9.70 -1.03 -5.05
CA ASN A 60 -9.85 -2.37 -4.54
C ASN A 60 -10.20 -3.23 -5.72
N ASN A 61 -10.05 -4.57 -5.56
CA ASN A 61 -10.37 -5.47 -6.65
C ASN A 61 -11.86 -5.39 -6.88
N PRO A 62 -12.26 -5.26 -8.14
CA PRO A 62 -13.67 -5.15 -8.48
C PRO A 62 -14.46 -6.42 -8.33
N ARG A 63 -13.78 -7.60 -8.41
CA ARG A 63 -14.50 -8.85 -8.30
C ARG A 63 -14.96 -9.02 -6.88
N LYS A 64 -14.10 -8.67 -5.91
CA LYS A 64 -14.47 -8.79 -4.52
C LYS A 64 -13.88 -7.60 -3.82
N TYR A 65 -14.67 -6.94 -2.95
CA TYR A 65 -14.16 -5.78 -2.26
C TYR A 65 -13.32 -6.28 -1.13
N LEU A 66 -12.00 -5.99 -1.20
CA LEU A 66 -11.10 -6.42 -0.17
C LEU A 66 -10.33 -5.22 0.28
N ARG A 67 -9.98 -5.19 1.58
CA ARG A 67 -9.23 -4.10 2.14
C ARG A 67 -7.84 -4.60 2.40
N SER A 68 -7.52 -5.76 1.80
CA SER A 68 -6.22 -6.37 2.00
C SER A 68 -5.35 -6.08 0.82
N VAL A 69 -4.03 -6.30 1.00
CA VAL A 69 -3.07 -6.08 -0.04
C VAL A 69 -2.33 -7.39 -0.18
N GLY A 70 -1.94 -7.73 -1.41
CA GLY A 70 -1.26 -8.99 -1.65
C GLY A 70 0.13 -8.89 -1.09
N ASP A 71 0.52 -9.91 -0.31
CA ASP A 71 1.82 -9.94 0.29
C ASP A 71 2.81 -10.38 -0.76
N GLY A 72 3.99 -9.72 -0.82
CA GLY A 72 5.01 -10.11 -1.76
C GLY A 72 4.72 -9.48 -3.10
N GLU A 73 3.63 -8.68 -3.20
CA GLU A 73 3.31 -8.07 -4.45
C GLU A 73 3.95 -6.72 -4.51
N THR A 74 4.32 -6.30 -5.74
CA THR A 74 4.92 -5.01 -5.92
C THR A 74 3.80 -4.09 -6.27
N VAL A 75 3.65 -2.99 -5.52
CA VAL A 75 2.58 -2.06 -5.77
C VAL A 75 3.17 -0.69 -5.85
N GLU A 76 2.42 0.27 -6.42
CA GLU A 76 2.90 1.62 -6.56
C GLU A 76 2.14 2.47 -5.59
N PHE A 77 2.83 3.44 -4.96
CA PHE A 77 2.15 4.28 -4.01
C PHE A 77 2.89 5.58 -3.84
N ASP A 78 2.19 6.61 -3.32
CA ASP A 78 2.79 7.90 -3.08
C ASP A 78 3.16 7.89 -1.64
N VAL A 79 4.19 8.68 -1.27
CA VAL A 79 4.62 8.70 0.10
C VAL A 79 4.30 10.07 0.63
N VAL A 80 3.55 10.12 1.74
CA VAL A 80 3.22 11.38 2.33
C VAL A 80 3.68 11.30 3.75
N GLU A 81 3.83 12.47 4.41
CA GLU A 81 4.29 12.49 5.76
C GLU A 81 3.23 11.88 6.64
N GLY A 82 3.66 11.00 7.57
CA GLY A 82 2.74 10.35 8.46
C GLY A 82 3.22 10.60 9.86
N GLU A 83 2.38 10.24 10.85
CA GLU A 83 2.74 10.45 12.24
C GLU A 83 3.84 9.48 12.60
N LYS A 84 4.03 8.42 11.79
CA LYS A 84 5.06 7.44 12.08
C LYS A 84 6.25 7.75 11.23
N GLY A 85 6.19 8.90 10.53
CA GLY A 85 7.30 9.31 9.69
C GLY A 85 6.81 9.35 8.28
N ALA A 86 6.73 8.17 7.63
CA ALA A 86 6.29 8.12 6.27
C ALA A 86 5.07 7.24 6.21
N GLU A 87 4.05 7.70 5.45
CA GLU A 87 2.83 6.95 5.31
C GLU A 87 2.56 6.83 3.85
N ALA A 88 2.17 5.61 3.42
CA ALA A 88 1.87 5.37 2.03
C ALA A 88 0.47 5.84 1.77
N ALA A 89 0.23 6.37 0.56
CA ALA A 89 -1.08 6.84 0.21
C ALA A 89 -1.26 6.57 -1.26
N ASN A 90 -2.54 6.40 -1.69
CA ASN A 90 -2.82 6.13 -3.09
C ASN A 90 -2.13 4.85 -3.47
N VAL A 91 -2.38 3.78 -2.69
CA VAL A 91 -1.74 2.51 -2.98
C VAL A 91 -2.55 1.82 -4.04
N THR A 92 -1.90 1.58 -5.19
CA THR A 92 -2.56 0.90 -6.28
C THR A 92 -1.57 -0.06 -6.86
N GLY A 93 -2.03 -0.99 -7.71
CA GLY A 93 -1.13 -1.95 -8.31
C GLY A 93 -0.43 -1.23 -9.43
N PRO A 94 0.51 -1.92 -10.02
CA PRO A 94 1.28 -1.36 -11.13
C PRO A 94 0.41 -0.95 -12.28
N GLY A 95 0.62 0.29 -12.77
CA GLY A 95 -0.17 0.78 -13.88
C GLY A 95 -1.45 1.35 -13.36
N GLY A 96 -1.64 1.37 -12.02
CA GLY A 96 -2.85 1.92 -11.45
C GLY A 96 -3.93 0.89 -11.49
N VAL A 97 -3.56 -0.40 -11.68
CA VAL A 97 -4.55 -1.44 -11.73
C VAL A 97 -4.91 -1.81 -10.31
N PRO A 98 -6.10 -2.37 -10.14
CA PRO A 98 -6.57 -2.78 -8.81
C PRO A 98 -5.67 -3.82 -8.19
N VAL A 99 -5.59 -3.82 -6.84
CA VAL A 99 -4.74 -4.76 -6.17
C VAL A 99 -5.48 -6.08 -6.09
N GLN A 100 -4.72 -7.19 -6.22
CA GLN A 100 -5.32 -8.51 -6.16
C GLN A 100 -5.81 -8.75 -4.76
N GLY A 101 -5.03 -8.32 -3.75
CA GLY A 101 -5.42 -8.52 -2.39
C GLY A 101 -4.79 -9.79 -1.91
N SER A 102 -5.14 -10.20 -0.67
CA SER A 102 -4.60 -11.40 -0.09
C SER A 102 -5.34 -12.56 -0.70
N LYS A 103 -4.74 -13.78 -0.60
CA LYS A 103 -5.37 -14.97 -1.14
C LYS A 103 -6.70 -15.15 -0.47
N TYR A 104 -6.73 -14.95 0.87
CA TYR A 104 -7.96 -15.08 1.59
C TYR A 104 -8.17 -13.77 2.30
N ALA A 105 -9.36 -13.18 2.12
CA ALA A 105 -9.63 -11.91 2.75
C ALA A 105 -11.09 -11.89 3.09
N ALA A 106 -11.48 -11.02 4.04
CA ALA A 106 -12.87 -10.92 4.44
C ALA A 106 -13.34 -12.30 4.95
N ASP A 17 -4.27 18.10 2.36
CA ASP A 17 -3.05 18.71 1.77
C ASP A 17 -1.88 18.55 2.70
N LYS A 18 -1.30 17.32 2.74
CA LYS A 18 -0.17 17.07 3.60
C LYS A 18 1.05 17.11 2.75
N LYS A 19 2.23 17.04 3.41
CA LYS A 19 3.48 17.07 2.69
C LYS A 19 3.66 15.76 2.00
N VAL A 20 4.17 15.82 0.75
CA VAL A 20 4.41 14.63 -0.01
C VAL A 20 5.89 14.42 0.05
N ILE A 21 6.31 13.27 0.61
CA ILE A 21 7.70 13.00 0.75
C ILE A 21 8.17 12.33 -0.49
N ALA A 22 7.31 11.45 -1.06
CA ALA A 22 7.71 10.77 -2.26
C ALA A 22 6.50 10.60 -3.11
N THR A 23 6.71 10.54 -4.43
CA THR A 23 5.62 10.38 -5.35
C THR A 23 5.47 8.92 -5.62
N LYS A 24 4.56 8.60 -6.57
CA LYS A 24 4.29 7.23 -6.96
C LYS A 24 5.56 6.46 -7.10
N VAL A 25 5.81 5.58 -6.11
CA VAL A 25 6.98 4.74 -6.13
C VAL A 25 6.48 3.33 -6.04
N LEU A 26 7.36 2.37 -6.39
CA LEU A 26 6.98 0.99 -6.32
C LEU A 26 7.61 0.43 -5.09
N GLY A 27 6.84 -0.39 -4.34
CA GLY A 27 7.37 -0.96 -3.14
C GLY A 27 6.85 -2.34 -3.02
N THR A 28 7.56 -3.17 -2.23
CA THR A 28 7.16 -4.54 -2.03
C THR A 28 6.53 -4.64 -0.67
N VAL A 29 5.32 -5.24 -0.59
CA VAL A 29 4.64 -5.38 0.67
C VAL A 29 5.28 -6.52 1.40
N LYS A 30 6.08 -6.20 2.42
CA LYS A 30 6.74 -7.22 3.18
C LYS A 30 5.72 -7.92 4.02
N TRP A 31 4.84 -7.13 4.69
CA TRP A 31 3.83 -7.74 5.52
C TRP A 31 2.62 -6.85 5.54
N PHE A 32 1.43 -7.47 5.49
CA PHE A 32 0.21 -6.73 5.57
C PHE A 32 -0.74 -7.59 6.35
N ASN A 33 -1.18 -7.10 7.52
CA ASN A 33 -2.07 -7.87 8.34
C ASN A 33 -3.46 -7.34 8.13
N VAL A 34 -4.33 -8.19 7.54
CA VAL A 34 -5.70 -7.79 7.27
C VAL A 34 -6.41 -7.58 8.59
N ARG A 35 -6.13 -8.47 9.57
CA ARG A 35 -6.78 -8.40 10.87
C ARG A 35 -6.41 -7.12 11.58
N ASN A 36 -5.24 -6.53 11.28
CA ASN A 36 -4.84 -5.32 11.95
C ASN A 36 -5.25 -4.14 11.11
N GLY A 37 -5.40 -4.36 9.79
CA GLY A 37 -5.80 -3.30 8.91
C GLY A 37 -4.61 -2.46 8.54
N TYR A 38 -3.39 -2.97 8.77
CA TYR A 38 -2.22 -2.19 8.43
C TYR A 38 -1.08 -3.14 8.24
N GLY A 39 0.01 -2.62 7.64
CA GLY A 39 1.17 -3.44 7.40
C GLY A 39 2.30 -2.53 7.09
N PHE A 40 3.39 -3.10 6.54
CA PHE A 40 4.54 -2.31 6.21
C PHE A 40 4.92 -2.62 4.80
N ILE A 41 5.28 -1.57 4.03
CA ILE A 41 5.66 -1.74 2.66
C ILE A 41 7.05 -1.21 2.53
N ASN A 42 7.96 -2.01 1.94
CA ASN A 42 9.32 -1.58 1.77
C ASN A 42 9.42 -0.97 0.41
N ARG A 43 9.96 0.27 0.33
CA ARG A 43 10.10 0.92 -0.95
C ARG A 43 11.18 0.18 -1.69
N ASN A 44 10.93 -0.12 -2.98
CA ASN A 44 11.92 -0.84 -3.75
C ASN A 44 12.91 0.13 -4.31
N ASP A 45 12.66 1.45 -4.12
CA ASP A 45 13.57 2.44 -4.67
C ASP A 45 14.48 2.97 -3.59
N THR A 46 13.98 3.11 -2.34
CA THR A 46 14.81 3.66 -1.29
C THR A 46 15.08 2.63 -0.23
N LYS A 47 14.31 1.51 -0.24
CA LYS A 47 14.50 0.44 0.74
C LYS A 47 14.09 0.94 2.10
N GLU A 48 13.24 1.97 2.10
CA GLU A 48 12.76 2.54 3.34
C GLU A 48 11.44 1.90 3.66
N ASP A 49 11.11 1.84 4.97
CA ASP A 49 9.87 1.24 5.39
C ASP A 49 8.80 2.30 5.33
N VAL A 50 7.60 1.91 4.84
CA VAL A 50 6.50 2.85 4.76
C VAL A 50 5.34 2.19 5.43
N PHE A 51 4.56 2.98 6.17
CA PHE A 51 3.41 2.47 6.88
C PHE A 51 2.22 2.55 5.96
N VAL A 52 1.46 1.45 5.84
CA VAL A 52 0.31 1.44 4.96
C VAL A 52 -0.89 1.11 5.79
N HIS A 53 -2.06 1.57 5.34
CA HIS A 53 -3.28 1.34 6.07
C HIS A 53 -4.36 1.07 5.05
N GLN A 54 -5.51 0.56 5.51
CA GLN A 54 -6.62 0.24 4.62
C GLN A 54 -7.17 1.50 4.02
N THR A 55 -6.93 2.66 4.65
CA THR A 55 -7.44 3.90 4.13
C THR A 55 -6.52 4.41 3.06
N ALA A 56 -5.45 3.64 2.79
CA ALA A 56 -4.50 4.04 1.79
C ALA A 56 -4.86 3.36 0.49
N ILE A 57 -5.88 2.47 0.52
CA ILE A 57 -6.26 1.77 -0.69
C ILE A 57 -7.07 2.72 -1.53
N LYS A 58 -6.62 2.98 -2.77
CA LYS A 58 -7.33 3.89 -3.64
C LYS A 58 -8.28 3.10 -4.51
N LYS A 59 -7.81 1.98 -5.10
CA LYS A 59 -8.67 1.22 -5.98
C LYS A 59 -8.87 -0.15 -5.38
N ASN A 60 -10.08 -0.69 -5.56
CA ASN A 60 -10.40 -1.99 -5.04
C ASN A 60 -10.74 -2.87 -6.21
N ASN A 61 -10.59 -4.20 -6.04
CA ASN A 61 -10.89 -5.13 -7.10
C ASN A 61 -12.39 -5.09 -7.32
N PRO A 62 -12.81 -5.04 -8.57
CA PRO A 62 -14.23 -4.99 -8.91
C PRO A 62 -14.98 -6.24 -8.57
N ARG A 63 -14.29 -7.40 -8.53
CA ARG A 63 -14.96 -8.66 -8.22
C ARG A 63 -15.41 -8.62 -6.78
N LYS A 64 -14.56 -8.06 -5.90
CA LYS A 64 -14.88 -7.97 -4.51
C LYS A 64 -14.04 -6.89 -3.93
N TYR A 65 -14.62 -6.11 -3.00
CA TYR A 65 -13.89 -5.00 -2.43
C TYR A 65 -12.96 -5.52 -1.36
N LEU A 66 -11.64 -5.33 -1.59
CA LEU A 66 -10.66 -5.75 -0.63
C LEU A 66 -9.86 -4.54 -0.29
N ARG A 67 -9.53 -4.39 1.00
CA ARG A 67 -8.75 -3.25 1.45
C ARG A 67 -7.39 -3.74 1.83
N SER A 68 -7.05 -4.95 1.36
CA SER A 68 -5.77 -5.54 1.69
C SER A 68 -4.98 -5.69 0.42
N VAL A 69 -3.66 -5.91 0.58
CA VAL A 69 -2.80 -6.07 -0.55
C VAL A 69 -2.10 -7.40 -0.38
N GLY A 70 -1.54 -7.93 -1.49
CA GLY A 70 -0.88 -9.21 -1.43
C GLY A 70 0.49 -9.03 -0.86
N ASP A 71 0.88 -9.99 0.00
CA ASP A 71 2.18 -9.95 0.61
C ASP A 71 3.17 -10.43 -0.41
N GLY A 72 4.33 -9.74 -0.52
CA GLY A 72 5.35 -10.13 -1.47
C GLY A 72 5.01 -9.56 -2.81
N GLU A 73 3.91 -8.79 -2.90
CA GLU A 73 3.52 -8.21 -4.17
C GLU A 73 4.14 -6.85 -4.26
N THR A 74 4.21 -6.34 -5.50
CA THR A 74 4.77 -5.04 -5.74
C THR A 74 3.61 -4.14 -6.02
N VAL A 75 3.54 -3.00 -5.30
CA VAL A 75 2.44 -2.09 -5.49
C VAL A 75 3.01 -0.71 -5.75
N GLU A 76 2.16 0.16 -6.33
CA GLU A 76 2.58 1.51 -6.66
C GLU A 76 1.85 2.41 -5.71
N PHE A 77 2.59 3.32 -5.02
CA PHE A 77 1.92 4.19 -4.07
C PHE A 77 2.71 5.45 -3.88
N ASP A 78 2.02 6.49 -3.33
CA ASP A 78 2.64 7.76 -3.06
C ASP A 78 3.03 7.73 -1.62
N VAL A 79 4.07 8.49 -1.24
CA VAL A 79 4.50 8.48 0.13
C VAL A 79 4.25 9.87 0.65
N VAL A 80 3.48 9.96 1.75
CA VAL A 80 3.21 11.24 2.33
C VAL A 80 3.63 11.14 3.76
N GLU A 81 3.87 12.30 4.42
CA GLU A 81 4.29 12.26 5.80
C GLU A 81 3.14 11.78 6.63
N GLY A 82 3.45 10.98 7.67
CA GLY A 82 2.42 10.46 8.52
C GLY A 82 2.92 10.45 9.93
N GLU A 83 2.08 9.94 10.85
CA GLU A 83 2.42 9.87 12.25
C GLU A 83 3.58 8.92 12.43
N LYS A 84 3.63 7.84 11.61
CA LYS A 84 4.69 6.86 11.73
C LYS A 84 5.87 7.33 10.94
N GLY A 85 5.83 8.59 10.48
CA GLY A 85 6.92 9.14 9.72
C GLY A 85 6.50 9.18 8.29
N ALA A 86 6.41 7.99 7.66
CA ALA A 86 6.01 7.92 6.28
C ALA A 86 4.78 7.08 6.20
N GLU A 87 3.74 7.61 5.50
CA GLU A 87 2.51 6.90 5.34
C GLU A 87 2.28 6.74 3.87
N ALA A 88 1.88 5.52 3.45
CA ALA A 88 1.62 5.27 2.06
C ALA A 88 0.23 5.76 1.77
N ALA A 89 0.03 6.29 0.54
CA ALA A 89 -1.27 6.79 0.18
C ALA A 89 -1.48 6.48 -1.26
N ASN A 90 -2.77 6.29 -1.66
CA ASN A 90 -3.10 5.99 -3.04
C ASN A 90 -2.39 4.74 -3.45
N VAL A 91 -2.63 3.63 -2.71
CA VAL A 91 -1.97 2.39 -3.02
C VAL A 91 -2.73 1.72 -4.13
N THR A 92 -2.05 1.47 -5.26
CA THR A 92 -2.67 0.83 -6.40
C THR A 92 -1.67 -0.17 -6.91
N GLY A 93 -2.12 -1.09 -7.78
CA GLY A 93 -1.22 -2.06 -8.33
C GLY A 93 -0.51 -1.41 -9.47
N PRO A 94 0.44 -2.12 -10.03
CA PRO A 94 1.21 -1.61 -11.14
C PRO A 94 0.39 -1.47 -12.39
N GLY A 95 0.54 -0.33 -13.09
CA GLY A 95 -0.22 -0.11 -14.29
C GLY A 95 -1.49 0.60 -13.93
N GLY A 96 -1.74 0.78 -12.62
CA GLY A 96 -2.95 1.46 -12.19
C GLY A 96 -4.03 0.45 -11.98
N VAL A 97 -3.68 -0.85 -12.01
CA VAL A 97 -4.65 -1.89 -11.83
C VAL A 97 -4.98 -1.96 -10.36
N PRO A 98 -6.17 -2.44 -10.05
CA PRO A 98 -6.61 -2.56 -8.66
C PRO A 98 -5.88 -3.65 -7.93
N VAL A 99 -5.89 -3.59 -6.58
CA VAL A 99 -5.19 -4.60 -5.80
C VAL A 99 -5.96 -5.88 -5.91
N GLN A 100 -5.23 -6.98 -6.25
CA GLN A 100 -5.88 -8.27 -6.40
C GLN A 100 -6.27 -8.75 -5.04
N GLY A 101 -5.38 -8.54 -4.04
CA GLY A 101 -5.67 -8.98 -2.70
C GLY A 101 -4.55 -9.86 -2.27
N SER A 102 -4.76 -10.61 -1.16
CA SER A 102 -3.74 -11.49 -0.66
C SER A 102 -4.29 -12.89 -0.72
N LYS A 103 -3.65 -13.83 0.01
CA LYS A 103 -4.09 -15.20 0.01
C LYS A 103 -5.49 -15.25 0.59
N TYR A 104 -5.71 -14.48 1.67
CA TYR A 104 -7.01 -14.45 2.29
C TYR A 104 -7.29 -13.02 2.63
N ALA A 105 -8.52 -12.56 2.33
CA ALA A 105 -8.88 -11.20 2.61
C ALA A 105 -10.32 -11.20 3.02
N ALA A 106 -10.73 -10.17 3.81
CA ALA A 106 -12.10 -10.08 4.25
C ALA A 106 -12.39 -11.28 5.17
N ASP A 17 -1.71 21.99 4.43
CA ASP A 17 -0.25 22.02 4.11
C ASP A 17 0.35 20.66 4.30
N LYS A 18 0.02 19.72 3.38
CA LYS A 18 0.55 18.40 3.46
C LYS A 18 1.86 18.37 2.74
N LYS A 19 2.73 17.42 3.14
CA LYS A 19 4.02 17.31 2.52
C LYS A 19 4.10 15.95 1.89
N VAL A 20 4.68 15.91 0.68
CA VAL A 20 4.85 14.68 -0.03
C VAL A 20 6.30 14.37 0.08
N ILE A 21 6.62 13.22 0.70
CA ILE A 21 7.99 12.86 0.88
C ILE A 21 8.44 12.13 -0.33
N ALA A 22 7.55 11.32 -0.91
CA ALA A 22 7.92 10.58 -2.09
C ALA A 22 6.72 10.49 -2.96
N THR A 23 6.96 10.43 -4.29
CA THR A 23 5.87 10.36 -5.22
C THR A 23 5.63 8.92 -5.51
N LYS A 24 4.72 8.66 -6.46
CA LYS A 24 4.36 7.32 -6.86
C LYS A 24 5.61 6.50 -7.07
N VAL A 25 5.87 5.60 -6.10
CA VAL A 25 7.00 4.71 -6.18
C VAL A 25 6.47 3.33 -6.06
N LEU A 26 7.30 2.34 -6.41
CA LEU A 26 6.88 0.97 -6.31
C LEU A 26 7.46 0.44 -5.04
N GLY A 27 6.70 -0.42 -4.34
CA GLY A 27 7.18 -0.97 -3.12
C GLY A 27 6.65 -2.35 -3.00
N THR A 28 7.37 -3.19 -2.23
CA THR A 28 6.96 -4.56 -2.04
C THR A 28 6.37 -4.67 -0.66
N VAL A 29 5.15 -5.25 -0.57
CA VAL A 29 4.50 -5.40 0.71
C VAL A 29 5.14 -6.58 1.38
N LYS A 30 6.02 -6.30 2.37
CA LYS A 30 6.68 -7.36 3.07
C LYS A 30 5.68 -8.03 3.97
N TRP A 31 4.87 -7.22 4.69
CA TRP A 31 3.90 -7.81 5.60
C TRP A 31 2.68 -6.93 5.63
N PHE A 32 1.50 -7.56 5.74
CA PHE A 32 0.28 -6.82 5.84
C PHE A 32 -0.64 -7.67 6.66
N ASN A 33 -1.10 -7.13 7.81
CA ASN A 33 -1.97 -7.90 8.66
C ASN A 33 -3.38 -7.52 8.32
N VAL A 34 -4.16 -8.50 7.83
CA VAL A 34 -5.54 -8.25 7.45
C VAL A 34 -6.33 -7.87 8.68
N ARG A 35 -6.03 -8.53 9.82
CA ARG A 35 -6.76 -8.29 11.05
C ARG A 35 -6.62 -6.85 11.48
N ASN A 36 -5.40 -6.28 11.41
CA ASN A 36 -5.22 -4.91 11.85
C ASN A 36 -5.55 -3.98 10.72
N GLY A 37 -5.35 -4.45 9.47
CA GLY A 37 -5.64 -3.60 8.34
C GLY A 37 -4.46 -2.70 8.11
N TYR A 38 -3.30 -3.05 8.72
CA TYR A 38 -2.13 -2.24 8.57
C TYR A 38 -1.02 -3.16 8.16
N GLY A 39 0.02 -2.60 7.52
CA GLY A 39 1.12 -3.43 7.10
C GLY A 39 2.29 -2.55 6.84
N PHE A 40 3.40 -3.17 6.38
CA PHE A 40 4.59 -2.41 6.10
C PHE A 40 4.96 -2.68 4.67
N ILE A 41 5.29 -1.61 3.93
CA ILE A 41 5.66 -1.74 2.55
C ILE A 41 7.04 -1.18 2.42
N ASN A 42 7.96 -1.95 1.82
CA ASN A 42 9.31 -1.49 1.66
C ASN A 42 9.43 -0.97 0.26
N ARG A 43 9.94 0.27 0.10
CA ARG A 43 10.11 0.85 -1.21
C ARG A 43 11.19 0.05 -1.87
N ASN A 44 10.98 -0.35 -3.14
CA ASN A 44 11.99 -1.13 -3.82
C ASN A 44 12.97 -0.20 -4.47
N ASP A 45 12.77 1.13 -4.31
CA ASP A 45 13.68 2.08 -4.92
C ASP A 45 14.60 2.64 -3.89
N THR A 46 14.11 2.91 -2.66
CA THR A 46 14.94 3.50 -1.64
C THR A 46 15.21 2.50 -0.55
N LYS A 47 14.42 1.40 -0.50
CA LYS A 47 14.59 0.36 0.51
C LYS A 47 14.19 0.92 1.85
N GLU A 48 13.32 1.93 1.81
CA GLU A 48 12.83 2.54 3.03
C GLU A 48 11.50 1.92 3.35
N ASP A 49 11.19 1.82 4.65
CA ASP A 49 9.94 1.22 5.07
C ASP A 49 8.90 2.31 5.11
N VAL A 50 7.66 1.97 4.67
CA VAL A 50 6.58 2.92 4.69
C VAL A 50 5.43 2.22 5.34
N PHE A 51 4.64 2.97 6.13
CA PHE A 51 3.52 2.38 6.82
C PHE A 51 2.32 2.53 5.92
N VAL A 52 1.51 1.46 5.77
CA VAL A 52 0.36 1.52 4.90
C VAL A 52 -0.86 1.20 5.69
N HIS A 53 -1.99 1.80 5.27
CA HIS A 53 -3.25 1.61 5.93
C HIS A 53 -4.19 1.04 4.91
N GLN A 54 -5.26 0.37 5.39
CA GLN A 54 -6.24 -0.20 4.50
C GLN A 54 -7.03 0.90 3.85
N THR A 55 -6.97 2.12 4.43
CA THR A 55 -7.70 3.23 3.87
C THR A 55 -6.82 3.93 2.90
N ALA A 56 -5.61 3.40 2.71
CA ALA A 56 -4.67 4.01 1.79
C ALA A 56 -4.86 3.35 0.46
N ILE A 57 -5.67 2.26 0.42
CA ILE A 57 -5.91 1.56 -0.81
C ILE A 57 -6.98 2.32 -1.53
N LYS A 58 -6.62 2.90 -2.69
CA LYS A 58 -7.58 3.70 -3.43
C LYS A 58 -8.44 2.82 -4.29
N LYS A 59 -7.85 1.80 -4.96
CA LYS A 59 -8.63 0.96 -5.83
C LYS A 59 -8.63 -0.45 -5.29
N ASN A 60 -9.81 -1.09 -5.38
CA ASN A 60 -9.95 -2.45 -4.91
C ASN A 60 -10.33 -3.28 -6.09
N ASN A 61 -10.01 -4.60 -6.04
CA ASN A 61 -10.34 -5.49 -7.13
C ASN A 61 -11.85 -5.66 -7.13
N PRO A 62 -12.46 -5.52 -8.29
CA PRO A 62 -13.91 -5.65 -8.41
C PRO A 62 -14.42 -7.06 -8.24
N ARG A 63 -13.59 -8.08 -8.58
CA ARG A 63 -14.01 -9.45 -8.45
C ARG A 63 -14.09 -9.79 -7.00
N LYS A 64 -13.12 -9.30 -6.21
CA LYS A 64 -13.09 -9.57 -4.80
C LYS A 64 -12.81 -8.27 -4.11
N TYR A 65 -13.80 -7.77 -3.34
CA TYR A 65 -13.60 -6.52 -2.65
C TYR A 65 -12.84 -6.84 -1.41
N LEU A 66 -11.58 -6.39 -1.33
CA LEU A 66 -10.78 -6.68 -0.18
C LEU A 66 -10.15 -5.39 0.26
N ARG A 67 -10.00 -5.22 1.59
CA ARG A 67 -9.42 -4.03 2.13
C ARG A 67 -8.00 -4.36 2.50
N SER A 68 -7.51 -5.49 1.98
CA SER A 68 -6.18 -5.95 2.29
C SER A 68 -5.42 -6.01 1.00
N VAL A 69 -4.09 -5.80 1.06
CA VAL A 69 -3.27 -5.83 -0.12
C VAL A 69 -2.66 -7.19 -0.20
N GLY A 70 -1.98 -7.50 -1.33
CA GLY A 70 -1.37 -8.79 -1.50
C GLY A 70 0.00 -8.72 -0.92
N ASP A 71 0.33 -9.68 -0.03
CA ASP A 71 1.64 -9.69 0.58
C ASP A 71 2.59 -10.28 -0.42
N GLY A 72 3.80 -9.69 -0.51
CA GLY A 72 4.80 -10.19 -1.43
C GLY A 72 4.55 -9.59 -2.79
N GLU A 73 3.49 -8.75 -2.92
CA GLU A 73 3.18 -8.17 -4.19
C GLU A 73 3.84 -6.83 -4.25
N THR A 74 3.95 -6.30 -5.49
CA THR A 74 4.56 -5.01 -5.70
C THR A 74 3.43 -4.07 -6.02
N VAL A 75 3.37 -2.94 -5.31
CA VAL A 75 2.30 -1.99 -5.52
C VAL A 75 2.91 -0.64 -5.76
N GLU A 76 2.11 0.27 -6.35
CA GLU A 76 2.57 1.60 -6.65
C GLU A 76 1.87 2.53 -5.71
N PHE A 77 2.62 3.42 -5.02
CA PHE A 77 1.97 4.31 -4.08
C PHE A 77 2.80 5.54 -3.86
N ASP A 78 2.14 6.59 -3.32
CA ASP A 78 2.82 7.84 -3.03
C ASP A 78 3.12 7.82 -1.57
N VAL A 79 4.18 8.53 -1.15
CA VAL A 79 4.53 8.53 0.25
C VAL A 79 4.34 9.93 0.74
N VAL A 80 3.55 10.08 1.82
CA VAL A 80 3.31 11.37 2.38
C VAL A 80 3.73 11.30 3.82
N GLU A 81 3.96 12.47 4.46
CA GLU A 81 4.39 12.47 5.82
C GLU A 81 3.24 11.99 6.67
N GLY A 82 3.55 11.09 7.63
CA GLY A 82 2.54 10.56 8.49
C GLY A 82 2.96 10.80 9.90
N GLU A 83 2.06 10.49 10.86
CA GLU A 83 2.37 10.70 12.26
C GLU A 83 3.42 9.70 12.68
N LYS A 84 3.45 8.53 12.01
CA LYS A 84 4.41 7.52 12.36
C LYS A 84 5.66 7.74 11.56
N GLY A 85 5.68 8.84 10.79
CA GLY A 85 6.84 9.16 9.99
C GLY A 85 6.44 9.21 8.56
N ALA A 86 6.34 8.03 7.92
CA ALA A 86 5.99 7.98 6.53
C ALA A 86 4.74 7.18 6.40
N GLU A 87 3.78 7.69 5.59
CA GLU A 87 2.53 6.99 5.40
C GLU A 87 2.31 6.87 3.92
N ALA A 88 1.90 5.65 3.50
CA ALA A 88 1.65 5.41 2.10
C ALA A 88 0.25 5.86 1.80
N ALA A 89 0.02 6.37 0.57
CA ALA A 89 -1.29 6.82 0.20
C ALA A 89 -1.45 6.57 -1.27
N ASN A 90 -2.72 6.42 -1.74
CA ASN A 90 -2.98 6.17 -3.14
C ASN A 90 -2.29 4.90 -3.53
N VAL A 91 -2.56 3.79 -2.79
CA VAL A 91 -1.93 2.55 -3.09
C VAL A 91 -2.71 1.89 -4.18
N THR A 92 -2.06 1.68 -5.34
CA THR A 92 -2.71 1.05 -6.47
C THR A 92 -1.71 0.11 -7.07
N GLY A 93 -2.15 -0.80 -7.96
CA GLY A 93 -1.24 -1.72 -8.58
C GLY A 93 -0.60 -0.98 -9.72
N PRO A 94 0.46 -1.56 -10.24
CA PRO A 94 1.18 -0.96 -11.35
C PRO A 94 0.32 -0.77 -12.57
N GLY A 95 0.42 0.41 -13.21
CA GLY A 95 -0.37 0.68 -14.39
C GLY A 95 -1.66 1.34 -13.96
N GLY A 96 -1.90 1.42 -12.64
CA GLY A 96 -3.12 2.04 -12.17
C GLY A 96 -4.18 0.99 -12.02
N VAL A 97 -3.79 -0.30 -12.16
CA VAL A 97 -4.73 -1.37 -12.04
C VAL A 97 -5.01 -1.56 -10.57
N PRO A 98 -6.15 -2.14 -10.24
CA PRO A 98 -6.51 -2.39 -8.86
C PRO A 98 -5.63 -3.41 -8.22
N VAL A 99 -5.50 -3.36 -6.88
CA VAL A 99 -4.65 -4.30 -6.19
C VAL A 99 -5.31 -5.65 -6.22
N GLN A 100 -4.49 -6.72 -6.32
CA GLN A 100 -5.01 -8.06 -6.36
C GLN A 100 -5.62 -8.36 -5.02
N GLY A 101 -4.94 -7.90 -3.95
CA GLY A 101 -5.42 -8.12 -2.61
C GLY A 101 -4.84 -9.41 -2.13
N SER A 102 -5.27 -9.85 -0.93
CA SER A 102 -4.78 -11.08 -0.37
C SER A 102 -5.52 -12.21 -1.05
N LYS A 103 -5.13 -13.48 -0.75
CA LYS A 103 -5.79 -14.61 -1.36
C LYS A 103 -7.24 -14.56 -0.97
N TYR A 104 -7.51 -14.30 0.32
CA TYR A 104 -8.86 -14.21 0.78
C TYR A 104 -8.86 -13.24 1.93
N ALA A 105 -9.74 -12.22 1.89
CA ALA A 105 -9.76 -11.25 2.95
C ALA A 105 -11.17 -10.78 3.11
N ALA A 106 -12.09 -11.68 3.51
CA ALA A 106 -13.46 -11.29 3.68
C ALA A 106 -14.09 -12.23 4.72
N ASP A 17 -0.65 20.16 7.79
CA ASP A 17 0.47 20.47 6.87
C ASP A 17 1.02 19.21 6.26
N LYS A 18 0.27 18.62 5.31
CA LYS A 18 0.69 17.41 4.66
C LYS A 18 1.85 17.75 3.76
N LYS A 19 2.86 16.86 3.74
CA LYS A 19 4.01 17.05 2.90
C LYS A 19 4.23 15.79 2.15
N VAL A 20 4.51 15.90 0.84
CA VAL A 20 4.76 14.73 0.04
C VAL A 20 6.23 14.49 0.15
N ILE A 21 6.60 13.25 0.52
CA ILE A 21 7.97 12.94 0.68
C ILE A 21 8.42 12.22 -0.55
N ALA A 22 7.53 11.40 -1.12
CA ALA A 22 7.90 10.69 -2.30
C ALA A 22 6.69 10.57 -3.17
N THR A 23 6.90 10.52 -4.49
CA THR A 23 5.81 10.42 -5.41
C THR A 23 5.61 8.98 -5.70
N LYS A 24 4.70 8.70 -6.66
CA LYS A 24 4.38 7.34 -7.08
C LYS A 24 5.65 6.54 -7.24
N VAL A 25 5.89 5.65 -6.27
CA VAL A 25 7.05 4.79 -6.29
C VAL A 25 6.53 3.39 -6.21
N LEU A 26 7.37 2.41 -6.60
CA LEU A 26 6.96 1.05 -6.55
C LEU A 26 7.57 0.46 -5.32
N GLY A 27 6.79 -0.38 -4.60
CA GLY A 27 7.30 -0.99 -3.41
C GLY A 27 6.74 -2.36 -3.31
N THR A 28 7.40 -3.19 -2.51
CA THR A 28 6.98 -4.56 -2.33
C THR A 28 6.38 -4.66 -0.94
N VAL A 29 5.17 -5.26 -0.85
CA VAL A 29 4.51 -5.38 0.43
C VAL A 29 5.29 -6.36 1.26
N LYS A 30 5.84 -5.86 2.39
CA LYS A 30 6.60 -6.71 3.27
C LYS A 30 5.62 -7.61 3.96
N TRP A 31 4.50 -7.02 4.40
CA TRP A 31 3.48 -7.79 5.08
C TRP A 31 2.30 -6.90 5.31
N PHE A 32 1.11 -7.52 5.45
CA PHE A 32 -0.09 -6.77 5.69
C PHE A 32 -0.96 -7.66 6.51
N ASN A 33 -1.36 -7.19 7.71
CA ASN A 33 -2.19 -8.00 8.56
C ASN A 33 -3.59 -7.47 8.49
N VAL A 34 -4.54 -8.34 8.10
CA VAL A 34 -5.91 -7.96 7.98
C VAL A 34 -6.44 -7.63 9.36
N ARG A 35 -6.05 -8.44 10.37
CA ARG A 35 -6.51 -8.25 11.72
C ARG A 35 -6.05 -6.91 12.25
N ASN A 36 -4.78 -6.52 11.94
CA ASN A 36 -4.28 -5.26 12.44
C ASN A 36 -4.94 -4.15 11.69
N GLY A 37 -5.30 -4.41 10.42
CA GLY A 37 -5.93 -3.39 9.63
C GLY A 37 -4.88 -2.51 9.05
N TYR A 38 -3.61 -2.97 9.08
CA TYR A 38 -2.55 -2.16 8.54
C TYR A 38 -1.41 -3.07 8.21
N GLY A 39 -0.44 -2.55 7.43
CA GLY A 39 0.69 -3.35 7.05
C GLY A 39 1.80 -2.42 6.72
N PHE A 40 2.89 -2.98 6.17
CA PHE A 40 4.03 -2.17 5.83
C PHE A 40 4.45 -2.56 4.45
N ILE A 41 4.78 -1.54 3.63
CA ILE A 41 5.23 -1.78 2.29
C ILE A 41 6.55 -1.11 2.18
N ASN A 42 7.58 -1.86 1.73
CA ASN A 42 8.90 -1.30 1.63
C ASN A 42 9.08 -0.81 0.22
N ARG A 43 9.65 0.40 0.08
CA ARG A 43 9.87 0.96 -1.22
C ARG A 43 10.94 0.14 -1.87
N ASN A 44 10.76 -0.20 -3.15
CA ASN A 44 11.75 -1.01 -3.83
C ASN A 44 12.80 -0.08 -4.38
N ASP A 45 12.64 1.24 -4.19
CA ASP A 45 13.62 2.18 -4.71
C ASP A 45 14.56 2.60 -3.61
N THR A 46 14.06 2.74 -2.36
CA THR A 46 14.92 3.18 -1.29
C THR A 46 15.08 2.09 -0.26
N LYS A 47 14.24 1.02 -0.34
CA LYS A 47 14.32 -0.07 0.62
C LYS A 47 13.90 0.43 1.97
N GLU A 48 13.14 1.53 1.98
CA GLU A 48 12.68 2.10 3.22
C GLU A 48 11.27 1.62 3.43
N ASP A 49 10.94 1.29 4.71
CA ASP A 49 9.62 0.82 5.03
C ASP A 49 8.70 2.00 5.12
N VAL A 50 7.42 1.78 4.72
CA VAL A 50 6.44 2.84 4.77
C VAL A 50 5.22 2.26 5.43
N PHE A 51 4.54 3.06 6.26
CA PHE A 51 3.37 2.60 6.96
C PHE A 51 2.21 2.65 5.99
N VAL A 52 1.43 1.54 5.92
CA VAL A 52 0.32 1.50 5.01
C VAL A 52 -0.89 1.14 5.80
N HIS A 53 -2.02 1.79 5.46
CA HIS A 53 -3.25 1.56 6.15
C HIS A 53 -4.26 1.17 5.11
N GLN A 54 -5.41 0.63 5.55
CA GLN A 54 -6.44 0.20 4.62
C GLN A 54 -6.93 1.39 3.84
N THR A 55 -7.04 2.55 4.51
CA THR A 55 -7.54 3.74 3.84
C THR A 55 -6.52 4.27 2.86
N ALA A 56 -5.37 3.59 2.72
CA ALA A 56 -4.36 4.06 1.80
C ALA A 56 -4.60 3.37 0.49
N ILE A 57 -5.47 2.34 0.49
CA ILE A 57 -5.75 1.61 -0.72
C ILE A 57 -6.80 2.39 -1.46
N LYS A 58 -6.44 2.89 -2.66
CA LYS A 58 -7.36 3.68 -3.43
C LYS A 58 -8.22 2.80 -4.29
N LYS A 59 -7.63 1.77 -4.94
CA LYS A 59 -8.41 0.92 -5.81
C LYS A 59 -8.40 -0.47 -5.25
N ASN A 60 -9.57 -1.15 -5.38
CA ASN A 60 -9.71 -2.49 -4.89
C ASN A 60 -10.02 -3.36 -6.07
N ASN A 61 -9.78 -4.68 -5.93
CA ASN A 61 -10.04 -5.61 -7.01
C ASN A 61 -11.53 -5.64 -7.24
N PRO A 62 -11.95 -5.56 -8.48
CA PRO A 62 -13.37 -5.58 -8.83
C PRO A 62 -14.04 -6.91 -8.64
N ARG A 63 -13.26 -8.02 -8.68
CA ARG A 63 -13.84 -9.34 -8.52
C ARG A 63 -14.36 -9.47 -7.12
N LYS A 64 -13.62 -8.94 -6.14
CA LYS A 64 -14.04 -9.01 -4.76
C LYS A 64 -13.44 -7.84 -4.07
N TYR A 65 -14.21 -7.20 -3.18
CA TYR A 65 -13.70 -6.03 -2.49
C TYR A 65 -13.01 -6.48 -1.25
N LEU A 66 -11.68 -6.22 -1.20
CA LEU A 66 -10.91 -6.56 -0.04
C LEU A 66 -10.16 -5.32 0.36
N ARG A 67 -9.96 -5.14 1.68
CA ARG A 67 -9.26 -3.97 2.16
C ARG A 67 -7.85 -4.38 2.47
N SER A 68 -7.45 -5.55 1.96
CA SER A 68 -6.12 -6.06 2.22
C SER A 68 -5.40 -6.11 0.91
N VAL A 69 -4.08 -5.86 0.95
CA VAL A 69 -3.28 -5.89 -0.25
C VAL A 69 -2.65 -7.25 -0.31
N GLY A 70 -2.00 -7.55 -1.45
CA GLY A 70 -1.39 -8.85 -1.62
C GLY A 70 -0.07 -8.85 -0.92
N ASP A 71 0.24 -9.98 -0.25
CA ASP A 71 1.48 -10.12 0.46
C ASP A 71 2.56 -10.41 -0.55
N GLY A 72 3.58 -9.53 -0.63
CA GLY A 72 4.66 -9.72 -1.57
C GLY A 72 4.27 -9.14 -2.89
N GLU A 73 3.11 -8.45 -2.95
CA GLU A 73 2.66 -7.87 -4.17
C GLU A 73 3.37 -6.56 -4.36
N THR A 74 3.75 -6.27 -5.62
CA THR A 74 4.41 -5.03 -5.92
C THR A 74 3.32 -4.03 -6.18
N VAL A 75 3.36 -2.88 -5.49
CA VAL A 75 2.32 -1.89 -5.68
C VAL A 75 2.96 -0.56 -5.94
N GLU A 76 2.15 0.36 -6.51
CA GLU A 76 2.61 1.69 -6.83
C GLU A 76 1.92 2.61 -5.87
N PHE A 77 2.67 3.49 -5.16
CA PHE A 77 2.02 4.35 -4.21
C PHE A 77 2.82 5.60 -3.99
N ASP A 78 2.14 6.64 -3.43
CA ASP A 78 2.78 7.91 -3.12
C ASP A 78 3.17 7.83 -1.68
N VAL A 79 4.18 8.60 -1.28
CA VAL A 79 4.60 8.57 0.10
C VAL A 79 4.39 9.95 0.63
N VAL A 80 3.65 10.07 1.74
CA VAL A 80 3.40 11.36 2.32
C VAL A 80 3.80 11.27 3.76
N GLU A 81 4.10 12.44 4.40
CA GLU A 81 4.49 12.42 5.78
C GLU A 81 3.26 12.12 6.60
N GLY A 82 3.43 11.23 7.61
CA GLY A 82 2.32 10.85 8.43
C GLY A 82 2.78 10.82 9.85
N GLU A 83 1.90 10.32 10.75
CA GLU A 83 2.21 10.25 12.16
C GLU A 83 3.34 9.28 12.37
N LYS A 84 3.40 8.19 11.56
CA LYS A 84 4.44 7.20 11.72
C LYS A 84 5.66 7.64 10.97
N GLY A 85 5.66 8.91 10.51
CA GLY A 85 6.79 9.44 9.79
C GLY A 85 6.45 9.40 8.34
N ALA A 86 6.38 8.19 7.77
CA ALA A 86 6.07 8.06 6.38
C ALA A 86 4.84 7.22 6.27
N GLU A 87 3.85 7.71 5.48
CA GLU A 87 2.62 6.98 5.31
C GLU A 87 2.39 6.86 3.83
N ALA A 88 1.98 5.65 3.39
CA ALA A 88 1.73 5.43 1.99
C ALA A 88 0.33 5.91 1.70
N ALA A 89 0.11 6.40 0.46
CA ALA A 89 -1.20 6.89 0.11
C ALA A 89 -1.41 6.59 -1.35
N ASN A 90 -2.70 6.40 -1.73
CA ASN A 90 -3.05 6.11 -3.11
C ASN A 90 -2.32 4.87 -3.54
N VAL A 91 -2.47 3.77 -2.77
CA VAL A 91 -1.81 2.55 -3.11
C VAL A 91 -2.62 1.87 -4.18
N THR A 92 -1.98 1.66 -5.35
CA THR A 92 -2.64 1.02 -6.46
C THR A 92 -1.66 0.06 -7.05
N GLY A 93 -2.12 -0.80 -7.99
CA GLY A 93 -1.22 -1.74 -8.61
C GLY A 93 -0.48 -0.99 -9.69
N PRO A 94 0.43 -1.69 -10.32
CA PRO A 94 1.22 -1.10 -11.37
C PRO A 94 0.40 -0.79 -12.60
N GLY A 95 0.61 0.40 -13.19
CA GLY A 95 -0.13 0.78 -14.36
C GLY A 95 -1.45 1.39 -13.91
N GLY A 96 -1.66 1.47 -12.58
CA GLY A 96 -2.88 2.04 -12.06
C GLY A 96 -3.95 1.00 -12.06
N VAL A 97 -3.56 -0.29 -12.22
CA VAL A 97 -4.53 -1.36 -12.22
C VAL A 97 -4.88 -1.67 -10.79
N PRO A 98 -6.03 -2.26 -10.58
CA PRO A 98 -6.47 -2.64 -9.24
C PRO A 98 -5.53 -3.60 -8.57
N VAL A 99 -5.44 -3.54 -7.23
CA VAL A 99 -4.55 -4.41 -6.52
C VAL A 99 -5.13 -5.80 -6.53
N GLN A 100 -4.24 -6.82 -6.57
CA GLN A 100 -4.69 -8.19 -6.56
C GLN A 100 -5.38 -8.46 -5.25
N GLY A 101 -4.77 -7.96 -4.15
CA GLY A 101 -5.35 -8.16 -2.85
C GLY A 101 -4.87 -9.47 -2.31
N SER A 102 -5.31 -9.81 -1.08
CA SER A 102 -4.92 -11.06 -0.48
C SER A 102 -5.80 -12.12 -1.07
N LYS A 103 -5.38 -13.40 -0.97
CA LYS A 103 -6.17 -14.48 -1.51
C LYS A 103 -7.50 -14.51 -0.81
N TYR A 104 -7.54 -14.03 0.46
CA TYR A 104 -8.77 -14.00 1.18
C TYR A 104 -8.61 -12.96 2.24
N ALA A 105 -9.58 -12.02 2.34
CA ALA A 105 -9.50 -10.98 3.34
C ALA A 105 -10.88 -10.64 3.78
N ALA A 106 -11.58 -11.59 4.42
CA ALA A 106 -12.91 -11.33 4.87
C ALA A 106 -13.23 -12.30 6.03
N ASP A 17 -3.86 18.04 1.98
CA ASP A 17 -2.75 18.97 1.64
C ASP A 17 -1.59 18.78 2.57
N LYS A 18 -1.04 17.55 2.61
CA LYS A 18 0.08 17.26 3.47
C LYS A 18 1.32 17.26 2.61
N LYS A 19 2.49 17.17 3.28
CA LYS A 19 3.73 17.15 2.56
C LYS A 19 3.90 15.82 1.90
N VAL A 20 4.41 15.85 0.66
CA VAL A 20 4.63 14.63 -0.07
C VAL A 20 6.11 14.41 -0.01
N ILE A 21 6.51 13.25 0.57
CA ILE A 21 7.90 12.97 0.71
C ILE A 21 8.35 12.27 -0.52
N ALA A 22 7.47 11.42 -1.09
CA ALA A 22 7.85 10.72 -2.29
C ALA A 22 6.63 10.60 -3.14
N THR A 23 6.84 10.54 -4.46
CA THR A 23 5.74 10.44 -5.37
C THR A 23 5.53 8.99 -5.66
N LYS A 24 4.62 8.70 -6.61
CA LYS A 24 4.30 7.35 -7.01
C LYS A 24 5.58 6.58 -7.24
N VAL A 25 5.91 5.71 -6.26
CA VAL A 25 7.09 4.89 -6.34
C VAL A 25 6.64 3.47 -6.21
N LEU A 26 7.53 2.53 -6.59
CA LEU A 26 7.18 1.14 -6.50
C LEU A 26 7.78 0.60 -5.23
N GLY A 27 7.03 -0.29 -4.55
CA GLY A 27 7.52 -0.86 -3.34
C GLY A 27 7.02 -2.25 -3.26
N THR A 28 7.67 -3.07 -2.40
CA THR A 28 7.29 -4.45 -2.25
C THR A 28 6.62 -4.58 -0.91
N VAL A 29 5.41 -5.19 -0.90
CA VAL A 29 4.69 -5.35 0.34
C VAL A 29 5.35 -6.44 1.12
N LYS A 30 5.90 -6.08 2.31
CA LYS A 30 6.55 -7.05 3.14
C LYS A 30 5.49 -7.97 3.67
N TRP A 31 4.37 -7.35 4.12
CA TRP A 31 3.29 -8.14 4.65
C TRP A 31 2.17 -7.22 5.03
N PHE A 32 0.95 -7.79 5.10
CA PHE A 32 -0.20 -7.03 5.48
C PHE A 32 -1.03 -7.96 6.31
N ASN A 33 -1.33 -7.57 7.56
CA ASN A 33 -2.09 -8.44 8.41
C ASN A 33 -3.49 -7.90 8.48
N VAL A 34 -4.46 -8.73 8.06
CA VAL A 34 -5.85 -8.34 8.07
C VAL A 34 -6.28 -8.08 9.48
N ARG A 35 -5.80 -8.94 10.43
CA ARG A 35 -6.18 -8.79 11.83
C ARG A 35 -5.67 -7.48 12.36
N ASN A 36 -4.45 -7.05 11.98
CA ASN A 36 -3.93 -5.81 12.49
C ASN A 36 -4.66 -4.69 11.81
N GLY A 37 -5.08 -4.93 10.55
CA GLY A 37 -5.79 -3.92 9.81
C GLY A 37 -4.79 -3.02 9.16
N TYR A 38 -3.50 -3.44 9.15
CA TYR A 38 -2.50 -2.60 8.54
C TYR A 38 -1.34 -3.47 8.15
N GLY A 39 -0.46 -2.92 7.31
CA GLY A 39 0.68 -3.68 6.87
C GLY A 39 1.78 -2.71 6.61
N PHE A 40 2.90 -3.23 6.09
CA PHE A 40 4.05 -2.40 5.81
C PHE A 40 4.51 -2.73 4.44
N ILE A 41 4.91 -1.67 3.69
CA ILE A 41 5.38 -1.85 2.35
C ILE A 41 6.75 -1.24 2.30
N ASN A 42 7.74 -2.03 1.82
CA ASN A 42 9.09 -1.55 1.75
C ASN A 42 9.26 -0.87 0.43
N ARG A 43 9.72 0.40 0.48
CA ARG A 43 9.94 1.15 -0.71
C ARG A 43 11.10 0.53 -1.43
N ASN A 44 10.93 0.20 -2.72
CA ASN A 44 12.00 -0.43 -3.45
C ASN A 44 12.94 0.63 -3.98
N ASP A 45 12.72 1.91 -3.62
CA ASP A 45 13.58 2.96 -4.13
C ASP A 45 14.53 3.40 -3.04
N THR A 46 14.00 3.70 -1.83
CA THR A 46 14.87 4.17 -0.76
C THR A 46 15.11 3.05 0.20
N LYS A 47 14.35 1.93 0.05
CA LYS A 47 14.51 0.77 0.92
C LYS A 47 14.04 1.13 2.30
N GLU A 48 13.11 2.09 2.36
CA GLU A 48 12.58 2.50 3.64
C GLU A 48 11.19 1.95 3.76
N ASP A 49 10.83 1.49 4.98
CA ASP A 49 9.52 0.93 5.21
C ASP A 49 8.54 2.07 5.27
N VAL A 50 7.32 1.82 4.77
CA VAL A 50 6.30 2.84 4.78
C VAL A 50 5.09 2.21 5.43
N PHE A 51 4.37 3.01 6.25
CA PHE A 51 3.21 2.49 6.93
C PHE A 51 2.06 2.58 5.97
N VAL A 52 1.23 1.51 5.90
CA VAL A 52 0.12 1.52 4.97
C VAL A 52 -1.14 1.31 5.74
N HIS A 53 -2.18 2.07 5.35
CA HIS A 53 -3.46 2.01 5.99
C HIS A 53 -4.44 1.49 4.98
N GLN A 54 -5.66 1.13 5.44
CA GLN A 54 -6.67 0.62 4.54
C GLN A 54 -7.17 1.75 3.68
N THR A 55 -7.01 2.99 4.16
CA THR A 55 -7.47 4.13 3.42
C THR A 55 -6.43 4.55 2.44
N ALA A 56 -5.31 3.81 2.40
CA ALA A 56 -4.24 4.15 1.49
C ALA A 56 -4.50 3.41 0.21
N ILE A 57 -5.42 2.42 0.25
CA ILE A 57 -5.72 1.65 -0.92
C ILE A 57 -6.73 2.44 -1.72
N LYS A 58 -6.33 2.81 -2.96
CA LYS A 58 -7.20 3.61 -3.79
C LYS A 58 -8.05 2.72 -4.67
N LYS A 59 -7.45 1.65 -5.24
CA LYS A 59 -8.21 0.81 -6.14
C LYS A 59 -8.42 -0.52 -5.49
N ASN A 60 -9.64 -1.09 -5.70
CA ASN A 60 -9.99 -2.36 -5.15
C ASN A 60 -10.62 -3.14 -6.26
N ASN A 61 -10.62 -4.49 -6.15
CA ASN A 61 -11.22 -5.31 -7.19
C ASN A 61 -12.71 -5.16 -7.11
N PRO A 62 -13.35 -5.11 -8.25
CA PRO A 62 -14.80 -4.98 -8.32
C PRO A 62 -15.54 -6.22 -7.90
N ARG A 63 -14.87 -7.39 -8.05
CA ARG A 63 -15.48 -8.66 -7.69
C ARG A 63 -15.70 -8.68 -6.21
N LYS A 64 -14.71 -8.17 -5.44
CA LYS A 64 -14.82 -8.14 -4.01
C LYS A 64 -13.87 -7.08 -3.54
N TYR A 65 -14.32 -6.25 -2.58
CA TYR A 65 -13.48 -5.21 -2.07
C TYR A 65 -12.73 -5.74 -0.89
N LEU A 66 -11.39 -5.69 -0.95
CA LEU A 66 -10.58 -6.13 0.15
C LEU A 66 -9.75 -4.98 0.59
N ARG A 67 -9.55 -4.86 1.91
CA ARG A 67 -8.78 -3.77 2.45
C ARG A 67 -7.40 -4.27 2.72
N SER A 68 -7.06 -5.44 2.13
CA SER A 68 -5.77 -6.03 2.34
C SER A 68 -5.10 -6.14 1.01
N VAL A 69 -3.78 -5.86 0.98
CA VAL A 69 -3.03 -5.96 -0.24
C VAL A 69 -2.35 -7.30 -0.22
N GLY A 70 -1.83 -7.74 -1.39
CA GLY A 70 -1.18 -9.03 -1.45
C GLY A 70 0.23 -8.87 -0.97
N ASP A 71 0.68 -9.82 -0.14
CA ASP A 71 2.03 -9.76 0.37
C ASP A 71 2.97 -10.26 -0.70
N GLY A 72 4.16 -9.64 -0.79
CA GLY A 72 5.14 -10.06 -1.76
C GLY A 72 4.83 -9.45 -3.10
N GLU A 73 3.77 -8.62 -3.17
CA GLU A 73 3.41 -8.01 -4.42
C GLU A 73 4.09 -6.68 -4.52
N THR A 74 4.35 -6.26 -5.78
CA THR A 74 4.96 -4.98 -6.02
C THR A 74 3.82 -4.05 -6.33
N VAL A 75 3.74 -2.93 -5.60
CA VAL A 75 2.65 -2.01 -5.82
C VAL A 75 3.24 -0.63 -6.00
N GLU A 76 2.43 0.27 -6.59
CA GLU A 76 2.87 1.62 -6.86
C GLU A 76 2.11 2.51 -5.92
N PHE A 77 2.82 3.41 -5.21
CA PHE A 77 2.13 4.26 -4.26
C PHE A 77 2.92 5.52 -4.01
N ASP A 78 2.22 6.55 -3.47
CA ASP A 78 2.85 7.82 -3.15
C ASP A 78 3.20 7.75 -1.70
N VAL A 79 4.22 8.52 -1.28
CA VAL A 79 4.60 8.51 0.10
C VAL A 79 4.39 9.90 0.61
N VAL A 80 3.61 10.03 1.70
CA VAL A 80 3.36 11.31 2.29
C VAL A 80 3.74 11.19 3.73
N GLU A 81 4.02 12.33 4.40
CA GLU A 81 4.40 12.27 5.78
C GLU A 81 3.19 11.87 6.57
N GLY A 82 3.41 11.05 7.62
CA GLY A 82 2.31 10.61 8.44
C GLY A 82 2.77 10.63 9.87
N GLU A 83 1.86 10.21 10.78
CA GLU A 83 2.18 10.19 12.20
C GLU A 83 3.21 9.13 12.45
N LYS A 84 3.26 8.10 11.59
CA LYS A 84 4.21 7.03 11.77
C LYS A 84 5.48 7.39 11.04
N GLY A 85 5.55 8.64 10.56
CA GLY A 85 6.72 9.10 9.86
C GLY A 85 6.38 9.14 8.41
N ALA A 86 6.26 7.96 7.79
CA ALA A 86 5.94 7.89 6.39
C ALA A 86 4.67 7.10 6.25
N GLU A 87 3.72 7.66 5.47
CA GLU A 87 2.46 6.99 5.26
C GLU A 87 2.28 6.83 3.79
N ALA A 88 1.86 5.62 3.37
CA ALA A 88 1.66 5.36 1.96
C ALA A 88 0.29 5.86 1.61
N ALA A 89 0.12 6.32 0.35
CA ALA A 89 -1.17 6.80 -0.07
C ALA A 89 -1.32 6.48 -1.53
N ASN A 90 -2.60 6.29 -1.97
CA ASN A 90 -2.89 6.00 -3.36
C ASN A 90 -2.16 4.74 -3.75
N VAL A 91 -2.35 3.65 -2.97
CA VAL A 91 -1.68 2.42 -3.27
C VAL A 91 -2.45 1.73 -4.35
N THR A 92 -1.78 1.50 -5.50
CA THR A 92 -2.41 0.83 -6.61
C THR A 92 -1.41 -0.15 -7.15
N GLY A 93 -1.86 -1.07 -8.02
CA GLY A 93 -0.95 -2.04 -8.58
C GLY A 93 -0.25 -1.35 -9.71
N PRO A 94 0.69 -2.06 -10.28
CA PRO A 94 1.47 -1.51 -11.39
C PRO A 94 0.62 -1.29 -12.60
N GLY A 95 0.76 -0.12 -13.24
CA GLY A 95 -0.02 0.18 -14.41
C GLY A 95 -1.28 0.87 -13.97
N GLY A 96 -1.51 0.96 -12.63
CA GLY A 96 -2.69 1.61 -12.12
C GLY A 96 -3.79 0.59 -12.01
N VAL A 97 -3.45 -0.70 -12.16
CA VAL A 97 -4.44 -1.74 -12.08
C VAL A 97 -4.77 -1.96 -10.62
N PRO A 98 -5.96 -2.46 -10.36
CA PRO A 98 -6.41 -2.75 -9.00
C PRO A 98 -5.54 -3.74 -8.29
N VAL A 99 -5.45 -3.62 -6.95
CA VAL A 99 -4.61 -4.55 -6.21
C VAL A 99 -5.33 -5.86 -6.15
N GLN A 100 -4.59 -6.97 -6.33
CA GLN A 100 -5.18 -8.29 -6.31
C GLN A 100 -5.62 -8.59 -4.91
N GLY A 101 -4.81 -8.17 -3.92
CA GLY A 101 -5.15 -8.42 -2.54
C GLY A 101 -4.50 -9.71 -2.13
N SER A 102 -4.85 -10.18 -0.92
CA SER A 102 -4.29 -11.43 -0.43
C SER A 102 -5.15 -12.54 -0.98
N LYS A 103 -4.92 -13.79 -0.50
CA LYS A 103 -5.69 -14.92 -0.97
C LYS A 103 -7.12 -14.67 -0.61
N TYR A 104 -7.37 -14.23 0.63
CA TYR A 104 -8.71 -13.97 1.07
C TYR A 104 -8.59 -12.99 2.21
N ALA A 105 -9.47 -11.95 2.22
CA ALA A 105 -9.37 -10.98 3.28
C ALA A 105 -10.76 -10.51 3.61
N ALA A 106 -11.60 -11.42 4.13
CA ALA A 106 -12.94 -11.04 4.49
C ALA A 106 -13.44 -12.03 5.56
N ASP A 17 -4.26 17.45 2.02
CA ASP A 17 -3.28 18.51 1.65
C ASP A 17 -2.09 18.46 2.56
N LYS A 18 -1.43 17.29 2.61
CA LYS A 18 -0.27 17.14 3.46
C LYS A 18 0.95 17.21 2.58
N LYS A 19 2.14 17.24 3.21
CA LYS A 19 3.37 17.31 2.47
C LYS A 19 3.63 15.98 1.83
N VAL A 20 4.10 16.02 0.57
CA VAL A 20 4.42 14.81 -0.13
C VAL A 20 5.90 14.70 -0.07
N ILE A 21 6.39 13.54 0.40
CA ILE A 21 7.79 13.35 0.54
C ILE A 21 8.28 12.65 -0.68
N ALA A 22 7.44 11.75 -1.24
CA ALA A 22 7.86 11.05 -2.41
C ALA A 22 6.66 10.83 -3.26
N THR A 23 6.88 10.72 -4.59
CA THR A 23 5.80 10.53 -5.51
C THR A 23 5.66 9.06 -5.74
N LYS A 24 4.77 8.71 -6.69
CA LYS A 24 4.50 7.33 -7.03
C LYS A 24 5.78 6.55 -7.15
N VAL A 25 6.01 5.68 -6.14
CA VAL A 25 7.17 4.83 -6.12
C VAL A 25 6.64 3.44 -6.07
N LEU A 26 7.48 2.45 -6.43
CA LEU A 26 7.03 1.09 -6.41
C LEU A 26 7.58 0.47 -5.16
N GLY A 27 6.75 -0.36 -4.49
CA GLY A 27 7.20 -0.99 -3.29
C GLY A 27 6.61 -2.35 -3.25
N THR A 28 7.24 -3.23 -2.43
CA THR A 28 6.78 -4.59 -2.30
C THR A 28 6.25 -4.76 -0.92
N VAL A 29 5.03 -5.34 -0.79
CA VAL A 29 4.44 -5.54 0.51
C VAL A 29 5.22 -6.63 1.18
N LYS A 30 5.89 -6.28 2.29
CA LYS A 30 6.68 -7.25 3.00
C LYS A 30 5.78 -7.94 3.97
N TRP A 31 4.94 -7.16 4.69
CA TRP A 31 4.06 -7.77 5.66
C TRP A 31 2.78 -7.00 5.67
N PHE A 32 1.63 -7.71 5.75
CA PHE A 32 0.36 -7.05 5.83
C PHE A 32 -0.52 -7.97 6.62
N ASN A 33 -1.02 -7.49 7.77
CA ASN A 33 -1.86 -8.32 8.60
C ASN A 33 -3.27 -7.83 8.44
N VAL A 34 -4.17 -8.74 8.00
CA VAL A 34 -5.55 -8.39 7.79
C VAL A 34 -6.17 -8.06 9.13
N ARG A 35 -5.81 -8.85 10.17
CA ARG A 35 -6.35 -8.64 11.50
C ARG A 35 -5.98 -7.27 12.01
N ASN A 36 -4.71 -6.84 11.80
CA ASN A 36 -4.30 -5.55 12.29
C ASN A 36 -4.93 -4.49 11.46
N GLY A 37 -5.17 -4.80 10.16
CA GLY A 37 -5.77 -3.84 9.28
C GLY A 37 -4.70 -2.94 8.77
N TYR A 38 -3.43 -3.34 8.93
CA TYR A 38 -2.34 -2.52 8.46
C TYR A 38 -1.15 -3.39 8.26
N GLY A 39 -0.13 -2.86 7.56
CA GLY A 39 1.05 -3.62 7.31
C GLY A 39 2.12 -2.67 6.93
N PHE A 40 3.25 -3.21 6.43
CA PHE A 40 4.35 -2.37 6.05
C PHE A 40 4.71 -2.71 4.63
N ILE A 41 4.97 -1.66 3.82
CA ILE A 41 5.33 -1.86 2.45
C ILE A 41 6.72 -1.33 2.30
N ASN A 42 7.65 -2.16 1.77
CA ASN A 42 9.02 -1.73 1.63
C ASN A 42 9.15 -1.13 0.27
N ARG A 43 9.74 0.07 0.20
CA ARG A 43 9.92 0.76 -1.06
C ARG A 43 11.00 0.03 -1.81
N ASN A 44 10.75 -0.28 -3.09
CA ASN A 44 11.73 -1.00 -3.87
C ASN A 44 12.75 -0.02 -4.39
N ASP A 45 12.49 1.30 -4.23
CA ASP A 45 13.41 2.28 -4.75
C ASP A 45 14.29 2.82 -3.65
N THR A 46 13.77 2.94 -2.41
CA THR A 46 14.55 3.51 -1.34
C THR A 46 14.93 2.43 -0.35
N LYS A 47 14.24 1.27 -0.38
CA LYS A 47 14.54 0.18 0.54
C LYS A 47 14.17 0.62 1.94
N GLU A 48 13.14 1.46 2.01
CA GLU A 48 12.67 1.95 3.30
C GLU A 48 11.26 1.46 3.47
N ASP A 49 10.90 1.10 4.73
CA ASP A 49 9.57 0.61 5.00
C ASP A 49 8.66 1.79 5.17
N VAL A 50 7.41 1.65 4.67
CA VAL A 50 6.43 2.71 4.78
C VAL A 50 5.23 2.13 5.43
N PHE A 51 4.56 2.93 6.27
CA PHE A 51 3.39 2.47 6.99
C PHE A 51 2.18 2.77 6.14
N VAL A 52 1.28 1.77 5.98
CA VAL A 52 0.10 1.98 5.18
C VAL A 52 -1.07 1.60 6.02
N HIS A 53 -2.26 2.05 5.58
CA HIS A 53 -3.47 1.75 6.28
C HIS A 53 -4.44 1.32 5.22
N GLN A 54 -5.61 0.80 5.63
CA GLN A 54 -6.60 0.35 4.68
C GLN A 54 -7.03 1.51 3.85
N THR A 55 -7.11 2.71 4.46
CA THR A 55 -7.54 3.88 3.74
C THR A 55 -6.45 4.36 2.81
N ALA A 56 -5.30 3.66 2.75
CA ALA A 56 -4.26 4.10 1.86
C ALA A 56 -4.47 3.40 0.55
N ILE A 57 -5.37 2.39 0.55
CA ILE A 57 -5.64 1.64 -0.65
C ILE A 57 -6.67 2.43 -1.41
N LYS A 58 -6.30 2.90 -2.62
CA LYS A 58 -7.21 3.70 -3.41
C LYS A 58 -8.07 2.82 -4.27
N LYS A 59 -7.49 1.77 -4.90
CA LYS A 59 -8.27 0.94 -5.77
C LYS A 59 -8.30 -0.47 -5.24
N ASN A 60 -9.46 -1.13 -5.43
CA ASN A 60 -9.63 -2.48 -4.96
C ASN A 60 -10.06 -3.28 -6.17
N ASN A 61 -9.84 -4.61 -6.14
CA ASN A 61 -10.22 -5.45 -7.25
C ASN A 61 -11.73 -5.39 -7.39
N PRO A 62 -12.21 -5.14 -8.58
CA PRO A 62 -13.64 -5.03 -8.84
C PRO A 62 -14.41 -6.32 -8.82
N ARG A 63 -13.72 -7.49 -8.84
CA ARG A 63 -14.42 -8.74 -8.85
C ARG A 63 -14.51 -9.22 -7.45
N LYS A 64 -13.65 -8.65 -6.58
CA LYS A 64 -13.65 -9.04 -5.20
C LYS A 64 -13.04 -7.89 -4.46
N TYR A 65 -13.87 -7.14 -3.70
CA TYR A 65 -13.36 -5.99 -3.00
C TYR A 65 -12.84 -6.42 -1.66
N LEU A 66 -11.51 -6.22 -1.46
CA LEU A 66 -10.89 -6.54 -0.21
C LEU A 66 -10.20 -5.30 0.25
N ARG A 67 -10.13 -5.10 1.59
CA ARG A 67 -9.50 -3.92 2.12
C ARG A 67 -8.10 -4.29 2.51
N SER A 68 -7.61 -5.44 2.01
CA SER A 68 -6.29 -5.89 2.33
C SER A 68 -5.52 -6.01 1.05
N VAL A 69 -4.18 -5.86 1.14
CA VAL A 69 -3.35 -5.96 -0.04
C VAL A 69 -2.78 -7.35 -0.06
N GLY A 70 -2.16 -7.73 -1.19
CA GLY A 70 -1.59 -9.05 -1.32
C GLY A 70 -0.22 -9.02 -0.71
N ASP A 71 0.12 -10.07 0.04
CA ASP A 71 1.41 -10.16 0.65
C ASP A 71 2.39 -10.56 -0.40
N GLY A 72 3.42 -9.72 -0.65
CA GLY A 72 4.42 -10.03 -1.65
C GLY A 72 4.03 -9.39 -2.95
N GLU A 73 2.95 -8.58 -2.95
CA GLU A 73 2.54 -7.93 -4.18
C GLU A 73 3.34 -6.68 -4.34
N THR A 74 3.57 -6.29 -5.61
CA THR A 74 4.30 -5.09 -5.89
C THR A 74 3.26 -4.05 -6.20
N VAL A 75 3.31 -2.92 -5.49
CA VAL A 75 2.31 -1.88 -5.70
C VAL A 75 3.01 -0.57 -5.87
N GLU A 76 2.27 0.42 -6.43
CA GLU A 76 2.82 1.73 -6.64
C GLU A 76 2.10 2.63 -5.69
N PHE A 77 2.81 3.60 -5.07
CA PHE A 77 2.13 4.47 -4.13
C PHE A 77 2.90 5.74 -3.94
N ASP A 78 2.20 6.77 -3.42
CA ASP A 78 2.82 8.06 -3.15
C ASP A 78 3.21 8.01 -1.72
N VAL A 79 4.26 8.78 -1.34
CA VAL A 79 4.70 8.77 0.03
C VAL A 79 4.43 10.15 0.55
N VAL A 80 3.68 10.23 1.68
CA VAL A 80 3.39 11.50 2.27
C VAL A 80 3.83 11.40 3.70
N GLU A 81 4.05 12.55 4.36
CA GLU A 81 4.46 12.50 5.75
C GLU A 81 3.30 12.03 6.57
N GLY A 82 3.59 11.22 7.59
CA GLY A 82 2.53 10.71 8.44
C GLY A 82 3.00 10.72 9.86
N GLU A 83 2.14 10.19 10.76
CA GLU A 83 2.47 10.14 12.16
C GLU A 83 3.64 9.22 12.38
N LYS A 84 3.74 8.14 11.58
CA LYS A 84 4.83 7.21 11.73
C LYS A 84 6.02 7.70 10.96
N GLY A 85 5.95 8.96 10.50
CA GLY A 85 7.04 9.54 9.77
C GLY A 85 6.67 9.53 8.32
N ALA A 86 6.60 8.33 7.73
CA ALA A 86 6.25 8.22 6.34
C ALA A 86 5.03 7.37 6.24
N GLU A 87 4.03 7.84 5.47
CA GLU A 87 2.81 7.10 5.30
C GLU A 87 2.55 7.03 3.83
N ALA A 88 2.13 5.85 3.34
CA ALA A 88 1.86 5.68 1.94
C ALA A 88 0.45 6.11 1.69
N ALA A 89 0.20 6.62 0.46
CA ALA A 89 -1.14 7.06 0.13
C ALA A 89 -1.36 6.74 -1.32
N ASN A 90 -2.65 6.48 -1.67
CA ASN A 90 -3.00 6.16 -3.04
C ASN A 90 -2.25 4.93 -3.47
N VAL A 91 -2.38 3.84 -2.68
CA VAL A 91 -1.70 2.61 -3.01
C VAL A 91 -2.51 1.91 -4.05
N THR A 92 -1.90 1.69 -5.23
CA THR A 92 -2.56 1.01 -6.31
C THR A 92 -1.54 0.10 -6.92
N GLY A 93 -1.97 -0.81 -7.83
CA GLY A 93 -1.01 -1.69 -8.46
C GLY A 93 -0.32 -0.90 -9.53
N PRO A 94 0.63 -1.53 -10.16
CA PRO A 94 1.39 -0.89 -11.21
C PRO A 94 0.56 -0.63 -12.43
N GLY A 95 0.68 0.59 -12.99
CA GLY A 95 -0.07 0.94 -14.17
C GLY A 95 -1.45 1.41 -13.76
N GLY A 96 -1.71 1.47 -12.43
CA GLY A 96 -3.00 1.92 -11.96
C GLY A 96 -3.93 0.75 -11.89
N VAL A 97 -3.39 -0.46 -12.10
CA VAL A 97 -4.21 -1.66 -12.05
C VAL A 97 -4.57 -1.91 -10.60
N PRO A 98 -5.83 -2.17 -10.32
CA PRO A 98 -6.28 -2.44 -8.96
C PRO A 98 -5.53 -3.58 -8.31
N VAL A 99 -5.31 -3.48 -6.98
CA VAL A 99 -4.58 -4.52 -6.29
C VAL A 99 -5.43 -5.75 -6.21
N GLN A 100 -4.78 -6.93 -6.32
CA GLN A 100 -5.50 -8.18 -6.25
C GLN A 100 -6.00 -8.35 -4.85
N GLY A 101 -5.17 -7.98 -3.85
CA GLY A 101 -5.57 -8.11 -2.49
C GLY A 101 -5.07 -9.43 -1.98
N SER A 102 -5.47 -9.80 -0.75
CA SER A 102 -5.05 -11.05 -0.18
C SER A 102 -5.86 -12.13 -0.84
N LYS A 103 -5.49 -13.42 -0.58
CA LYS A 103 -6.23 -14.51 -1.17
C LYS A 103 -7.65 -14.42 -0.71
N TYR A 104 -7.83 -14.17 0.61
CA TYR A 104 -9.16 -14.04 1.14
C TYR A 104 -9.06 -13.07 2.28
N ALA A 105 -9.93 -12.03 2.29
CA ALA A 105 -9.86 -11.05 3.35
C ALA A 105 -11.26 -10.58 3.63
N ALA A 106 -12.11 -11.49 4.13
CA ALA A 106 -13.46 -11.11 4.44
C ALA A 106 -13.99 -12.04 5.54
N ASP A 17 -4.37 17.87 2.14
CA ASP A 17 -3.28 18.83 1.87
C ASP A 17 -2.14 18.63 2.83
N LYS A 18 -1.39 17.52 2.67
CA LYS A 18 -0.29 17.24 3.54
C LYS A 18 0.97 17.28 2.72
N LYS A 19 2.13 17.23 3.41
CA LYS A 19 3.39 17.26 2.73
C LYS A 19 3.63 15.95 2.06
N VAL A 20 4.26 16.01 0.88
CA VAL A 20 4.56 14.82 0.14
C VAL A 20 6.03 14.61 0.30
N ILE A 21 6.41 13.46 0.86
CA ILE A 21 7.79 13.18 1.08
C ILE A 21 8.33 12.49 -0.12
N ALA A 22 7.50 11.62 -0.73
CA ALA A 22 7.95 10.90 -1.88
C ALA A 22 6.81 10.77 -2.81
N THR A 23 7.10 10.66 -4.12
CA THR A 23 6.07 10.56 -5.10
C THR A 23 5.83 9.11 -5.35
N LYS A 24 4.96 8.83 -6.34
CA LYS A 24 4.62 7.48 -6.71
C LYS A 24 5.87 6.67 -6.93
N VAL A 25 6.14 5.78 -5.96
CA VAL A 25 7.28 4.92 -6.02
C VAL A 25 6.76 3.52 -6.00
N LEU A 26 7.63 2.55 -6.35
CA LEU A 26 7.22 1.17 -6.34
C LEU A 26 7.77 0.56 -5.10
N GLY A 27 6.92 -0.22 -4.40
CA GLY A 27 7.34 -0.85 -3.18
C GLY A 27 6.76 -2.21 -3.16
N THR A 28 7.40 -3.11 -2.39
CA THR A 28 6.93 -4.47 -2.28
C THR A 28 6.36 -4.65 -0.92
N VAL A 29 5.11 -5.18 -0.85
CA VAL A 29 4.47 -5.39 0.43
C VAL A 29 5.10 -6.58 1.05
N LYS A 30 5.77 -6.38 2.20
CA LYS A 30 6.42 -7.46 2.86
C LYS A 30 5.42 -8.12 3.76
N TRP A 31 4.67 -7.31 4.54
CA TRP A 31 3.70 -7.89 5.43
C TRP A 31 2.50 -6.99 5.49
N PHE A 32 1.31 -7.62 5.50
CA PHE A 32 0.08 -6.89 5.61
C PHE A 32 -0.83 -7.77 6.40
N ASN A 33 -1.25 -7.30 7.60
CA ASN A 33 -2.12 -8.12 8.41
C ASN A 33 -3.53 -7.65 8.17
N VAL A 34 -4.39 -8.60 7.74
CA VAL A 34 -5.77 -8.29 7.46
C VAL A 34 -6.43 -7.84 8.74
N ARG A 35 -6.12 -8.52 9.86
CA ARG A 35 -6.74 -8.21 11.13
C ARG A 35 -6.35 -6.82 11.58
N ASN A 36 -5.08 -6.41 11.38
CA ASN A 36 -4.66 -5.11 11.82
C ASN A 36 -5.23 -4.07 10.88
N GLY A 37 -5.39 -4.44 9.59
CA GLY A 37 -5.92 -3.52 8.62
C GLY A 37 -4.79 -2.65 8.18
N TYR A 38 -3.54 -3.06 8.48
CA TYR A 38 -2.40 -2.29 8.08
C TYR A 38 -1.21 -3.20 8.05
N GLY A 39 -0.11 -2.73 7.43
CA GLY A 39 1.06 -3.55 7.33
C GLY A 39 2.21 -2.65 7.01
N PHE A 40 3.29 -3.24 6.46
CA PHE A 40 4.47 -2.46 6.15
C PHE A 40 4.85 -2.77 4.73
N ILE A 41 5.24 -1.72 3.98
CA ILE A 41 5.64 -1.89 2.60
C ILE A 41 7.05 -1.39 2.49
N ASN A 42 7.95 -2.22 1.91
CA ASN A 42 9.32 -1.80 1.76
C ASN A 42 9.44 -1.23 0.38
N ARG A 43 9.98 0.00 0.28
CA ARG A 43 10.13 0.62 -1.01
C ARG A 43 11.20 -0.10 -1.76
N ASN A 44 10.98 -0.30 -3.07
CA ASN A 44 11.96 -0.99 -3.87
C ASN A 44 12.83 0.06 -4.51
N ASP A 45 12.60 1.35 -4.20
CA ASP A 45 13.40 2.39 -4.81
C ASP A 45 14.29 3.03 -3.77
N THR A 46 13.77 3.28 -2.55
CA THR A 46 14.59 3.91 -1.53
C THR A 46 15.05 2.86 -0.57
N LYS A 47 14.39 1.68 -0.59
CA LYS A 47 14.73 0.59 0.30
C LYS A 47 14.44 0.99 1.71
N GLU A 48 13.31 1.67 1.89
CA GLU A 48 12.92 2.08 3.23
C GLU A 48 11.51 1.62 3.45
N ASP A 49 11.15 1.37 4.73
CA ASP A 49 9.82 0.90 5.04
C ASP A 49 8.88 2.07 5.09
N VAL A 50 7.61 1.80 4.69
CA VAL A 50 6.59 2.82 4.69
C VAL A 50 5.40 2.21 5.35
N PHE A 51 4.64 3.02 6.11
CA PHE A 51 3.48 2.53 6.79
C PHE A 51 2.33 2.61 5.85
N VAL A 52 1.57 1.51 5.70
CA VAL A 52 0.43 1.50 4.81
C VAL A 52 -0.78 1.16 5.63
N HIS A 53 -1.94 1.60 5.14
CA HIS A 53 -3.16 1.37 5.85
C HIS A 53 -4.19 1.02 4.82
N GLN A 54 -5.28 0.35 5.25
CA GLN A 54 -6.32 -0.06 4.33
C GLN A 54 -7.01 1.15 3.76
N THR A 55 -6.86 2.33 4.39
CA THR A 55 -7.50 3.52 3.89
C THR A 55 -6.58 4.18 2.91
N ALA A 56 -5.43 3.56 2.65
CA ALA A 56 -4.47 4.11 1.73
C ALA A 56 -4.66 3.41 0.41
N ILE A 57 -5.53 2.40 0.39
CA ILE A 57 -5.78 1.65 -0.82
C ILE A 57 -6.79 2.42 -1.62
N LYS A 58 -6.39 2.87 -2.83
CA LYS A 58 -7.28 3.65 -3.65
C LYS A 58 -8.07 2.74 -4.55
N LYS A 59 -7.41 1.74 -5.17
CA LYS A 59 -8.12 0.87 -6.07
C LYS A 59 -8.12 -0.52 -5.49
N ASN A 60 -9.18 -1.29 -5.80
CA ASN A 60 -9.31 -2.62 -5.29
C ASN A 60 -9.99 -3.42 -6.34
N ASN A 61 -10.08 -4.76 -6.14
CA ASN A 61 -10.71 -5.63 -7.11
C ASN A 61 -12.19 -5.37 -7.08
N PRO A 62 -12.77 -4.98 -8.21
CA PRO A 62 -14.20 -4.72 -8.30
C PRO A 62 -15.06 -5.93 -7.98
N ARG A 63 -14.51 -7.14 -8.24
CA ARG A 63 -15.25 -8.36 -8.02
C ARG A 63 -15.55 -8.51 -6.54
N LYS A 64 -14.57 -8.17 -5.68
CA LYS A 64 -14.78 -8.30 -4.27
C LYS A 64 -14.04 -7.18 -3.60
N TYR A 65 -14.71 -6.46 -2.69
CA TYR A 65 -14.07 -5.36 -2.02
C TYR A 65 -13.28 -5.91 -0.88
N LEU A 66 -11.95 -5.69 -0.92
CA LEU A 66 -11.08 -6.17 0.12
C LEU A 66 -10.37 -4.98 0.69
N ARG A 67 -9.99 -5.09 1.98
CA ARG A 67 -9.30 -4.02 2.64
C ARG A 67 -7.87 -4.45 2.83
N SER A 68 -7.45 -5.48 2.08
CA SER A 68 -6.11 -6.00 2.24
C SER A 68 -5.47 -6.09 0.89
N VAL A 69 -4.13 -6.21 0.90
CA VAL A 69 -3.36 -6.31 -0.31
C VAL A 69 -2.58 -7.60 -0.23
N GLY A 70 -2.05 -8.07 -1.37
CA GLY A 70 -1.33 -9.32 -1.37
C GLY A 70 0.09 -9.05 -1.01
N ASP A 71 0.64 -9.92 -0.14
CA ASP A 71 2.01 -9.78 0.26
C ASP A 71 2.88 -10.29 -0.86
N GLY A 72 4.06 -9.67 -1.04
CA GLY A 72 4.97 -10.09 -2.08
C GLY A 72 4.59 -9.41 -3.36
N GLU A 73 3.55 -8.56 -3.33
CA GLU A 73 3.12 -7.87 -4.53
C GLU A 73 3.82 -6.56 -4.57
N THR A 74 4.19 -6.12 -5.80
CA THR A 74 4.83 -4.85 -5.97
C THR A 74 3.72 -3.90 -6.29
N VAL A 75 3.64 -2.78 -5.54
CA VAL A 75 2.59 -1.84 -5.76
C VAL A 75 3.19 -0.48 -5.94
N GLU A 76 2.40 0.44 -6.54
CA GLU A 76 2.86 1.78 -6.80
C GLU A 76 2.12 2.69 -5.86
N PHE A 77 2.86 3.53 -5.11
CA PHE A 77 2.18 4.41 -4.18
C PHE A 77 3.05 5.60 -3.90
N ASP A 78 2.43 6.69 -3.40
CA ASP A 78 3.19 7.89 -3.09
C ASP A 78 3.37 7.88 -1.60
N VAL A 79 4.34 8.66 -1.10
CA VAL A 79 4.59 8.67 0.32
C VAL A 79 4.31 10.05 0.81
N VAL A 80 3.45 10.16 1.84
CA VAL A 80 3.13 11.42 2.41
C VAL A 80 3.57 11.36 3.83
N GLU A 81 3.78 12.53 4.46
CA GLU A 81 4.22 12.56 5.82
C GLU A 81 3.11 12.05 6.69
N GLY A 82 3.45 11.12 7.61
CA GLY A 82 2.45 10.56 8.48
C GLY A 82 2.40 11.39 9.73
N GLU A 83 1.68 10.90 10.75
CA GLU A 83 1.56 11.63 11.99
C GLU A 83 2.92 11.72 12.64
N LYS A 84 3.68 10.61 12.64
CA LYS A 84 4.99 10.64 13.27
C LYS A 84 5.94 9.82 12.44
N GLY A 85 5.72 9.78 11.11
CA GLY A 85 6.61 9.03 10.28
C GLY A 85 6.21 9.25 8.86
N ALA A 86 6.18 8.15 8.09
CA ALA A 86 5.84 8.23 6.69
C ALA A 86 4.64 7.35 6.49
N GLU A 87 3.72 7.78 5.61
CA GLU A 87 2.53 6.99 5.36
C GLU A 87 2.34 6.91 3.88
N ALA A 88 2.00 5.70 3.39
CA ALA A 88 1.77 5.50 1.98
C ALA A 88 0.37 5.95 1.68
N ALA A 89 0.14 6.44 0.44
CA ALA A 89 -1.18 6.88 0.08
C ALA A 89 -1.36 6.61 -1.39
N ASN A 90 -2.63 6.44 -1.81
CA ASN A 90 -2.94 6.17 -3.21
C ASN A 90 -2.21 4.92 -3.62
N VAL A 91 -2.41 3.82 -2.85
CA VAL A 91 -1.72 2.60 -3.16
C VAL A 91 -2.49 1.89 -4.23
N THR A 92 -1.83 1.69 -5.40
CA THR A 92 -2.45 1.01 -6.51
C THR A 92 -1.40 0.09 -7.07
N GLY A 93 -1.80 -0.87 -7.93
CA GLY A 93 -0.83 -1.75 -8.51
C GLY A 93 -0.19 -1.01 -9.65
N PRO A 94 0.79 -1.65 -10.25
CA PRO A 94 1.49 -1.06 -11.36
C PRO A 94 0.63 -0.94 -12.58
N GLY A 95 0.69 0.23 -13.25
CA GLY A 95 -0.11 0.44 -14.44
C GLY A 95 -1.49 0.86 -14.01
N GLY A 96 -1.70 1.03 -12.68
CA GLY A 96 -3.01 1.44 -12.20
C GLY A 96 -3.89 0.23 -12.07
N VAL A 97 -3.29 -0.97 -12.14
CA VAL A 97 -4.05 -2.19 -12.03
C VAL A 97 -4.39 -2.39 -10.57
N PRO A 98 -5.67 -2.57 -10.26
CA PRO A 98 -6.12 -2.79 -8.89
C PRO A 98 -5.49 -3.99 -8.25
N VAL A 99 -5.29 -3.94 -6.91
CA VAL A 99 -4.68 -5.05 -6.22
C VAL A 99 -5.69 -6.17 -6.14
N GLN A 100 -5.21 -7.41 -6.39
CA GLN A 100 -6.08 -8.57 -6.35
C GLN A 100 -6.52 -8.82 -4.94
N GLY A 101 -5.59 -8.67 -3.96
CA GLY A 101 -5.93 -8.91 -2.58
C GLY A 101 -4.92 -9.87 -2.06
N SER A 102 -5.18 -10.44 -0.85
CA SER A 102 -4.25 -11.36 -0.25
C SER A 102 -4.82 -12.75 -0.44
N LYS A 103 -4.15 -13.76 0.16
CA LYS A 103 -4.61 -15.12 0.05
C LYS A 103 -5.97 -15.22 0.68
N TYR A 104 -6.13 -14.57 1.85
CA TYR A 104 -7.40 -14.58 2.52
C TYR A 104 -7.68 -13.17 2.93
N ALA A 105 -8.92 -12.70 2.69
CA ALA A 105 -9.26 -11.35 3.04
C ALA A 105 -10.69 -11.36 3.48
N ALA A 106 -11.08 -10.37 4.29
CA ALA A 106 -12.45 -10.27 4.77
C ALA A 106 -12.73 -11.51 5.66
N ASP A 17 -3.70 17.22 0.62
CA ASP A 17 -3.49 15.83 1.13
C ASP A 17 -2.20 15.74 1.90
N LYS A 18 -1.95 16.74 2.79
CA LYS A 18 -0.75 16.76 3.59
C LYS A 18 0.43 16.97 2.69
N LYS A 19 1.65 16.81 3.25
CA LYS A 19 2.85 16.98 2.47
C LYS A 19 3.15 15.69 1.79
N VAL A 20 3.62 15.78 0.53
CA VAL A 20 3.97 14.61 -0.21
C VAL A 20 5.46 14.55 -0.16
N ILE A 21 5.99 13.45 0.40
CA ILE A 21 7.41 13.32 0.53
C ILE A 21 7.91 12.66 -0.71
N ALA A 22 7.13 11.71 -1.24
CA ALA A 22 7.56 11.04 -2.44
C ALA A 22 6.35 10.75 -3.27
N THR A 23 6.54 10.69 -4.59
CA THR A 23 5.45 10.44 -5.48
C THR A 23 5.43 8.96 -5.70
N LYS A 24 4.55 8.51 -6.62
CA LYS A 24 4.40 7.10 -6.96
C LYS A 24 5.73 6.38 -6.93
N VAL A 25 5.92 5.61 -5.84
CA VAL A 25 7.12 4.82 -5.69
C VAL A 25 6.67 3.40 -5.68
N LEU A 26 7.45 2.51 -6.31
CA LEU A 26 7.09 1.13 -6.35
C LEU A 26 7.75 0.48 -5.16
N GLY A 27 7.02 -0.41 -4.47
CA GLY A 27 7.57 -1.06 -3.32
C GLY A 27 6.98 -2.42 -3.24
N THR A 28 7.63 -3.29 -2.43
CA THR A 28 7.17 -4.64 -2.26
C THR A 28 6.56 -4.74 -0.89
N VAL A 29 5.33 -5.29 -0.81
CA VAL A 29 4.66 -5.42 0.47
C VAL A 29 5.30 -6.56 1.20
N LYS A 30 5.98 -6.24 2.32
CA LYS A 30 6.62 -7.26 3.10
C LYS A 30 5.55 -8.06 3.76
N TRP A 31 4.52 -7.37 4.28
CA TRP A 31 3.44 -8.08 4.93
C TRP A 31 2.32 -7.11 5.16
N PHE A 32 1.10 -7.65 5.34
CA PHE A 32 -0.06 -6.84 5.58
C PHE A 32 -0.92 -7.67 6.47
N ASN A 33 -1.29 -7.11 7.64
CA ASN A 33 -2.11 -7.85 8.56
C ASN A 33 -3.53 -7.40 8.33
N VAL A 34 -4.37 -8.34 7.84
CA VAL A 34 -5.75 -8.03 7.55
C VAL A 34 -6.46 -7.72 8.86
N ARG A 35 -6.17 -8.52 9.91
CA ARG A 35 -6.81 -8.35 11.18
C ARG A 35 -6.49 -6.99 11.77
N ASN A 36 -5.23 -6.53 11.63
CA ASN A 36 -4.86 -5.26 12.21
C ASN A 36 -5.29 -4.16 11.27
N GLY A 37 -5.30 -4.45 9.96
CA GLY A 37 -5.69 -3.47 8.98
C GLY A 37 -4.50 -2.60 8.71
N TYR A 38 -3.29 -3.07 9.09
CA TYR A 38 -2.09 -2.30 8.87
C TYR A 38 -1.10 -3.20 8.21
N GLY A 39 -0.18 -2.60 7.42
CA GLY A 39 0.81 -3.40 6.74
C GLY A 39 2.01 -2.54 6.55
N PHE A 40 3.10 -3.16 6.06
CA PHE A 40 4.32 -2.42 5.84
C PHE A 40 4.77 -2.73 4.46
N ILE A 41 5.21 -1.69 3.74
CA ILE A 41 5.67 -1.88 2.38
C ILE A 41 7.06 -1.34 2.32
N ASN A 42 8.00 -2.15 1.80
CA ASN A 42 9.36 -1.73 1.69
C ASN A 42 9.54 -1.09 0.35
N ARG A 43 10.05 0.15 0.35
CA ARG A 43 10.27 0.83 -0.91
C ARG A 43 11.49 0.21 -1.50
N ASN A 44 11.39 -0.26 -2.77
CA ASN A 44 12.53 -0.87 -3.39
C ASN A 44 13.39 0.21 -3.98
N ASP A 45 12.88 1.47 -4.01
CA ASP A 45 13.63 2.55 -4.58
C ASP A 45 14.62 3.08 -3.57
N THR A 46 14.20 3.22 -2.30
CA THR A 46 15.09 3.78 -1.30
C THR A 46 15.45 2.74 -0.27
N LYS A 47 14.72 1.60 -0.25
CA LYS A 47 14.99 0.56 0.72
C LYS A 47 14.65 1.08 2.08
N GLU A 48 13.49 1.72 2.16
CA GLU A 48 13.02 2.27 3.41
C GLU A 48 11.70 1.64 3.73
N ASP A 49 11.31 1.72 5.01
CA ASP A 49 10.07 1.13 5.46
C ASP A 49 9.01 2.20 5.41
N VAL A 50 7.79 1.82 4.99
CA VAL A 50 6.70 2.77 4.93
C VAL A 50 5.54 2.12 5.63
N PHE A 51 4.79 2.92 6.40
CA PHE A 51 3.66 2.40 7.12
C PHE A 51 2.47 2.50 6.21
N VAL A 52 1.70 1.40 6.07
CA VAL A 52 0.57 1.42 5.19
C VAL A 52 -0.65 1.05 5.98
N HIS A 53 -1.76 1.74 5.66
CA HIS A 53 -3.01 1.51 6.35
C HIS A 53 -3.96 0.97 5.32
N GLN A 54 -5.05 0.32 5.79
CA GLN A 54 -6.04 -0.23 4.89
C GLN A 54 -6.79 0.90 4.24
N THR A 55 -6.63 2.14 4.76
CA THR A 55 -7.32 3.26 4.19
C THR A 55 -6.45 3.85 3.11
N ALA A 56 -5.29 3.22 2.87
CA ALA A 56 -4.38 3.70 1.86
C ALA A 56 -4.75 3.05 0.56
N ILE A 57 -5.66 2.05 0.59
CA ILE A 57 -6.05 1.39 -0.64
C ILE A 57 -6.95 2.33 -1.39
N LYS A 58 -6.54 2.73 -2.62
CA LYS A 58 -7.35 3.65 -3.38
C LYS A 58 -8.24 2.87 -4.31
N LYS A 59 -7.68 1.87 -5.02
CA LYS A 59 -8.47 1.10 -5.95
C LYS A 59 -8.63 -0.28 -5.41
N ASN A 60 -9.84 -0.85 -5.56
CA ASN A 60 -10.11 -2.17 -5.07
C ASN A 60 -10.46 -3.03 -6.26
N ASN A 61 -10.30 -4.35 -6.12
CA ASN A 61 -10.61 -5.26 -7.20
C ASN A 61 -12.13 -5.28 -7.33
N PRO A 62 -12.62 -5.06 -8.53
CA PRO A 62 -14.06 -5.07 -8.77
C PRO A 62 -14.76 -6.34 -8.38
N ARG A 63 -14.08 -7.50 -8.58
CA ARG A 63 -14.69 -8.76 -8.25
C ARG A 63 -14.90 -8.87 -6.76
N LYS A 64 -13.92 -8.42 -5.97
CA LYS A 64 -14.05 -8.49 -4.53
C LYS A 64 -13.42 -7.27 -3.97
N TYR A 65 -14.18 -6.48 -3.17
CA TYR A 65 -13.63 -5.28 -2.61
C TYR A 65 -12.85 -5.68 -1.39
N LEU A 66 -11.52 -5.45 -1.43
CA LEU A 66 -10.69 -5.79 -0.31
C LEU A 66 -9.92 -4.56 0.06
N ARG A 67 -9.75 -4.34 1.37
CA ARG A 67 -9.04 -3.18 1.86
C ARG A 67 -7.67 -3.62 2.26
N SER A 68 -7.27 -4.81 1.79
CA SER A 68 -5.98 -5.35 2.13
C SER A 68 -5.26 -5.65 0.85
N VAL A 69 -3.92 -5.56 0.89
CA VAL A 69 -3.13 -5.82 -0.29
C VAL A 69 -2.50 -7.17 -0.09
N GLY A 70 -1.95 -7.73 -1.18
CA GLY A 70 -1.33 -9.03 -1.11
C GLY A 70 0.11 -8.85 -0.74
N ASP A 71 0.61 -9.75 0.12
CA ASP A 71 1.98 -9.68 0.54
C ASP A 71 2.84 -10.25 -0.56
N GLY A 72 4.06 -9.69 -0.72
CA GLY A 72 4.98 -10.17 -1.73
C GLY A 72 4.63 -9.56 -3.04
N GLU A 73 3.59 -8.69 -3.07
CA GLU A 73 3.19 -8.07 -4.32
C GLU A 73 3.88 -6.74 -4.42
N THR A 74 4.15 -6.33 -5.68
CA THR A 74 4.78 -5.06 -5.92
C THR A 74 3.65 -4.13 -6.23
N VAL A 75 3.57 -3.00 -5.50
CA VAL A 75 2.49 -2.08 -5.71
C VAL A 75 3.05 -0.70 -5.88
N GLU A 76 2.21 0.22 -6.42
CA GLU A 76 2.62 1.57 -6.67
C GLU A 76 1.88 2.42 -5.69
N PHE A 77 2.61 3.30 -4.96
CA PHE A 77 1.94 4.14 -3.99
C PHE A 77 2.71 5.42 -3.82
N ASP A 78 2.01 6.45 -3.28
CA ASP A 78 2.63 7.74 -3.05
C ASP A 78 3.05 7.75 -1.62
N VAL A 79 4.12 8.49 -1.29
CA VAL A 79 4.58 8.52 0.07
C VAL A 79 4.24 9.89 0.58
N VAL A 80 3.48 9.95 1.69
CA VAL A 80 3.12 11.21 2.27
C VAL A 80 3.58 11.17 3.68
N GLU A 81 3.78 12.35 4.29
CA GLU A 81 4.23 12.40 5.65
C GLU A 81 3.10 11.95 6.54
N GLY A 82 3.41 11.06 7.50
CA GLY A 82 2.40 10.57 8.39
C GLY A 82 2.92 10.68 9.79
N GLU A 83 2.10 10.21 10.77
CA GLU A 83 2.49 10.27 12.16
C GLU A 83 3.60 9.27 12.39
N LYS A 84 3.70 8.24 11.53
CA LYS A 84 4.72 7.24 11.68
C LYS A 84 5.92 7.67 10.90
N GLY A 85 5.89 8.92 10.40
CA GLY A 85 6.99 9.45 9.64
C GLY A 85 6.60 9.39 8.20
N ALA A 86 6.54 8.17 7.65
CA ALA A 86 6.18 8.01 6.27
C ALA A 86 4.95 7.15 6.22
N GLU A 87 3.95 7.59 5.45
CA GLU A 87 2.72 6.85 5.33
C GLU A 87 2.45 6.68 3.86
N ALA A 88 2.04 5.47 3.48
CA ALA A 88 1.75 5.20 2.08
C ALA A 88 0.35 5.66 1.82
N ALA A 89 0.11 6.21 0.61
CA ALA A 89 -1.21 6.67 0.28
C ALA A 89 -1.43 6.39 -1.17
N ASN A 90 -2.72 6.17 -1.54
CA ASN A 90 -3.08 5.88 -2.92
C ASN A 90 -2.35 4.64 -3.37
N VAL A 91 -2.57 3.51 -2.65
CA VAL A 91 -1.89 2.28 -3.00
C VAL A 91 -2.67 1.63 -4.10
N THR A 92 -2.00 1.42 -5.25
CA THR A 92 -2.64 0.80 -6.39
C THR A 92 -1.65 -0.18 -6.95
N GLY A 93 -2.12 -1.08 -7.84
CA GLY A 93 -1.22 -2.05 -8.44
C GLY A 93 -0.47 -1.35 -9.53
N PRO A 94 0.47 -2.05 -10.10
CA PRO A 94 1.28 -1.51 -11.17
C PRO A 94 0.48 -1.28 -12.42
N GLY A 95 0.67 -0.11 -13.06
CA GLY A 95 -0.06 0.19 -14.26
C GLY A 95 -1.31 0.91 -13.87
N GLY A 96 -1.56 1.03 -12.54
CA GLY A 96 -2.75 1.71 -12.07
C GLY A 96 -3.89 0.73 -12.02
N VAL A 97 -3.57 -0.58 -12.14
CA VAL A 97 -4.59 -1.59 -12.11
C VAL A 97 -4.95 -1.83 -10.66
N PRO A 98 -6.15 -2.34 -10.44
CA PRO A 98 -6.62 -2.65 -9.10
C PRO A 98 -5.76 -3.66 -8.41
N VAL A 99 -5.69 -3.58 -7.05
CA VAL A 99 -4.86 -4.51 -6.32
C VAL A 99 -5.56 -5.84 -6.30
N GLN A 100 -4.78 -6.94 -6.44
CA GLN A 100 -5.34 -8.27 -6.42
C GLN A 100 -5.89 -8.53 -5.06
N GLY A 101 -5.14 -8.10 -4.01
CA GLY A 101 -5.58 -8.31 -2.66
C GLY A 101 -4.83 -9.46 -2.09
N SER A 102 -5.12 -9.79 -0.82
CA SER A 102 -4.47 -10.89 -0.15
C SER A 102 -5.10 -12.16 -0.61
N LYS A 103 -4.47 -13.31 -0.24
CA LYS A 103 -5.00 -14.61 -0.63
C LYS A 103 -6.37 -14.74 -0.04
N TYR A 104 -6.53 -14.34 1.24
CA TYR A 104 -7.81 -14.42 1.88
C TYR A 104 -7.98 -13.12 2.62
N ALA A 105 -9.14 -12.46 2.40
CA ALA A 105 -9.42 -11.22 3.05
C ALA A 105 -10.89 -11.17 3.31
N ALA A 106 -11.31 -10.28 4.23
CA ALA A 106 -12.71 -10.15 4.57
C ALA A 106 -13.19 -11.48 5.19
N ASP A 17 -2.91 20.88 2.27
CA ASP A 17 -1.47 21.18 2.07
C ASP A 17 -0.62 20.18 2.79
N LYS A 18 -0.62 18.93 2.28
CA LYS A 18 0.17 17.88 2.90
C LYS A 18 1.50 17.84 2.22
N LYS A 19 2.52 17.31 2.93
CA LYS A 19 3.84 17.23 2.36
C LYS A 19 3.97 15.89 1.73
N VAL A 20 4.44 15.88 0.48
CA VAL A 20 4.65 14.64 -0.23
C VAL A 20 6.12 14.41 -0.16
N ILE A 21 6.51 13.27 0.44
CA ILE A 21 7.90 12.97 0.59
C ILE A 21 8.34 12.25 -0.64
N ALA A 22 7.46 11.40 -1.19
CA ALA A 22 7.83 10.67 -2.38
C ALA A 22 6.60 10.53 -3.22
N THR A 23 6.80 10.43 -4.54
CA THR A 23 5.69 10.31 -5.44
C THR A 23 5.47 8.86 -5.70
N LYS A 24 4.55 8.55 -6.62
CA LYS A 24 4.21 7.20 -6.98
C LYS A 24 5.47 6.41 -7.22
N VAL A 25 5.81 5.56 -6.24
CA VAL A 25 6.97 4.73 -6.33
C VAL A 25 6.52 3.32 -6.13
N LEU A 26 7.38 2.35 -6.50
CA LEU A 26 7.04 0.97 -6.36
C LEU A 26 7.68 0.48 -5.10
N GLY A 27 6.93 -0.34 -4.33
CA GLY A 27 7.47 -0.86 -3.10
C GLY A 27 6.97 -2.25 -2.96
N THR A 28 7.65 -3.03 -2.11
CA THR A 28 7.27 -4.41 -1.89
C THR A 28 6.64 -4.51 -0.53
N VAL A 29 5.44 -5.13 -0.48
CA VAL A 29 4.74 -5.28 0.79
C VAL A 29 5.40 -6.41 1.52
N LYS A 30 6.23 -6.07 2.52
CA LYS A 30 6.92 -7.07 3.28
C LYS A 30 5.92 -7.75 4.18
N TRP A 31 5.05 -6.97 4.85
CA TRP A 31 4.09 -7.57 5.74
C TRP A 31 2.82 -6.78 5.67
N PHE A 32 1.67 -7.48 5.67
CA PHE A 32 0.40 -6.81 5.66
C PHE A 32 -0.55 -7.73 6.35
N ASN A 33 -1.15 -7.26 7.47
CA ASN A 33 -2.08 -8.09 8.19
C ASN A 33 -3.46 -7.58 7.89
N VAL A 34 -4.30 -8.46 7.33
CA VAL A 34 -5.66 -8.08 6.99
C VAL A 34 -6.41 -7.77 8.26
N ARG A 35 -6.17 -8.58 9.32
CA ARG A 35 -6.85 -8.39 10.58
C ARG A 35 -6.52 -7.03 11.15
N ASN A 36 -5.23 -6.63 11.10
CA ASN A 36 -4.85 -5.35 11.65
C ASN A 36 -5.36 -4.26 10.76
N GLY A 37 -5.43 -4.55 9.44
CA GLY A 37 -5.90 -3.56 8.50
C GLY A 37 -4.75 -2.66 8.16
N TYR A 38 -3.52 -3.10 8.50
CA TYR A 38 -2.36 -2.28 8.20
C TYR A 38 -1.16 -3.18 8.19
N GLY A 39 -0.04 -2.67 7.67
CA GLY A 39 1.17 -3.45 7.60
C GLY A 39 2.29 -2.53 7.28
N PHE A 40 3.39 -3.09 6.74
CA PHE A 40 4.53 -2.27 6.41
C PHE A 40 4.92 -2.58 5.00
N ILE A 41 5.25 -1.52 4.23
CA ILE A 41 5.65 -1.69 2.86
C ILE A 41 6.99 -1.07 2.72
N ASN A 42 7.96 -1.81 2.13
CA ASN A 42 9.27 -1.26 1.96
C ASN A 42 9.32 -0.65 0.59
N ARG A 43 9.61 0.67 0.54
CA ARG A 43 9.68 1.33 -0.74
C ARG A 43 11.00 0.94 -1.34
N ASN A 44 10.96 0.45 -2.60
CA ASN A 44 12.18 0.01 -3.25
C ASN A 44 12.88 1.20 -3.82
N ASP A 45 12.28 2.40 -3.66
CA ASP A 45 12.89 3.60 -4.18
C ASP A 45 14.15 3.89 -3.40
N THR A 46 14.12 3.69 -2.07
CA THR A 46 15.31 3.97 -1.28
C THR A 46 15.46 2.93 -0.19
N LYS A 47 14.65 1.86 -0.23
CA LYS A 47 14.74 0.80 0.76
C LYS A 47 14.47 1.33 2.13
N GLU A 48 13.36 2.07 2.24
CA GLU A 48 12.94 2.61 3.52
C GLU A 48 11.63 1.97 3.86
N ASP A 49 11.24 2.03 5.15
CA ASP A 49 10.00 1.44 5.57
C ASP A 49 8.92 2.48 5.47
N VAL A 50 7.74 2.09 4.96
CA VAL A 50 6.64 3.01 4.83
C VAL A 50 5.47 2.34 5.50
N PHE A 51 4.67 3.14 6.21
CA PHE A 51 3.52 2.61 6.92
C PHE A 51 2.36 2.67 5.97
N VAL A 52 1.60 1.55 5.86
CA VAL A 52 0.47 1.51 4.97
C VAL A 52 -0.73 1.20 5.80
N HIS A 53 -1.91 1.55 5.28
CA HIS A 53 -3.14 1.33 6.00
C HIS A 53 -4.17 0.99 4.97
N GLN A 54 -5.25 0.29 5.40
CA GLN A 54 -6.30 -0.11 4.49
C GLN A 54 -7.00 1.11 3.93
N THR A 55 -6.83 2.28 4.56
CA THR A 55 -7.49 3.48 4.07
C THR A 55 -6.58 4.14 3.07
N ALA A 56 -5.43 3.51 2.80
CA ALA A 56 -4.48 4.07 1.86
C ALA A 56 -4.71 3.39 0.53
N ILE A 57 -5.60 2.38 0.51
CA ILE A 57 -5.86 1.67 -0.72
C ILE A 57 -6.86 2.48 -1.50
N LYS A 58 -6.44 2.93 -2.71
CA LYS A 58 -7.30 3.75 -3.52
C LYS A 58 -8.18 2.90 -4.40
N LYS A 59 -7.62 1.85 -5.03
CA LYS A 59 -8.40 1.04 -5.93
C LYS A 59 -8.63 -0.31 -5.32
N ASN A 60 -9.86 -0.83 -5.53
CA ASN A 60 -10.23 -2.12 -5.00
C ASN A 60 -10.82 -2.88 -6.16
N ASN A 61 -10.91 -4.22 -6.03
CA ASN A 61 -11.46 -5.03 -7.09
C ASN A 61 -12.95 -4.76 -7.14
N PRO A 62 -13.50 -4.68 -8.32
CA PRO A 62 -14.92 -4.45 -8.50
C PRO A 62 -15.76 -5.64 -8.20
N ARG A 63 -15.18 -6.86 -8.37
CA ARG A 63 -15.92 -8.08 -8.14
C ARG A 63 -16.21 -8.19 -6.66
N LYS A 64 -15.20 -7.90 -5.83
CA LYS A 64 -15.38 -7.98 -4.40
C LYS A 64 -14.57 -6.88 -3.80
N TYR A 65 -15.12 -6.19 -2.78
CA TYR A 65 -14.39 -5.12 -2.17
C TYR A 65 -13.49 -5.73 -1.12
N LEU A 66 -12.17 -5.59 -1.32
CA LEU A 66 -11.23 -6.13 -0.37
C LEU A 66 -10.32 -5.03 0.04
N ARG A 67 -9.96 -5.02 1.33
CA ARG A 67 -9.07 -4.01 1.85
C ARG A 67 -7.75 -4.67 2.07
N SER A 68 -7.60 -5.86 1.45
CA SER A 68 -6.38 -6.63 1.59
C SER A 68 -5.48 -6.28 0.43
N VAL A 69 -4.17 -6.48 0.63
CA VAL A 69 -3.21 -6.20 -0.41
C VAL A 69 -2.42 -7.44 -0.62
N GLY A 70 -1.58 -7.45 -1.66
CA GLY A 70 -0.79 -8.62 -1.96
C GLY A 70 0.43 -8.61 -1.11
N ASP A 71 0.56 -9.65 -0.26
CA ASP A 71 1.70 -9.76 0.61
C ASP A 71 2.85 -10.28 -0.21
N GLY A 72 3.97 -9.51 -0.25
CA GLY A 72 5.12 -9.92 -1.02
C GLY A 72 4.96 -9.45 -2.43
N GLU A 73 3.87 -8.70 -2.72
CA GLU A 73 3.65 -8.20 -4.05
C GLU A 73 4.23 -6.83 -4.15
N THR A 74 4.42 -6.37 -5.39
CA THR A 74 4.96 -5.07 -5.64
C THR A 74 3.78 -4.18 -5.94
N VAL A 75 3.69 -3.04 -5.24
CA VAL A 75 2.58 -2.15 -5.44
C VAL A 75 3.13 -0.76 -5.70
N GLU A 76 2.28 0.11 -6.29
CA GLU A 76 2.70 1.45 -6.62
C GLU A 76 1.97 2.37 -5.67
N PHE A 77 2.71 3.30 -5.02
CA PHE A 77 2.05 4.18 -4.08
C PHE A 77 2.85 5.43 -3.89
N ASP A 78 2.16 6.50 -3.37
CA ASP A 78 2.79 7.77 -3.12
C ASP A 78 3.16 7.75 -1.67
N VAL A 79 4.20 8.52 -1.29
CA VAL A 79 4.61 8.53 0.09
C VAL A 79 4.40 9.93 0.58
N VAL A 80 3.65 10.07 1.70
CA VAL A 80 3.40 11.36 2.26
C VAL A 80 3.80 11.26 3.70
N GLU A 81 3.99 12.41 4.39
CA GLU A 81 4.39 12.35 5.78
C GLU A 81 3.27 11.79 6.59
N GLY A 82 3.64 11.03 7.63
CA GLY A 82 2.65 10.42 8.49
C GLY A 82 3.16 10.49 9.90
N GLU A 83 2.31 10.10 10.87
CA GLU A 83 2.70 10.14 12.25
C GLU A 83 3.71 9.04 12.50
N LYS A 84 3.80 8.06 11.58
CA LYS A 84 4.75 6.99 11.72
C LYS A 84 5.99 7.36 10.97
N GLY A 85 6.02 8.61 10.48
CA GLY A 85 7.15 9.09 9.72
C GLY A 85 6.73 9.18 8.30
N ALA A 86 6.59 8.01 7.65
CA ALA A 86 6.19 8.00 6.26
C ALA A 86 4.93 7.19 6.17
N GLU A 87 3.92 7.74 5.47
CA GLU A 87 2.67 7.05 5.30
C GLU A 87 2.43 6.88 3.84
N ALA A 88 2.04 5.66 3.44
CA ALA A 88 1.77 5.38 2.04
C ALA A 88 0.37 5.86 1.75
N ALA A 89 0.15 6.35 0.52
CA ALA A 89 -1.16 6.83 0.16
C ALA A 89 -1.37 6.53 -1.30
N ASN A 90 -2.65 6.37 -1.70
CA ASN A 90 -2.99 6.08 -3.08
C ASN A 90 -2.29 4.80 -3.49
N VAL A 91 -2.47 3.73 -2.69
CA VAL A 91 -1.82 2.47 -3.01
C VAL A 91 -2.61 1.80 -4.08
N THR A 92 -1.93 1.51 -5.22
CA THR A 92 -2.55 0.86 -6.34
C THR A 92 -1.59 -0.17 -6.83
N GLY A 93 -2.06 -1.09 -7.69
CA GLY A 93 -1.18 -2.10 -8.23
C GLY A 93 -0.45 -1.47 -9.37
N PRO A 94 0.50 -2.20 -9.90
CA PRO A 94 1.30 -1.71 -11.01
C PRO A 94 0.51 -1.61 -12.27
N GLY A 95 0.68 -0.49 -13.00
CA GLY A 95 -0.05 -0.32 -14.24
C GLY A 95 -1.35 0.39 -13.92
N GLY A 96 -1.64 0.61 -12.62
CA GLY A 96 -2.86 1.28 -12.25
C GLY A 96 -3.94 0.25 -12.05
N VAL A 97 -3.56 -1.04 -12.05
CA VAL A 97 -4.53 -2.09 -11.85
C VAL A 97 -4.86 -2.14 -10.38
N PRO A 98 -6.05 -2.63 -10.06
CA PRO A 98 -6.46 -2.74 -8.68
C PRO A 98 -5.72 -3.81 -7.94
N VAL A 99 -5.68 -3.72 -6.59
CA VAL A 99 -4.96 -4.72 -5.83
C VAL A 99 -5.77 -5.97 -5.83
N GLN A 100 -5.12 -7.10 -6.19
CA GLN A 100 -5.80 -8.37 -6.25
C GLN A 100 -6.16 -8.78 -4.84
N GLY A 101 -5.24 -8.51 -3.90
CA GLY A 101 -5.49 -8.87 -2.52
C GLY A 101 -4.55 -9.99 -2.17
N SER A 102 -4.91 -10.75 -1.11
CA SER A 102 -4.08 -11.85 -0.69
C SER A 102 -4.81 -13.11 -1.05
N LYS A 103 -4.23 -14.27 -0.66
CA LYS A 103 -4.85 -15.55 -0.96
C LYS A 103 -6.16 -15.63 -0.23
N TYR A 104 -6.19 -15.11 1.01
CA TYR A 104 -7.40 -15.14 1.79
C TYR A 104 -7.69 -13.72 2.17
N ALA A 105 -8.95 -13.29 2.01
CA ALA A 105 -9.32 -11.94 2.35
C ALA A 105 -10.71 -11.99 2.91
N ALA A 106 -11.05 -10.99 3.76
CA ALA A 106 -12.36 -10.94 4.36
C ALA A 106 -12.55 -12.19 5.24
N ASP A 17 -4.18 17.78 2.13
CA ASP A 17 -3.15 18.81 1.82
C ASP A 17 -1.96 18.64 2.72
N LYS A 18 -1.33 17.44 2.68
CA LYS A 18 -0.18 17.19 3.51
C LYS A 18 1.04 17.23 2.62
N LYS A 19 2.22 17.20 3.24
CA LYS A 19 3.45 17.24 2.49
C LYS A 19 3.65 15.90 1.83
N VAL A 20 4.17 15.93 0.59
CA VAL A 20 4.44 14.73 -0.13
C VAL A 20 5.92 14.56 -0.07
N ILE A 21 6.37 13.42 0.49
CA ILE A 21 7.76 13.19 0.64
C ILE A 21 8.23 12.48 -0.59
N ALA A 22 7.39 11.59 -1.15
CA ALA A 22 7.79 10.90 -2.33
C ALA A 22 6.58 10.71 -3.19
N THR A 23 6.81 10.60 -4.51
CA THR A 23 5.72 10.43 -5.43
C THR A 23 5.56 8.96 -5.66
N LYS A 24 4.66 8.62 -6.61
CA LYS A 24 4.38 7.25 -6.95
C LYS A 24 5.66 6.48 -7.11
N VAL A 25 5.94 5.61 -6.12
CA VAL A 25 7.12 4.79 -6.15
C VAL A 25 6.64 3.39 -6.03
N LEU A 26 7.51 2.43 -6.41
CA LEU A 26 7.13 1.05 -6.33
C LEU A 26 7.75 0.50 -5.08
N GLY A 27 6.98 -0.33 -4.35
CA GLY A 27 7.49 -0.90 -3.14
C GLY A 27 6.98 -2.29 -3.04
N THR A 28 7.70 -3.11 -2.24
CA THR A 28 7.32 -4.49 -2.06
C THR A 28 6.70 -4.60 -0.70
N VAL A 29 5.51 -5.23 -0.62
CA VAL A 29 4.84 -5.38 0.66
C VAL A 29 5.54 -6.45 1.43
N LYS A 30 6.16 -6.06 2.57
CA LYS A 30 6.86 -7.02 3.39
C LYS A 30 5.84 -7.89 4.03
N TRP A 31 4.74 -7.27 4.48
CA TRP A 31 3.68 -8.03 5.11
C TRP A 31 2.53 -7.09 5.30
N PHE A 32 1.31 -7.67 5.37
CA PHE A 32 0.14 -6.87 5.54
C PHE A 32 -0.83 -7.74 6.27
N ASN A 33 -1.32 -7.26 7.43
CA ASN A 33 -2.26 -8.04 8.20
C ASN A 33 -3.63 -7.58 7.80
N VAL A 34 -4.41 -8.49 7.18
CA VAL A 34 -5.75 -8.16 6.74
C VAL A 34 -6.60 -7.88 7.94
N ARG A 35 -6.42 -8.68 9.01
CA ARG A 35 -7.21 -8.53 10.22
C ARG A 35 -6.99 -7.17 10.83
N ASN A 36 -5.75 -6.66 10.83
CA ASN A 36 -5.49 -5.38 11.43
C ASN A 36 -5.77 -4.29 10.43
N GLY A 37 -5.56 -4.60 9.13
CA GLY A 37 -5.79 -3.62 8.10
C GLY A 37 -4.58 -2.75 8.01
N TYR A 38 -3.45 -3.21 8.59
CA TYR A 38 -2.24 -2.42 8.56
C TYR A 38 -1.14 -3.33 8.10
N GLY A 39 -0.08 -2.74 7.53
CA GLY A 39 1.02 -3.54 7.06
C GLY A 39 2.17 -2.62 6.81
N PHE A 40 3.29 -3.18 6.33
CA PHE A 40 4.46 -2.38 6.05
C PHE A 40 4.87 -2.65 4.64
N ILE A 41 5.25 -1.57 3.93
CA ILE A 41 5.68 -1.71 2.55
C ILE A 41 7.08 -1.17 2.47
N ASN A 42 8.00 -1.96 1.89
CA ASN A 42 9.37 -1.53 1.77
C ASN A 42 9.51 -0.95 0.39
N ARG A 43 9.97 0.31 0.33
CA ARG A 43 10.13 0.97 -0.95
C ARG A 43 11.28 0.31 -1.65
N ASN A 44 11.11 0.02 -2.94
CA ASN A 44 12.18 -0.61 -3.68
C ASN A 44 13.07 0.46 -4.25
N ASP A 45 12.76 1.74 -3.95
CA ASP A 45 13.54 2.82 -4.49
C ASP A 45 14.53 3.28 -3.45
N THR A 46 14.06 3.55 -2.22
CA THR A 46 14.94 4.05 -1.18
C THR A 46 15.24 2.96 -0.19
N LYS A 47 14.48 1.83 -0.25
CA LYS A 47 14.69 0.71 0.66
C LYS A 47 14.26 1.13 2.04
N GLU A 48 13.36 2.11 2.08
CA GLU A 48 12.84 2.60 3.34
C GLU A 48 11.52 1.95 3.58
N ASP A 49 11.15 1.78 4.87
CA ASP A 49 9.90 1.15 5.20
C ASP A 49 8.86 2.22 5.31
N VAL A 50 7.65 1.95 4.78
CA VAL A 50 6.57 2.91 4.82
C VAL A 50 5.41 2.20 5.43
N PHE A 51 4.62 2.93 6.24
CA PHE A 51 3.48 2.35 6.91
C PHE A 51 2.31 2.53 5.99
N VAL A 52 1.52 1.46 5.78
CA VAL A 52 0.38 1.55 4.89
C VAL A 52 -0.85 1.24 5.69
N HIS A 53 -1.96 1.89 5.29
CA HIS A 53 -3.21 1.72 5.98
C HIS A 53 -4.18 1.16 4.97
N GLN A 54 -5.24 0.50 5.46
CA GLN A 54 -6.23 -0.07 4.58
C GLN A 54 -7.00 1.04 3.91
N THR A 55 -6.99 2.25 4.51
CA THR A 55 -7.71 3.36 3.92
C THR A 55 -6.81 4.06 2.95
N ALA A 56 -5.59 3.53 2.77
CA ALA A 56 -4.64 4.13 1.87
C ALA A 56 -4.76 3.43 0.55
N ILE A 57 -5.54 2.34 0.52
CA ILE A 57 -5.73 1.58 -0.69
C ILE A 57 -6.79 2.28 -1.47
N LYS A 58 -6.45 2.77 -2.68
CA LYS A 58 -7.41 3.49 -3.49
C LYS A 58 -8.05 2.53 -4.46
N LYS A 59 -7.25 1.64 -5.07
CA LYS A 59 -7.79 0.71 -6.05
C LYS A 59 -8.19 -0.56 -5.35
N ASN A 60 -9.47 -0.95 -5.55
CA ASN A 60 -9.97 -2.16 -4.95
C ASN A 60 -10.67 -2.91 -6.03
N ASN A 61 -10.81 -4.25 -5.87
CA ASN A 61 -11.48 -5.04 -6.87
C ASN A 61 -12.97 -4.78 -6.74
N PRO A 62 -13.62 -4.56 -7.86
CA PRO A 62 -15.06 -4.30 -7.86
C PRO A 62 -15.89 -5.52 -7.61
N ARG A 63 -15.34 -6.73 -7.91
CA ARG A 63 -16.09 -7.95 -7.73
C ARG A 63 -16.28 -8.20 -6.25
N LYS A 64 -15.23 -7.96 -5.45
CA LYS A 64 -15.32 -8.18 -4.03
C LYS A 64 -14.58 -7.07 -3.36
N TYR A 65 -15.14 -6.53 -2.26
CA TYR A 65 -14.47 -5.47 -1.56
C TYR A 65 -13.40 -6.08 -0.71
N LEU A 66 -12.13 -5.75 -1.03
CA LEU A 66 -11.03 -6.29 -0.27
C LEU A 66 -10.19 -5.13 0.18
N ARG A 67 -9.75 -5.17 1.44
CA ARG A 67 -8.92 -4.12 1.97
C ARG A 67 -7.54 -4.68 2.14
N SER A 68 -7.31 -5.85 1.52
CA SER A 68 -6.03 -6.50 1.61
C SER A 68 -5.19 -6.06 0.44
N VAL A 69 -3.87 -6.32 0.53
CA VAL A 69 -2.96 -5.96 -0.53
C VAL A 69 -2.20 -7.20 -0.86
N GLY A 70 -1.45 -7.18 -1.99
CA GLY A 70 -0.70 -8.34 -2.39
C GLY A 70 0.46 -8.51 -1.44
N ASP A 71 0.49 -9.66 -0.74
CA ASP A 71 1.54 -9.95 0.20
C ASP A 71 2.75 -10.39 -0.58
N GLY A 72 3.85 -9.58 -0.51
CA GLY A 72 5.05 -9.93 -1.22
C GLY A 72 4.95 -9.44 -2.63
N GLU A 73 3.86 -8.70 -2.95
CA GLU A 73 3.69 -8.21 -4.29
C GLU A 73 4.26 -6.83 -4.35
N THR A 74 4.49 -6.35 -5.59
CA THR A 74 5.02 -5.03 -5.79
C THR A 74 3.85 -4.15 -6.13
N VAL A 75 3.71 -3.04 -5.39
CA VAL A 75 2.61 -2.14 -5.62
C VAL A 75 3.19 -0.75 -5.75
N GLU A 76 2.40 0.18 -6.34
CA GLU A 76 2.89 1.53 -6.52
C GLU A 76 2.11 2.41 -5.59
N PHE A 77 2.80 3.39 -4.98
CA PHE A 77 2.10 4.27 -4.05
C PHE A 77 2.88 5.54 -3.87
N ASP A 78 2.18 6.59 -3.36
CA ASP A 78 2.80 7.86 -3.11
C ASP A 78 3.16 7.87 -1.66
N VAL A 79 4.21 8.61 -1.28
CA VAL A 79 4.61 8.64 0.10
C VAL A 79 4.35 10.01 0.59
N VAL A 80 3.59 10.13 1.70
CA VAL A 80 3.29 11.39 2.27
C VAL A 80 3.72 11.31 3.69
N GLU A 81 3.96 12.47 4.35
CA GLU A 81 4.38 12.43 5.73
C GLU A 81 3.23 11.95 6.56
N GLY A 82 3.57 11.19 7.62
CA GLY A 82 2.56 10.66 8.48
C GLY A 82 3.03 10.80 9.89
N GLU A 83 2.17 10.40 10.85
CA GLU A 83 2.49 10.49 12.26
C GLU A 83 3.66 9.58 12.55
N LYS A 84 3.69 8.40 11.89
CA LYS A 84 4.76 7.45 12.15
C LYS A 84 5.96 7.81 11.32
N GLY A 85 5.89 8.96 10.63
CA GLY A 85 7.00 9.39 9.82
C GLY A 85 6.58 9.39 8.38
N ALA A 86 6.49 8.19 7.79
CA ALA A 86 6.10 8.10 6.40
C ALA A 86 4.86 7.27 6.33
N GLU A 87 3.86 7.77 5.56
CA GLU A 87 2.62 7.05 5.40
C GLU A 87 2.39 6.90 3.93
N ALA A 88 1.98 5.69 3.52
CA ALA A 88 1.71 5.43 2.13
C ALA A 88 0.32 5.92 1.82
N ALA A 89 0.12 6.42 0.59
CA ALA A 89 -1.18 6.91 0.21
C ALA A 89 -1.36 6.63 -1.24
N ASN A 90 -2.63 6.46 -1.69
CA ASN A 90 -2.91 6.17 -3.08
C ASN A 90 -2.22 4.89 -3.44
N VAL A 91 -2.47 3.81 -2.66
CA VAL A 91 -1.82 2.55 -2.94
C VAL A 91 -2.62 1.87 -4.00
N THR A 92 -1.97 1.59 -5.15
CA THR A 92 -2.62 0.93 -6.24
C THR A 92 -1.67 -0.10 -6.76
N GLY A 93 -2.17 -1.04 -7.59
CA GLY A 93 -1.30 -2.05 -8.14
C GLY A 93 -0.50 -1.39 -9.22
N PRO A 94 0.46 -2.12 -9.72
CA PRO A 94 1.32 -1.61 -10.78
C PRO A 94 0.57 -1.40 -12.06
N GLY A 95 0.70 -0.18 -12.63
CA GLY A 95 0.01 0.13 -13.85
C GLY A 95 -1.33 0.73 -13.51
N GLY A 96 -1.67 0.77 -12.20
CA GLY A 96 -2.93 1.34 -11.78
C GLY A 96 -3.96 0.25 -11.77
N VAL A 97 -3.53 -1.01 -11.90
CA VAL A 97 -4.46 -2.11 -11.90
C VAL A 97 -4.84 -2.39 -10.46
N PRO A 98 -5.98 -3.02 -10.27
CA PRO A 98 -6.47 -3.38 -8.94
C PRO A 98 -5.52 -4.30 -8.22
N VAL A 99 -5.50 -4.23 -6.88
CA VAL A 99 -4.61 -5.07 -6.12
C VAL A 99 -5.14 -6.47 -6.14
N GLN A 100 -4.22 -7.46 -6.26
CA GLN A 100 -4.61 -8.86 -6.28
C GLN A 100 -5.21 -9.21 -4.95
N GLY A 101 -4.60 -8.69 -3.87
CA GLY A 101 -5.10 -8.97 -2.55
C GLY A 101 -4.33 -10.14 -2.00
N SER A 102 -4.72 -10.58 -0.78
CA SER A 102 -4.04 -11.69 -0.15
C SER A 102 -4.86 -12.92 -0.41
N LYS A 103 -4.33 -14.10 0.00
CA LYS A 103 -5.03 -15.35 -0.21
C LYS A 103 -6.35 -15.27 0.51
N TYR A 104 -6.33 -14.77 1.76
CA TYR A 104 -7.55 -14.63 2.51
C TYR A 104 -7.78 -13.15 2.63
N ALA A 105 -9.00 -12.69 2.28
CA ALA A 105 -9.29 -11.30 2.34
C ALA A 105 -10.72 -11.13 2.73
N ALA A 106 -11.07 -9.92 3.22
CA ALA A 106 -12.43 -9.66 3.62
C ALA A 106 -12.65 -8.14 3.53
N ASP A 17 -2.69 19.12 5.81
CA ASP A 17 -1.58 19.23 6.79
C ASP A 17 -0.62 18.08 6.63
N LYS A 18 -0.05 17.93 5.42
CA LYS A 18 0.87 16.87 5.16
C LYS A 18 1.80 17.33 4.08
N LYS A 19 2.91 16.59 3.87
CA LYS A 19 3.86 16.95 2.86
C LYS A 19 4.13 15.73 2.03
N VAL A 20 4.31 15.94 0.70
CA VAL A 20 4.59 14.82 -0.17
C VAL A 20 6.06 14.61 -0.09
N ILE A 21 6.47 13.40 0.33
CA ILE A 21 7.85 13.11 0.46
C ILE A 21 8.29 12.42 -0.79
N ALA A 22 7.42 11.56 -1.35
CA ALA A 22 7.80 10.87 -2.54
C ALA A 22 6.57 10.68 -3.37
N THR A 23 6.77 10.57 -4.69
CA THR A 23 5.67 10.40 -5.60
C THR A 23 5.54 8.94 -5.84
N LYS A 24 4.62 8.58 -6.78
CA LYS A 24 4.36 7.21 -7.13
C LYS A 24 5.65 6.43 -7.24
N VAL A 25 5.89 5.57 -6.23
CA VAL A 25 7.07 4.75 -6.21
C VAL A 25 6.58 3.34 -6.10
N LEU A 26 7.43 2.37 -6.46
CA LEU A 26 7.03 1.00 -6.39
C LEU A 26 7.59 0.44 -5.13
N GLY A 27 6.80 -0.39 -4.43
CA GLY A 27 7.27 -0.97 -3.20
C GLY A 27 6.72 -2.36 -3.12
N THR A 28 7.38 -3.18 -2.29
CA THR A 28 6.95 -4.56 -2.14
C THR A 28 6.34 -4.68 -0.78
N VAL A 29 5.12 -5.27 -0.71
CA VAL A 29 4.45 -5.43 0.56
C VAL A 29 5.09 -6.58 1.25
N LYS A 30 5.75 -6.30 2.39
CA LYS A 30 6.41 -7.34 3.13
C LYS A 30 5.41 -7.94 4.06
N TRP A 31 4.64 -7.08 4.78
CA TRP A 31 3.69 -7.60 5.72
C TRP A 31 2.47 -6.72 5.68
N PHE A 32 1.28 -7.36 5.74
CA PHE A 32 0.05 -6.61 5.76
C PHE A 32 -0.93 -7.45 6.52
N ASN A 33 -1.44 -6.92 7.65
CA ASN A 33 -2.38 -7.67 8.43
C ASN A 33 -3.73 -7.07 8.19
N VAL A 34 -4.65 -7.89 7.65
CA VAL A 34 -6.00 -7.43 7.34
C VAL A 34 -6.68 -7.10 8.65
N ARG A 35 -6.46 -7.93 9.68
CA ARG A 35 -7.09 -7.72 10.96
C ARG A 35 -6.66 -6.40 11.55
N ASN A 36 -5.36 -6.07 11.44
CA ASN A 36 -4.88 -4.83 12.00
C ASN A 36 -5.35 -3.70 11.14
N GLY A 37 -5.50 -3.97 9.83
CA GLY A 37 -5.94 -2.95 8.91
C GLY A 37 -4.76 -2.14 8.50
N TYR A 38 -3.53 -2.65 8.78
CA TYR A 38 -2.36 -1.91 8.41
C TYR A 38 -1.22 -2.88 8.30
N GLY A 39 -0.11 -2.42 7.69
CA GLY A 39 1.02 -3.28 7.51
C GLY A 39 2.19 -2.42 7.14
N PHE A 40 3.25 -3.04 6.60
CA PHE A 40 4.43 -2.29 6.23
C PHE A 40 4.77 -2.64 4.81
N ILE A 41 5.10 -1.61 4.01
CA ILE A 41 5.46 -1.83 2.63
C ILE A 41 6.86 -1.31 2.48
N ASN A 42 7.76 -2.13 1.91
CA ASN A 42 9.12 -1.72 1.73
C ASN A 42 9.18 -1.07 0.38
N ARG A 43 9.49 0.24 0.36
CA ARG A 43 9.57 0.95 -0.89
C ARG A 43 10.87 0.55 -1.52
N ASN A 44 10.82 0.12 -2.79
CA ASN A 44 12.02 -0.32 -3.46
C ASN A 44 12.81 0.87 -3.92
N ASP A 45 12.24 2.08 -3.76
CA ASP A 45 12.93 3.26 -4.19
C ASP A 45 14.10 3.53 -3.26
N THR A 46 13.89 3.37 -1.93
CA THR A 46 14.97 3.64 -1.00
C THR A 46 15.23 2.43 -0.14
N LYS A 47 14.41 1.36 -0.30
CA LYS A 47 14.58 0.14 0.47
C LYS A 47 14.22 0.43 1.90
N GLU A 48 13.43 1.49 2.09
CA GLU A 48 13.01 1.86 3.43
C GLU A 48 11.63 1.34 3.65
N ASP A 49 11.20 1.30 4.93
CA ASP A 49 9.89 0.80 5.25
C ASP A 49 8.93 1.96 5.25
N VAL A 50 7.69 1.71 4.78
CA VAL A 50 6.68 2.74 4.74
C VAL A 50 5.48 2.17 5.42
N PHE A 51 4.77 3.01 6.19
CA PHE A 51 3.60 2.57 6.90
C PHE A 51 2.43 2.67 5.96
N VAL A 52 1.61 1.60 5.89
CA VAL A 52 0.47 1.63 5.02
C VAL A 52 -0.73 1.26 5.84
N HIS A 53 -1.90 1.70 5.37
CA HIS A 53 -3.13 1.45 6.08
C HIS A 53 -4.15 1.10 5.03
N GLN A 54 -5.21 0.37 5.43
CA GLN A 54 -6.23 -0.04 4.48
C GLN A 54 -6.93 1.17 3.91
N THR A 55 -6.86 2.33 4.60
CA THR A 55 -7.52 3.52 4.11
C THR A 55 -6.66 4.17 3.08
N ALA A 56 -5.50 3.54 2.78
CA ALA A 56 -4.59 4.09 1.82
C ALA A 56 -4.78 3.36 0.52
N ILE A 57 -5.68 2.36 0.51
CA ILE A 57 -5.92 1.59 -0.68
C ILE A 57 -6.92 2.34 -1.50
N LYS A 58 -6.44 2.96 -2.60
CA LYS A 58 -7.31 3.75 -3.45
C LYS A 58 -8.24 2.87 -4.26
N LYS A 59 -7.73 1.74 -4.80
CA LYS A 59 -8.58 0.91 -5.63
C LYS A 59 -8.62 -0.48 -5.07
N ASN A 60 -9.80 -1.12 -5.20
CA ASN A 60 -9.99 -2.47 -4.73
C ASN A 60 -10.36 -3.30 -5.92
N ASN A 61 -10.15 -4.64 -5.84
CA ASN A 61 -10.47 -5.51 -6.94
C ASN A 61 -11.98 -5.55 -7.06
N PRO A 62 -12.51 -5.20 -8.22
CA PRO A 62 -13.96 -5.22 -8.45
C PRO A 62 -14.58 -6.57 -8.25
N ARG A 63 -13.84 -7.65 -8.60
CA ARG A 63 -14.38 -8.99 -8.48
C ARG A 63 -14.58 -9.32 -7.02
N LYS A 64 -13.62 -8.91 -6.17
CA LYS A 64 -13.73 -9.20 -4.75
C LYS A 64 -13.30 -7.97 -4.02
N TYR A 65 -14.20 -7.36 -3.23
CA TYR A 65 -13.84 -6.16 -2.52
C TYR A 65 -13.31 -6.56 -1.18
N LEU A 66 -12.02 -6.25 -0.97
CA LEU A 66 -11.38 -6.57 0.27
C LEU A 66 -10.57 -5.36 0.65
N ARG A 67 -10.10 -5.33 1.91
CA ARG A 67 -9.32 -4.22 2.39
C ARG A 67 -7.89 -4.67 2.48
N SER A 68 -7.59 -5.81 1.82
CA SER A 68 -6.27 -6.38 1.86
C SER A 68 -5.52 -5.96 0.63
N VAL A 69 -4.19 -6.19 0.67
CA VAL A 69 -3.34 -5.88 -0.45
C VAL A 69 -2.61 -7.15 -0.77
N GLY A 70 -1.96 -7.22 -1.94
CA GLY A 70 -1.26 -8.42 -2.31
C GLY A 70 0.01 -8.49 -1.52
N ASP A 71 0.15 -9.55 -0.69
CA ASP A 71 1.33 -9.71 0.12
C ASP A 71 2.41 -10.26 -0.77
N GLY A 72 3.62 -9.65 -0.72
CA GLY A 72 4.72 -10.13 -1.52
C GLY A 72 4.58 -9.57 -2.91
N GLU A 73 3.53 -8.78 -3.15
CA GLU A 73 3.32 -8.21 -4.47
C GLU A 73 3.96 -6.86 -4.51
N THR A 74 4.16 -6.36 -5.74
CA THR A 74 4.75 -5.07 -5.92
C THR A 74 3.62 -4.15 -6.25
N VAL A 75 3.52 -3.03 -5.51
CA VAL A 75 2.45 -2.09 -5.75
C VAL A 75 3.06 -0.73 -5.87
N GLU A 76 2.30 0.23 -6.46
CA GLU A 76 2.80 1.56 -6.63
C GLU A 76 2.05 2.44 -5.70
N PHE A 77 2.74 3.42 -5.08
CA PHE A 77 2.04 4.29 -4.14
C PHE A 77 2.80 5.57 -3.96
N ASP A 78 2.09 6.60 -3.44
CA ASP A 78 2.68 7.88 -3.18
C ASP A 78 3.13 7.85 -1.75
N VAL A 79 4.18 8.61 -1.41
CA VAL A 79 4.65 8.60 -0.05
C VAL A 79 4.40 9.98 0.47
N VAL A 80 3.67 10.07 1.60
CA VAL A 80 3.38 11.35 2.17
C VAL A 80 3.80 11.31 3.61
N GLU A 81 4.08 12.50 4.20
CA GLU A 81 4.49 12.55 5.56
C GLU A 81 3.31 12.20 6.41
N GLY A 82 3.51 11.26 7.37
CA GLY A 82 2.43 10.84 8.22
C GLY A 82 2.90 10.89 9.64
N GLU A 83 2.06 10.39 10.57
CA GLU A 83 2.40 10.40 11.98
C GLU A 83 3.51 9.41 12.22
N LYS A 84 3.62 8.38 11.35
CA LYS A 84 4.66 7.39 11.52
C LYS A 84 5.87 7.83 10.76
N GLY A 85 5.86 9.09 10.29
CA GLY A 85 6.98 9.62 9.56
C GLY A 85 6.63 9.56 8.11
N ALA A 86 6.59 8.33 7.57
CA ALA A 86 6.26 8.15 6.18
C ALA A 86 5.04 7.29 6.10
N GLU A 87 4.03 7.74 5.33
CA GLU A 87 2.81 6.98 5.20
C GLU A 87 2.55 6.83 3.73
N ALA A 88 2.14 5.61 3.32
CA ALA A 88 1.84 5.36 1.94
C ALA A 88 0.44 5.83 1.69
N ALA A 89 0.18 6.36 0.47
CA ALA A 89 -1.14 6.83 0.14
C ALA A 89 -1.36 6.52 -1.31
N ASN A 90 -2.66 6.33 -1.69
CA ASN A 90 -3.02 6.04 -3.06
C ASN A 90 -2.31 4.78 -3.47
N VAL A 91 -2.46 3.70 -2.68
CA VAL A 91 -1.80 2.46 -3.00
C VAL A 91 -2.61 1.76 -4.05
N THR A 92 -1.97 1.52 -5.21
CA THR A 92 -2.63 0.85 -6.31
C THR A 92 -1.63 -0.11 -6.88
N GLY A 93 -2.10 -1.04 -7.75
CA GLY A 93 -1.20 -2.00 -8.33
C GLY A 93 -0.49 -1.31 -9.47
N PRO A 94 0.45 -2.02 -10.04
CA PRO A 94 1.22 -1.49 -11.16
C PRO A 94 0.38 -1.07 -12.32
N GLY A 95 0.62 0.15 -12.85
CA GLY A 95 -0.14 0.62 -13.98
C GLY A 95 -1.39 1.28 -13.47
N GLY A 96 -1.57 1.33 -12.13
CA GLY A 96 -2.75 1.94 -11.56
C GLY A 96 -3.88 0.96 -11.58
N VAL A 97 -3.57 -0.34 -11.76
CA VAL A 97 -4.60 -1.34 -11.79
C VAL A 97 -4.97 -1.66 -10.35
N PRO A 98 -6.17 -2.15 -10.15
CA PRO A 98 -6.64 -2.51 -8.82
C PRO A 98 -5.80 -3.57 -8.17
N VAL A 99 -5.67 -3.52 -6.83
CA VAL A 99 -4.88 -4.50 -6.13
C VAL A 99 -5.64 -5.79 -6.12
N GLN A 100 -4.93 -6.92 -6.32
CA GLN A 100 -5.57 -8.21 -6.34
C GLN A 100 -6.05 -8.53 -4.96
N GLY A 101 -5.22 -8.18 -3.95
CA GLY A 101 -5.59 -8.46 -2.57
C GLY A 101 -4.95 -9.76 -2.18
N SER A 102 -5.35 -10.28 -1.00
CA SER A 102 -4.79 -11.53 -0.53
C SER A 102 -5.72 -12.62 -0.95
N LYS A 103 -5.16 -13.84 -1.16
CA LYS A 103 -5.97 -14.97 -1.58
C LYS A 103 -6.96 -15.34 -0.50
N TYR A 104 -6.55 -15.27 0.78
CA TYR A 104 -7.43 -15.63 1.87
C TYR A 104 -8.42 -14.52 2.10
N ALA A 105 -8.09 -13.29 1.65
CA ALA A 105 -8.98 -12.17 1.83
C ALA A 105 -10.19 -12.35 0.96
N ALA A 106 -11.33 -11.78 1.41
CA ALA A 106 -12.58 -11.89 0.67
C ALA A 106 -12.91 -13.39 0.49
N ASP A 17 -3.93 14.46 1.34
CA ASP A 17 -4.03 15.91 1.00
C ASP A 17 -3.14 16.73 1.90
N LYS A 18 -1.82 16.43 1.89
CA LYS A 18 -0.91 17.15 2.71
C LYS A 18 0.43 17.09 2.03
N LYS A 19 1.52 17.24 2.83
CA LYS A 19 2.85 17.20 2.27
C LYS A 19 3.11 15.83 1.71
N VAL A 20 3.72 15.81 0.51
CA VAL A 20 4.02 14.57 -0.14
C VAL A 20 5.51 14.47 -0.06
N ILE A 21 6.00 13.38 0.56
CA ILE A 21 7.41 13.20 0.72
C ILE A 21 7.92 12.48 -0.50
N ALA A 22 7.11 11.55 -1.03
CA ALA A 22 7.55 10.83 -2.19
C ALA A 22 6.36 10.60 -3.05
N THR A 23 6.59 10.51 -4.37
CA THR A 23 5.53 10.31 -5.30
C THR A 23 5.40 8.84 -5.54
N LYS A 24 4.51 8.49 -6.49
CA LYS A 24 4.27 7.11 -6.85
C LYS A 24 5.57 6.38 -7.00
N VAL A 25 5.84 5.51 -6.01
CA VAL A 25 7.04 4.70 -6.03
C VAL A 25 6.59 3.29 -5.97
N LEU A 26 7.48 2.35 -6.34
CA LEU A 26 7.12 0.96 -6.32
C LEU A 26 7.73 0.38 -5.09
N GLY A 27 6.95 -0.45 -4.37
CA GLY A 27 7.47 -1.04 -3.17
C GLY A 27 6.95 -2.44 -3.10
N THR A 28 7.67 -3.28 -2.34
CA THR A 28 7.28 -4.66 -2.18
C THR A 28 6.69 -4.80 -0.81
N VAL A 29 5.49 -5.41 -0.72
CA VAL A 29 4.84 -5.59 0.56
C VAL A 29 5.52 -6.73 1.23
N LYS A 30 6.14 -6.45 2.40
CA LYS A 30 6.82 -7.50 3.13
C LYS A 30 5.84 -8.08 4.09
N TRP A 31 5.02 -7.21 4.71
CA TRP A 31 4.09 -7.71 5.70
C TRP A 31 2.82 -6.91 5.59
N PHE A 32 1.67 -7.61 5.65
CA PHE A 32 0.40 -6.92 5.62
C PHE A 32 -0.56 -7.82 6.32
N ASN A 33 -1.09 -7.34 7.47
CA ASN A 33 -2.02 -8.15 8.22
C ASN A 33 -3.37 -7.54 8.03
N VAL A 34 -4.31 -8.34 7.47
CA VAL A 34 -5.66 -7.87 7.23
C VAL A 34 -6.32 -7.61 8.56
N ARG A 35 -6.07 -8.50 9.55
CA ARG A 35 -6.68 -8.36 10.86
C ARG A 35 -6.23 -7.09 11.51
N ASN A 36 -4.93 -6.71 11.37
CA ASN A 36 -4.45 -5.51 11.98
C ASN A 36 -4.97 -4.34 11.20
N GLY A 37 -5.16 -4.53 9.89
CA GLY A 37 -5.66 -3.46 9.06
C GLY A 37 -4.51 -2.62 8.63
N TYR A 38 -3.27 -3.13 8.82
CA TYR A 38 -2.12 -2.36 8.43
C TYR A 38 -0.97 -3.29 8.21
N GLY A 39 0.09 -2.77 7.59
CA GLY A 39 1.25 -3.59 7.32
C GLY A 39 2.38 -2.67 7.00
N PHE A 40 3.47 -3.25 6.46
CA PHE A 40 4.63 -2.46 6.12
C PHE A 40 5.01 -2.78 4.71
N ILE A 41 5.33 -1.72 3.94
CA ILE A 41 5.72 -1.90 2.56
C ILE A 41 7.10 -1.33 2.44
N ASN A 42 8.03 -2.11 1.85
CA ASN A 42 9.38 -1.64 1.70
C ASN A 42 9.50 -1.09 0.32
N ARG A 43 9.95 0.18 0.23
CA ARG A 43 10.10 0.82 -1.05
C ARG A 43 11.26 0.16 -1.74
N ASN A 44 11.09 -0.16 -3.03
CA ASN A 44 12.17 -0.81 -3.75
C ASN A 44 13.05 0.24 -4.36
N ASP A 45 12.71 1.53 -4.17
CA ASP A 45 13.52 2.59 -4.75
C ASP A 45 14.43 3.18 -3.69
N THR A 46 13.97 3.27 -2.43
CA THR A 46 14.79 3.84 -1.40
C THR A 46 15.15 2.82 -0.36
N LYS A 47 14.47 1.64 -0.39
CA LYS A 47 14.74 0.58 0.56
C LYS A 47 14.32 1.05 1.91
N GLU A 48 13.32 1.95 1.93
CA GLU A 48 12.82 2.48 3.18
C GLU A 48 11.50 1.83 3.45
N ASP A 49 11.17 1.64 4.75
CA ASP A 49 9.92 1.03 5.12
C ASP A 49 8.89 2.11 5.21
N VAL A 50 7.66 1.82 4.71
CA VAL A 50 6.58 2.78 4.74
C VAL A 50 5.42 2.10 5.38
N PHE A 51 4.66 2.86 6.18
CA PHE A 51 3.52 2.33 6.87
C PHE A 51 2.34 2.41 5.95
N VAL A 52 1.58 1.31 5.81
CA VAL A 52 0.43 1.31 4.93
C VAL A 52 -0.76 0.94 5.78
N HIS A 53 -1.94 1.39 5.34
CA HIS A 53 -3.15 1.13 6.07
C HIS A 53 -4.22 0.85 5.06
N GLN A 54 -5.36 0.29 5.51
CA GLN A 54 -6.46 -0.03 4.63
C GLN A 54 -7.05 1.23 4.07
N THR A 55 -6.83 2.38 4.73
CA THR A 55 -7.38 3.62 4.25
C THR A 55 -6.47 4.18 3.19
N ALA A 56 -5.39 3.45 2.88
CA ALA A 56 -4.45 3.90 1.89
C ALA A 56 -4.81 3.26 0.58
N ILE A 57 -5.80 2.34 0.59
CA ILE A 57 -6.19 1.67 -0.62
C ILE A 57 -7.06 2.63 -1.40
N LYS A 58 -6.63 2.96 -2.64
CA LYS A 58 -7.39 3.89 -3.44
C LYS A 58 -8.30 3.12 -4.36
N LYS A 59 -7.79 2.04 -5.00
CA LYS A 59 -8.61 1.28 -5.92
C LYS A 59 -8.81 -0.09 -5.37
N ASN A 60 -10.03 -0.63 -5.58
CA ASN A 60 -10.35 -1.95 -5.11
C ASN A 60 -10.71 -2.76 -6.32
N ASN A 61 -10.57 -4.11 -6.23
CA ASN A 61 -10.90 -4.95 -7.35
C ASN A 61 -12.41 -4.91 -7.51
N PRO A 62 -12.86 -4.71 -8.73
CA PRO A 62 -14.30 -4.67 -9.02
C PRO A 62 -15.07 -5.90 -8.63
N ARG A 63 -14.45 -7.09 -8.80
CA ARG A 63 -15.14 -8.33 -8.49
C ARG A 63 -15.37 -8.42 -7.01
N LYS A 64 -14.34 -8.05 -6.21
CA LYS A 64 -14.49 -8.11 -4.78
C LYS A 64 -13.76 -6.93 -4.22
N TYR A 65 -14.43 -6.13 -3.38
CA TYR A 65 -13.78 -4.98 -2.82
C TYR A 65 -12.97 -5.43 -1.65
N LEU A 66 -11.63 -5.30 -1.77
CA LEU A 66 -10.75 -5.71 -0.71
C LEU A 66 -9.85 -4.55 -0.41
N ARG A 67 -9.52 -4.37 0.88
CA ARG A 67 -8.66 -3.29 1.28
C ARG A 67 -7.34 -3.87 1.67
N SER A 68 -7.10 -5.12 1.23
CA SER A 68 -5.88 -5.80 1.55
C SER A 68 -5.01 -5.82 0.33
N VAL A 69 -3.72 -6.12 0.52
CA VAL A 69 -2.80 -6.16 -0.59
C VAL A 69 -2.13 -7.50 -0.57
N GLY A 70 -1.54 -7.90 -1.71
CA GLY A 70 -0.90 -9.18 -1.78
C GLY A 70 0.44 -9.09 -1.10
N ASP A 71 0.73 -10.08 -0.25
CA ASP A 71 1.97 -10.12 0.47
C ASP A 71 3.03 -10.61 -0.48
N GLY A 72 4.10 -9.81 -0.67
CA GLY A 72 5.17 -10.19 -1.55
C GLY A 72 4.91 -9.64 -2.92
N GLU A 73 3.82 -8.86 -3.08
CA GLU A 73 3.53 -8.29 -4.38
C GLU A 73 4.14 -6.93 -4.44
N THR A 74 4.46 -6.48 -5.68
CA THR A 74 5.02 -5.17 -5.87
C THR A 74 3.87 -4.29 -6.22
N VAL A 75 3.71 -3.19 -5.46
CA VAL A 75 2.61 -2.29 -5.68
C VAL A 75 3.17 -0.90 -5.78
N GLU A 76 2.37 0.03 -6.35
CA GLU A 76 2.83 1.40 -6.51
C GLU A 76 2.05 2.24 -5.55
N PHE A 77 2.73 3.23 -4.92
CA PHE A 77 2.02 4.07 -3.98
C PHE A 77 2.77 5.36 -3.78
N ASP A 78 2.06 6.38 -3.26
CA ASP A 78 2.66 7.67 -2.99
C ASP A 78 2.99 7.67 -1.54
N VAL A 79 4.00 8.48 -1.16
CA VAL A 79 4.39 8.52 0.23
C VAL A 79 4.09 9.90 0.72
N VAL A 80 3.32 9.99 1.82
CA VAL A 80 3.00 11.26 2.40
C VAL A 80 3.46 11.19 3.82
N GLU A 81 3.67 12.36 4.46
CA GLU A 81 4.13 12.34 5.83
C GLU A 81 3.03 11.82 6.70
N GLY A 82 3.41 11.02 7.72
CA GLY A 82 2.43 10.46 8.61
C GLY A 82 2.94 10.66 10.00
N GLU A 83 2.11 10.33 11.00
CA GLU A 83 2.50 10.50 12.39
C GLU A 83 3.55 9.47 12.72
N LYS A 84 3.66 8.41 11.89
CA LYS A 84 4.65 7.38 12.14
C LYS A 84 5.86 7.68 11.33
N GLY A 85 5.86 8.85 10.67
CA GLY A 85 6.98 9.25 9.85
C GLY A 85 6.53 9.28 8.43
N ALA A 86 6.45 8.08 7.80
CA ALA A 86 6.05 8.01 6.42
C ALA A 86 4.82 7.15 6.35
N GLU A 87 3.80 7.62 5.61
CA GLU A 87 2.58 6.87 5.47
C GLU A 87 2.33 6.72 4.00
N ALA A 88 1.96 5.50 3.57
CA ALA A 88 1.69 5.24 2.19
C ALA A 88 0.27 5.69 1.91
N ALA A 89 0.04 6.17 0.67
CA ALA A 89 -1.28 6.62 0.31
C ALA A 89 -1.43 6.35 -1.16
N ASN A 90 -2.71 6.19 -1.62
CA ASN A 90 -2.96 5.93 -3.02
C ASN A 90 -2.27 4.64 -3.40
N VAL A 91 -2.56 3.56 -2.65
CA VAL A 91 -1.92 2.29 -2.94
C VAL A 91 -2.70 1.62 -4.01
N THR A 92 -2.02 1.36 -5.15
CA THR A 92 -2.65 0.68 -6.26
C THR A 92 -1.65 -0.29 -6.79
N GLY A 93 -2.08 -1.21 -7.66
CA GLY A 93 -1.16 -2.17 -8.22
C GLY A 93 -0.39 -1.46 -9.29
N PRO A 94 0.57 -2.17 -9.84
CA PRO A 94 1.40 -1.61 -10.88
C PRO A 94 0.64 -1.37 -12.15
N GLY A 95 0.84 -0.18 -12.75
CA GLY A 95 0.14 0.15 -13.98
C GLY A 95 -1.12 0.87 -13.61
N GLY A 96 -1.44 0.98 -12.31
CA GLY A 96 -2.64 1.68 -11.89
C GLY A 96 -3.76 0.69 -11.79
N VAL A 97 -3.45 -0.62 -11.89
CA VAL A 97 -4.47 -1.63 -11.80
C VAL A 97 -4.85 -1.76 -10.35
N PRO A 98 -6.07 -2.22 -10.10
CA PRO A 98 -6.55 -2.40 -8.74
C PRO A 98 -5.88 -3.54 -8.04
N VAL A 99 -5.86 -3.51 -6.69
CA VAL A 99 -5.22 -4.57 -5.95
C VAL A 99 -6.10 -5.79 -6.00
N GLN A 100 -5.50 -6.95 -6.33
CA GLN A 100 -6.24 -8.18 -6.40
C GLN A 100 -6.71 -8.56 -5.03
N GLY A 101 -5.84 -8.38 -4.02
CA GLY A 101 -6.20 -8.72 -2.67
C GLY A 101 -5.05 -9.48 -2.09
N SER A 102 -5.30 -10.18 -0.96
CA SER A 102 -4.26 -10.94 -0.32
C SER A 102 -4.68 -12.38 -0.32
N LYS A 103 -3.96 -13.22 0.46
CA LYS A 103 -4.26 -14.63 0.54
C LYS A 103 -5.64 -14.79 1.13
N TYR A 104 -5.93 -14.00 2.18
CA TYR A 104 -7.22 -14.07 2.81
C TYR A 104 -7.65 -12.65 3.06
N ALA A 105 -8.93 -12.35 2.76
CA ALA A 105 -9.42 -11.02 2.96
C ALA A 105 -10.85 -11.14 3.40
N ALA A 106 -11.37 -10.12 4.11
CA ALA A 106 -12.72 -10.13 4.58
C ALA A 106 -12.87 -11.31 5.57
N ASP A 17 -4.08 17.79 2.16
CA ASP A 17 -3.07 18.86 1.93
C ASP A 17 -1.89 18.66 2.85
N LYS A 18 -1.28 17.45 2.78
CA LYS A 18 -0.13 17.17 3.60
C LYS A 18 1.08 17.18 2.72
N LYS A 19 2.28 17.13 3.36
CA LYS A 19 3.50 17.13 2.61
C LYS A 19 3.68 15.81 1.95
N VAL A 20 4.32 15.86 0.77
CA VAL A 20 4.59 14.66 0.01
C VAL A 20 6.05 14.45 0.11
N ILE A 21 6.46 13.28 0.63
CA ILE A 21 7.85 13.00 0.78
C ILE A 21 8.31 12.32 -0.47
N ALA A 22 7.46 11.46 -1.05
CA ALA A 22 7.85 10.78 -2.25
C ALA A 22 6.64 10.62 -3.10
N THR A 23 6.87 10.55 -4.42
CA THR A 23 5.78 10.41 -5.35
C THR A 23 5.62 8.95 -5.63
N LYS A 24 4.73 8.63 -6.58
CA LYS A 24 4.45 7.26 -6.98
C LYS A 24 5.72 6.46 -7.06
N VAL A 25 5.92 5.59 -6.06
CA VAL A 25 7.08 4.73 -6.02
C VAL A 25 6.56 3.34 -5.98
N LEU A 26 7.43 2.36 -6.32
CA LEU A 26 7.01 1.00 -6.30
C LEU A 26 7.60 0.39 -5.08
N GLY A 27 6.79 -0.38 -4.33
CA GLY A 27 7.29 -1.00 -3.13
C GLY A 27 6.67 -2.34 -3.02
N THR A 28 7.33 -3.22 -2.25
CA THR A 28 6.85 -4.57 -2.07
C THR A 28 6.29 -4.66 -0.69
N VAL A 29 5.05 -5.20 -0.56
CA VAL A 29 4.42 -5.34 0.73
C VAL A 29 5.09 -6.48 1.43
N LYS A 30 6.00 -6.14 2.38
CA LYS A 30 6.71 -7.16 3.11
C LYS A 30 5.75 -7.83 4.06
N TRP A 31 4.91 -7.03 4.73
CA TRP A 31 3.99 -7.60 5.69
C TRP A 31 2.73 -6.80 5.69
N PHE A 32 1.57 -7.50 5.82
CA PHE A 32 0.31 -6.83 5.89
C PHE A 32 -0.56 -7.71 6.72
N ASN A 33 -1.09 -7.16 7.83
CA ASN A 33 -1.93 -7.94 8.69
C ASN A 33 -3.34 -7.59 8.35
N VAL A 34 -4.10 -8.59 7.86
CA VAL A 34 -5.48 -8.38 7.47
C VAL A 34 -6.28 -8.00 8.69
N ARG A 35 -6.03 -8.69 9.83
CA ARG A 35 -6.76 -8.43 11.04
C ARG A 35 -6.57 -7.01 11.49
N ASN A 36 -5.31 -6.51 11.49
CA ASN A 36 -5.08 -5.16 11.95
C ASN A 36 -5.51 -4.20 10.89
N GLY A 37 -5.39 -4.61 9.60
CA GLY A 37 -5.76 -3.74 8.52
C GLY A 37 -4.62 -2.80 8.27
N TYR A 38 -3.43 -3.14 8.83
CA TYR A 38 -2.27 -2.30 8.66
C TYR A 38 -1.14 -3.19 8.25
N GLY A 39 -0.10 -2.60 7.63
CA GLY A 39 1.02 -3.40 7.20
C GLY A 39 2.16 -2.47 6.93
N PHE A 40 3.26 -3.05 6.39
CA PHE A 40 4.42 -2.27 6.09
C PHE A 40 4.79 -2.55 4.67
N ILE A 41 5.16 -1.50 3.92
CA ILE A 41 5.54 -1.67 2.54
C ILE A 41 6.95 -1.18 2.43
N ASN A 42 7.85 -2.02 1.86
CA ASN A 42 9.22 -1.64 1.72
C ASN A 42 9.36 -1.10 0.33
N ARG A 43 9.84 0.16 0.23
CA ARG A 43 10.01 0.78 -1.06
C ARG A 43 11.13 0.07 -1.75
N ASN A 44 10.90 -0.30 -3.03
CA ASN A 44 11.92 -1.02 -3.76
C ASN A 44 12.80 -0.01 -4.47
N ASP A 45 12.49 1.29 -4.32
CA ASP A 45 13.29 2.30 -4.99
C ASP A 45 14.30 2.88 -4.04
N THR A 46 14.00 2.93 -2.72
CA THR A 46 14.96 3.51 -1.79
C THR A 46 15.25 2.54 -0.66
N LYS A 47 14.53 1.39 -0.60
CA LYS A 47 14.77 0.41 0.44
C LYS A 47 14.43 1.00 1.78
N GLU A 48 13.29 1.70 1.84
CA GLU A 48 12.83 2.30 3.08
C GLU A 48 11.48 1.73 3.37
N ASP A 49 11.14 1.60 4.67
CA ASP A 49 9.86 1.05 5.04
C ASP A 49 8.86 2.17 5.16
N VAL A 50 7.63 1.92 4.66
CA VAL A 50 6.59 2.91 4.73
C VAL A 50 5.41 2.23 5.36
N PHE A 51 4.67 2.98 6.20
CA PHE A 51 3.54 2.41 6.88
C PHE A 51 2.35 2.56 5.97
N VAL A 52 1.52 1.49 5.85
CA VAL A 52 0.38 1.56 4.97
C VAL A 52 -0.85 1.27 5.78
N HIS A 53 -1.98 1.80 5.31
CA HIS A 53 -3.24 1.63 5.97
C HIS A 53 -4.20 1.11 4.95
N GLN A 54 -5.28 0.45 5.41
CA GLN A 54 -6.27 -0.08 4.50
C GLN A 54 -7.02 1.05 3.86
N THR A 55 -6.99 2.25 4.49
CA THR A 55 -7.69 3.38 3.94
C THR A 55 -6.78 4.06 2.95
N ALA A 56 -5.59 3.48 2.73
CA ALA A 56 -4.65 4.06 1.81
C ALA A 56 -4.83 3.40 0.49
N ILE A 57 -5.69 2.37 0.44
CA ILE A 57 -5.94 1.65 -0.79
C ILE A 57 -6.94 2.46 -1.57
N LYS A 58 -6.51 2.96 -2.74
CA LYS A 58 -7.37 3.78 -3.55
C LYS A 58 -8.26 2.93 -4.43
N LYS A 59 -7.69 1.86 -5.05
CA LYS A 59 -8.48 1.04 -5.92
C LYS A 59 -8.55 -0.35 -5.37
N ASN A 60 -9.73 -0.99 -5.50
CA ASN A 60 -9.93 -2.33 -5.01
C ASN A 60 -10.28 -3.17 -6.19
N ASN A 61 -10.01 -4.49 -6.10
CA ASN A 61 -10.32 -5.40 -7.19
C ASN A 61 -11.82 -5.47 -7.28
N PRO A 62 -12.36 -5.36 -8.48
CA PRO A 62 -13.79 -5.41 -8.70
C PRO A 62 -14.41 -6.76 -8.47
N ARG A 63 -13.62 -7.85 -8.65
CA ARG A 63 -14.16 -9.19 -8.46
C ARG A 63 -14.42 -9.40 -7.00
N LYS A 64 -13.49 -8.92 -6.14
CA LYS A 64 -13.65 -9.06 -4.72
C LYS A 64 -13.18 -7.79 -4.10
N TYR A 65 -14.06 -7.08 -3.39
CA TYR A 65 -13.66 -5.85 -2.75
C TYR A 65 -13.03 -6.24 -1.45
N LEU A 66 -11.72 -5.99 -1.32
CA LEU A 66 -11.03 -6.33 -0.11
C LEU A 66 -10.29 -5.11 0.34
N ARG A 67 -10.16 -4.96 1.68
CA ARG A 67 -9.49 -3.82 2.24
C ARG A 67 -8.08 -4.25 2.57
N SER A 68 -7.67 -5.39 2.00
CA SER A 68 -6.35 -5.91 2.27
C SER A 68 -5.57 -5.87 0.98
N VAL A 69 -4.23 -5.78 1.11
CA VAL A 69 -3.38 -5.74 -0.06
C VAL A 69 -2.77 -7.10 -0.21
N GLY A 70 -2.04 -7.31 -1.32
CA GLY A 70 -1.43 -8.60 -1.55
C GLY A 70 -0.09 -8.61 -0.88
N ASP A 71 0.13 -9.64 -0.04
CA ASP A 71 1.37 -9.76 0.67
C ASP A 71 2.41 -10.29 -0.29
N GLY A 72 3.52 -9.54 -0.45
CA GLY A 72 4.58 -9.98 -1.33
C GLY A 72 4.35 -9.41 -2.70
N GLU A 73 3.29 -8.59 -2.87
CA GLU A 73 3.02 -8.02 -4.18
C GLU A 73 3.69 -6.68 -4.26
N THR A 74 4.06 -6.28 -5.49
CA THR A 74 4.68 -5.00 -5.70
C THR A 74 3.56 -4.07 -6.07
N VAL A 75 3.45 -2.94 -5.36
CA VAL A 75 2.39 -2.01 -5.62
C VAL A 75 2.99 -0.64 -5.80
N GLU A 76 2.19 0.28 -6.39
CA GLU A 76 2.64 1.62 -6.66
C GLU A 76 1.92 2.52 -5.71
N PHE A 77 2.65 3.42 -5.02
CA PHE A 77 1.97 4.29 -4.07
C PHE A 77 2.77 5.55 -3.88
N ASP A 78 2.09 6.60 -3.35
CA ASP A 78 2.72 7.87 -3.07
C ASP A 78 3.10 7.83 -1.63
N VAL A 79 4.16 8.56 -1.25
CA VAL A 79 4.58 8.54 0.12
C VAL A 79 4.36 9.93 0.64
N VAL A 80 3.59 10.04 1.75
CA VAL A 80 3.33 11.31 2.33
C VAL A 80 3.73 11.20 3.76
N GLU A 81 3.99 12.34 4.43
CA GLU A 81 4.39 12.28 5.81
C GLU A 81 3.22 11.83 6.64
N GLY A 82 3.53 11.05 7.68
CA GLY A 82 2.49 10.55 8.54
C GLY A 82 3.00 10.55 9.95
N GLU A 83 2.14 10.10 10.89
CA GLU A 83 2.51 10.06 12.29
C GLU A 83 3.58 9.03 12.49
N LYS A 84 3.62 8.01 11.60
CA LYS A 84 4.61 6.95 11.73
C LYS A 84 5.83 7.38 10.97
N GLY A 85 5.86 8.64 10.53
CA GLY A 85 6.98 9.15 9.79
C GLY A 85 6.59 9.19 8.36
N ALA A 86 6.47 8.01 7.73
CA ALA A 86 6.10 7.95 6.34
C ALA A 86 4.85 7.14 6.24
N GLU A 87 3.85 7.67 5.51
CA GLU A 87 2.60 6.96 5.35
C GLU A 87 2.37 6.82 3.87
N ALA A 88 1.94 5.62 3.46
CA ALA A 88 1.69 5.37 2.06
C ALA A 88 0.29 5.85 1.77
N ALA A 89 0.07 6.37 0.53
CA ALA A 89 -1.24 6.85 0.17
C ALA A 89 -1.44 6.56 -1.28
N ASN A 90 -2.73 6.41 -1.69
CA ASN A 90 -3.06 6.12 -3.07
C ASN A 90 -2.35 4.87 -3.50
N VAL A 91 -2.53 3.77 -2.72
CA VAL A 91 -1.87 2.53 -3.06
C VAL A 91 -2.66 1.87 -4.15
N THR A 92 -1.99 1.65 -5.31
CA THR A 92 -2.63 1.01 -6.44
C THR A 92 -1.64 0.04 -7.00
N GLY A 93 -2.09 -0.84 -7.91
CA GLY A 93 -1.18 -1.79 -8.50
C GLY A 93 -0.47 -1.08 -9.60
N PRO A 94 0.51 -1.73 -10.16
CA PRO A 94 1.30 -1.16 -11.24
C PRO A 94 0.50 -1.02 -12.50
N GLY A 95 0.66 0.14 -13.18
CA GLY A 95 -0.08 0.37 -14.40
C GLY A 95 -1.37 1.06 -14.06
N GLY A 96 -1.66 1.22 -12.75
CA GLY A 96 -2.88 1.88 -12.35
C GLY A 96 -3.96 0.85 -12.19
N VAL A 97 -3.58 -0.44 -12.26
CA VAL A 97 -4.54 -1.50 -12.11
C VAL A 97 -4.87 -1.62 -10.64
N PRO A 98 -6.03 -2.14 -10.33
CA PRO A 98 -6.44 -2.32 -8.95
C PRO A 98 -5.64 -3.38 -8.25
N VAL A 99 -5.52 -3.28 -6.91
CA VAL A 99 -4.76 -4.26 -6.17
C VAL A 99 -5.56 -5.53 -6.12
N GLN A 100 -4.85 -6.68 -6.27
CA GLN A 100 -5.51 -7.96 -6.23
C GLN A 100 -6.00 -8.19 -4.83
N GLY A 101 -5.18 -7.79 -3.85
CA GLY A 101 -5.55 -7.97 -2.46
C GLY A 101 -5.01 -9.28 -2.02
N SER A 102 -5.47 -9.75 -0.84
CA SER A 102 -5.02 -11.01 -0.32
C SER A 102 -5.79 -12.08 -1.04
N LYS A 103 -5.37 -13.37 -0.85
CA LYS A 103 -6.05 -14.46 -1.50
C LYS A 103 -7.49 -14.46 -1.06
N TYR A 104 -7.72 -14.28 0.25
CA TYR A 104 -9.05 -14.24 0.76
C TYR A 104 -9.04 -13.28 1.91
N ALA A 105 -9.99 -12.32 1.93
CA ALA A 105 -10.02 -11.36 3.00
C ALA A 105 -11.45 -11.01 3.28
N ALA A 106 -12.23 -11.99 3.76
CA ALA A 106 -13.62 -11.71 4.05
C ALA A 106 -14.08 -12.73 5.10
N ASP A 17 -3.18 20.87 2.68
CA ASP A 17 -1.74 21.24 2.59
C ASP A 17 -0.89 20.20 3.27
N LYS A 18 -0.85 18.98 2.70
CA LYS A 18 -0.06 17.92 3.28
C LYS A 18 1.29 17.94 2.62
N LYS A 19 2.29 17.37 3.32
CA LYS A 19 3.63 17.32 2.79
C LYS A 19 3.80 15.99 2.14
N VAL A 20 4.31 16.02 0.89
CA VAL A 20 4.56 14.80 0.16
C VAL A 20 6.03 14.60 0.25
N ILE A 21 6.43 13.45 0.82
CA ILE A 21 7.82 13.18 0.98
C ILE A 21 8.32 12.51 -0.25
N ALA A 22 7.47 11.67 -0.86
CA ALA A 22 7.91 11.00 -2.06
C ALA A 22 6.72 10.84 -2.96
N THR A 23 6.98 10.78 -4.27
CA THR A 23 5.91 10.65 -5.22
C THR A 23 5.75 9.19 -5.51
N LYS A 24 4.88 8.89 -6.50
CA LYS A 24 4.60 7.53 -6.91
C LYS A 24 5.87 6.74 -7.02
N VAL A 25 6.08 5.85 -6.04
CA VAL A 25 7.24 4.99 -6.03
C VAL A 25 6.72 3.60 -6.01
N LEU A 26 7.59 2.63 -6.36
CA LEU A 26 7.18 1.26 -6.35
C LEU A 26 7.74 0.63 -5.12
N GLY A 27 6.93 -0.18 -4.43
CA GLY A 27 7.40 -0.81 -3.23
C GLY A 27 6.79 -2.18 -3.17
N THR A 28 7.42 -3.05 -2.37
CA THR A 28 6.94 -4.40 -2.22
C THR A 28 6.32 -4.51 -0.86
N VAL A 29 5.07 -5.04 -0.81
CA VAL A 29 4.39 -5.20 0.46
C VAL A 29 5.01 -6.37 1.13
N LYS A 30 5.88 -6.09 2.13
CA LYS A 30 6.54 -7.16 2.84
C LYS A 30 5.53 -7.85 3.71
N TRP A 31 4.69 -7.07 4.41
CA TRP A 31 3.71 -7.68 5.29
C TRP A 31 2.49 -6.81 5.32
N PHE A 32 1.31 -7.47 5.31
CA PHE A 32 0.07 -6.75 5.42
C PHE A 32 -0.83 -7.66 6.20
N ASN A 33 -1.31 -7.19 7.36
CA ASN A 33 -2.16 -8.01 8.17
C ASN A 33 -3.58 -7.56 7.96
N VAL A 34 -4.44 -8.51 7.51
CA VAL A 34 -5.82 -8.20 7.24
C VAL A 34 -6.51 -7.84 8.52
N ARG A 35 -6.21 -8.59 9.61
CA ARG A 35 -6.85 -8.34 10.88
C ARG A 35 -6.45 -7.01 11.44
N ASN A 36 -5.24 -6.51 11.10
CA ASN A 36 -4.81 -5.24 11.65
C ASN A 36 -5.34 -4.14 10.78
N GLY A 37 -5.50 -4.44 9.46
CA GLY A 37 -6.01 -3.43 8.55
C GLY A 37 -4.87 -2.55 8.16
N TYR A 38 -3.62 -3.00 8.43
CA TYR A 38 -2.47 -2.19 8.08
C TYR A 38 -1.29 -3.11 7.95
N GLY A 39 -0.19 -2.60 7.36
CA GLY A 39 0.98 -3.41 7.19
C GLY A 39 2.12 -2.51 6.88
N PHE A 40 3.21 -3.08 6.34
CA PHE A 40 4.36 -2.28 6.02
C PHE A 40 4.75 -2.58 4.60
N ILE A 41 5.14 -1.51 3.86
CA ILE A 41 5.54 -1.67 2.49
C ILE A 41 6.96 -1.18 2.40
N ASN A 42 7.85 -2.01 1.79
CA ASN A 42 9.23 -1.61 1.67
C ASN A 42 9.38 -1.02 0.30
N ARG A 43 9.91 0.22 0.25
CA ARG A 43 10.09 0.89 -1.02
C ARG A 43 11.18 0.18 -1.76
N ASN A 44 10.93 -0.13 -3.04
CA ASN A 44 11.92 -0.83 -3.83
C ASN A 44 12.89 0.16 -4.40
N ASP A 45 12.60 1.47 -4.24
CA ASP A 45 13.48 2.47 -4.81
C ASP A 45 14.39 3.03 -3.75
N THR A 46 13.94 3.10 -2.48
CA THR A 46 14.79 3.68 -1.45
C THR A 46 15.12 2.64 -0.42
N LYS A 47 14.40 1.49 -0.41
CA LYS A 47 14.65 0.44 0.55
C LYS A 47 14.36 0.96 1.92
N GLU A 48 13.21 1.64 2.02
CA GLU A 48 12.77 2.20 3.28
C GLU A 48 11.40 1.65 3.54
N ASP A 49 11.06 1.48 4.84
CA ASP A 49 9.77 0.94 5.19
C ASP A 49 8.79 2.08 5.28
N VAL A 50 7.58 1.86 4.73
CA VAL A 50 6.55 2.88 4.75
C VAL A 50 5.35 2.23 5.36
N PHE A 51 4.62 3.01 6.18
CA PHE A 51 3.45 2.50 6.84
C PHE A 51 2.28 2.62 5.90
N VAL A 52 1.49 1.54 5.74
CA VAL A 52 0.36 1.57 4.86
C VAL A 52 -0.84 1.20 5.67
N HIS A 53 -2.01 1.71 5.23
CA HIS A 53 -3.23 1.45 5.94
C HIS A 53 -4.26 1.13 4.89
N GLN A 54 -5.35 0.44 5.28
CA GLN A 54 -6.38 0.06 4.34
C GLN A 54 -7.05 1.29 3.78
N THR A 55 -6.96 2.45 4.48
CA THR A 55 -7.59 3.65 3.98
C THR A 55 -6.67 4.32 2.99
N ALA A 56 -5.52 3.69 2.72
CA ALA A 56 -4.56 4.26 1.80
C ALA A 56 -4.70 3.54 0.49
N ILE A 57 -5.57 2.51 0.45
CA ILE A 57 -5.75 1.75 -0.76
C ILE A 57 -6.75 2.49 -1.60
N LYS A 58 -6.32 2.93 -2.81
CA LYS A 58 -7.19 3.67 -3.67
C LYS A 58 -7.90 2.72 -4.60
N LYS A 59 -7.17 1.70 -5.11
CA LYS A 59 -7.78 0.77 -6.04
C LYS A 59 -7.61 -0.61 -5.49
N ASN A 60 -8.61 -1.48 -5.77
CA ASN A 60 -8.56 -2.84 -5.30
C ASN A 60 -9.35 -3.65 -6.28
N ASN A 61 -9.46 -4.97 -6.03
CA ASN A 61 -10.19 -5.85 -6.92
C ASN A 61 -11.65 -5.48 -6.80
N PRO A 62 -12.27 -5.13 -7.92
CA PRO A 62 -13.68 -4.77 -7.92
C PRO A 62 -14.62 -5.93 -7.78
N ARG A 63 -14.15 -7.16 -8.08
CA ARG A 63 -15.00 -8.32 -7.98
C ARG A 63 -15.33 -8.59 -6.54
N LYS A 64 -14.33 -8.41 -5.66
CA LYS A 64 -14.55 -8.64 -4.24
C LYS A 64 -14.07 -7.42 -3.53
N TYR A 65 -14.92 -6.85 -2.65
CA TYR A 65 -14.51 -5.67 -1.93
C TYR A 65 -13.53 -6.12 -0.89
N LEU A 66 -12.26 -5.68 -1.03
CA LEU A 66 -11.24 -6.06 -0.09
C LEU A 66 -10.62 -4.81 0.43
N ARG A 67 -10.23 -4.85 1.71
CA ARG A 67 -9.60 -3.72 2.34
C ARG A 67 -8.17 -4.12 2.61
N SER A 68 -7.73 -5.22 1.96
CA SER A 68 -6.40 -5.72 2.18
C SER A 68 -5.72 -5.88 0.85
N VAL A 69 -4.38 -6.01 0.89
CA VAL A 69 -3.59 -6.18 -0.30
C VAL A 69 -2.83 -7.46 -0.12
N GLY A 70 -2.27 -7.99 -1.23
CA GLY A 70 -1.54 -9.22 -1.15
C GLY A 70 -0.11 -8.91 -0.84
N ASP A 71 0.48 -9.69 0.07
CA ASP A 71 1.86 -9.48 0.44
C ASP A 71 2.70 -10.05 -0.67
N GLY A 72 3.92 -9.49 -0.84
CA GLY A 72 4.82 -9.98 -1.87
C GLY A 72 4.46 -9.33 -3.18
N GLU A 73 3.43 -8.45 -3.18
CA GLU A 73 3.06 -7.79 -4.40
C GLU A 73 3.79 -6.48 -4.48
N THR A 74 4.07 -6.05 -5.72
CA THR A 74 4.73 -4.79 -5.94
C THR A 74 3.63 -3.82 -6.23
N VAL A 75 3.60 -2.70 -5.50
CA VAL A 75 2.54 -1.73 -5.70
C VAL A 75 3.16 -0.39 -5.90
N GLU A 76 2.37 0.54 -6.49
CA GLU A 76 2.82 1.87 -6.76
C GLU A 76 2.09 2.78 -5.82
N PHE A 77 2.81 3.65 -5.10
CA PHE A 77 2.13 4.51 -4.16
C PHE A 77 2.92 5.77 -3.90
N ASP A 78 2.22 6.80 -3.36
CA ASP A 78 2.84 8.06 -3.04
C ASP A 78 3.21 7.98 -1.60
N VAL A 79 4.24 8.73 -1.18
CA VAL A 79 4.64 8.69 0.20
C VAL A 79 4.39 10.05 0.76
N VAL A 80 3.60 10.12 1.85
CA VAL A 80 3.31 11.39 2.47
C VAL A 80 3.69 11.23 3.90
N GLU A 81 3.86 12.37 4.63
CA GLU A 81 4.23 12.26 6.02
C GLU A 81 3.10 11.67 6.79
N GLY A 82 3.46 10.88 7.82
CA GLY A 82 2.45 10.25 8.64
C GLY A 82 2.93 10.24 10.06
N GLU A 83 2.09 9.69 10.96
CA GLU A 83 2.42 9.61 12.37
C GLU A 83 3.61 8.71 12.55
N LYS A 84 3.69 7.64 11.72
CA LYS A 84 4.79 6.70 11.84
C LYS A 84 5.96 7.23 11.07
N GLY A 85 5.87 8.50 10.63
CA GLY A 85 6.94 9.11 9.89
C GLY A 85 6.53 9.18 8.46
N ALA A 86 6.45 8.01 7.79
CA ALA A 86 6.07 7.99 6.41
C ALA A 86 4.83 7.14 6.27
N GLU A 87 3.82 7.68 5.55
CA GLU A 87 2.60 6.95 5.35
C GLU A 87 2.38 6.86 3.87
N ALA A 88 1.98 5.66 3.41
CA ALA A 88 1.74 5.46 2.00
C ALA A 88 0.36 5.98 1.69
N ALA A 89 0.15 6.50 0.47
CA ALA A 89 -1.14 7.02 0.10
C ALA A 89 -1.34 6.71 -1.35
N ASN A 90 -2.64 6.55 -1.76
CA ASN A 90 -2.96 6.25 -3.15
C ASN A 90 -2.24 5.00 -3.56
N VAL A 91 -2.40 3.91 -2.78
CA VAL A 91 -1.73 2.68 -3.10
C VAL A 91 -2.51 1.99 -4.18
N THR A 92 -1.84 1.77 -5.34
CA THR A 92 -2.48 1.12 -6.46
C THR A 92 -1.47 0.16 -7.02
N GLY A 93 -1.92 -0.77 -7.89
CA GLY A 93 -0.99 -1.70 -8.49
C GLY A 93 -0.32 -0.98 -9.61
N PRO A 94 0.65 -1.64 -10.19
CA PRO A 94 1.41 -1.06 -11.29
C PRO A 94 0.59 -0.95 -12.54
N GLY A 95 0.65 0.22 -13.19
CA GLY A 95 -0.10 0.42 -14.40
C GLY A 95 -1.50 0.83 -14.03
N GLY A 96 -1.78 0.97 -12.71
CA GLY A 96 -3.10 1.36 -12.27
C GLY A 96 -3.97 0.15 -12.19
N VAL A 97 -3.38 -1.06 -12.27
CA VAL A 97 -4.16 -2.27 -12.20
C VAL A 97 -4.49 -2.51 -10.75
N PRO A 98 -5.59 -3.18 -10.50
CA PRO A 98 -6.01 -3.50 -9.15
C PRO A 98 -5.18 -4.56 -8.51
N VAL A 99 -5.13 -4.59 -7.17
CA VAL A 99 -4.35 -5.58 -6.48
C VAL A 99 -5.15 -6.86 -6.45
N GLN A 100 -4.46 -8.02 -6.39
CA GLN A 100 -5.14 -9.29 -6.37
C GLN A 100 -5.88 -9.43 -5.08
N GLY A 101 -5.25 -8.97 -3.97
CA GLY A 101 -5.87 -9.07 -2.68
C GLY A 101 -5.01 -9.98 -1.85
N SER A 102 -5.41 -10.17 -0.58
CA SER A 102 -4.64 -11.02 0.31
C SER A 102 -5.09 -12.44 0.08
N LYS A 103 -4.21 -13.41 0.43
CA LYS A 103 -4.55 -14.81 0.25
C LYS A 103 -5.76 -15.10 1.09
N TYR A 104 -5.78 -14.56 2.33
CA TYR A 104 -6.90 -14.75 3.20
C TYR A 104 -7.72 -13.49 3.16
N ALA A 105 -9.03 -13.62 2.91
CA ALA A 105 -9.87 -12.46 2.83
C ALA A 105 -11.20 -12.84 3.42
N ALA A 106 -11.98 -11.82 3.84
CA ALA A 106 -13.27 -12.10 4.43
C ALA A 106 -14.24 -12.44 3.29
N ASP A 17 -2.66 21.42 2.32
CA ASP A 17 -1.19 21.51 2.10
C ASP A 17 -0.48 20.37 2.77
N LYS A 18 -0.71 19.13 2.28
CA LYS A 18 -0.08 17.98 2.85
C LYS A 18 1.30 17.88 2.27
N LYS A 19 2.27 17.47 3.12
CA LYS A 19 3.63 17.33 2.66
C LYS A 19 3.75 16.01 1.98
N VAL A 20 4.41 16.02 0.80
CA VAL A 20 4.62 14.81 0.06
C VAL A 20 6.09 14.56 0.17
N ILE A 21 6.46 13.41 0.73
CA ILE A 21 7.84 13.10 0.92
C ILE A 21 8.33 12.41 -0.30
N ALA A 22 7.48 11.58 -0.92
CA ALA A 22 7.91 10.90 -2.11
C ALA A 22 6.72 10.77 -3.00
N THR A 23 6.99 10.69 -4.33
CA THR A 23 5.93 10.58 -5.28
C THR A 23 5.74 9.13 -5.56
N LYS A 24 4.88 8.84 -6.56
CA LYS A 24 4.57 7.49 -6.96
C LYS A 24 5.83 6.67 -7.06
N VAL A 25 6.02 5.79 -6.07
CA VAL A 25 7.17 4.91 -6.04
C VAL A 25 6.64 3.52 -6.00
N LEU A 26 7.50 2.54 -6.32
CA LEU A 26 7.07 1.17 -6.30
C LEU A 26 7.62 0.56 -5.05
N GLY A 27 6.79 -0.24 -4.36
CA GLY A 27 7.24 -0.86 -3.15
C GLY A 27 6.65 -2.23 -3.11
N THR A 28 7.30 -3.12 -2.34
CA THR A 28 6.83 -4.49 -2.23
C THR A 28 6.23 -4.65 -0.85
N VAL A 29 4.99 -5.19 -0.80
CA VAL A 29 4.33 -5.39 0.47
C VAL A 29 4.94 -6.60 1.11
N LYS A 30 5.75 -6.38 2.15
CA LYS A 30 6.39 -7.47 2.83
C LYS A 30 5.35 -8.17 3.66
N TRP A 31 4.54 -7.38 4.41
CA TRP A 31 3.53 -7.99 5.25
C TRP A 31 2.37 -7.05 5.37
N PHE A 32 1.16 -7.62 5.42
CA PHE A 32 -0.03 -6.83 5.60
C PHE A 32 -0.95 -7.68 6.42
N ASN A 33 -1.32 -7.20 7.61
CA ASN A 33 -2.19 -7.97 8.46
C ASN A 33 -3.58 -7.43 8.33
N VAL A 34 -4.52 -8.30 7.94
CA VAL A 34 -5.90 -7.91 7.75
C VAL A 34 -6.46 -7.53 9.10
N ARG A 35 -6.11 -8.30 10.15
CA ARG A 35 -6.61 -8.05 11.48
C ARG A 35 -6.18 -6.69 11.95
N ASN A 36 -4.90 -6.33 11.72
CA ASN A 36 -4.42 -5.04 12.17
C ASN A 36 -5.00 -3.98 11.29
N GLY A 37 -5.26 -4.31 10.01
CA GLY A 37 -5.82 -3.35 9.09
C GLY A 37 -4.69 -2.52 8.57
N TYR A 38 -3.44 -2.98 8.78
CA TYR A 38 -2.31 -2.22 8.30
C TYR A 38 -1.16 -3.18 8.17
N GLY A 39 -0.10 -2.73 7.48
CA GLY A 39 1.05 -3.57 7.27
C GLY A 39 2.21 -2.70 6.97
N PHE A 40 3.29 -3.31 6.42
CA PHE A 40 4.47 -2.54 6.11
C PHE A 40 4.82 -2.82 4.69
N ILE A 41 5.20 -1.77 3.95
CA ILE A 41 5.58 -1.92 2.57
C ILE A 41 7.00 -1.44 2.46
N ASN A 42 7.87 -2.26 1.85
CA ASN A 42 9.24 -1.86 1.70
C ASN A 42 9.36 -1.18 0.38
N ARG A 43 9.81 0.08 0.40
CA ARG A 43 9.96 0.83 -0.82
C ARG A 43 11.06 0.17 -1.60
N ASN A 44 10.82 -0.13 -2.89
CA ASN A 44 11.83 -0.80 -3.66
C ASN A 44 12.73 0.23 -4.29
N ASP A 45 12.56 1.52 -3.95
CA ASP A 45 13.41 2.53 -4.53
C ASP A 45 14.47 2.94 -3.55
N THR A 46 14.10 3.14 -2.26
CA THR A 46 15.07 3.56 -1.28
C THR A 46 15.27 2.47 -0.26
N LYS A 47 14.43 1.41 -0.33
CA LYS A 47 14.53 0.29 0.61
C LYS A 47 14.15 0.78 1.97
N GLU A 48 13.37 1.87 2.02
CA GLU A 48 12.92 2.41 3.28
C GLU A 48 11.59 1.82 3.61
N ASP A 49 11.33 1.62 4.93
CA ASP A 49 10.07 1.06 5.36
C ASP A 49 9.01 2.12 5.18
N VAL A 50 7.81 1.69 4.73
CA VAL A 50 6.72 2.61 4.54
C VAL A 50 5.54 2.00 5.25
N PHE A 51 4.73 2.86 5.90
CA PHE A 51 3.59 2.40 6.64
C PHE A 51 2.40 2.48 5.73
N VAL A 52 1.59 1.41 5.66
CA VAL A 52 0.44 1.40 4.80
C VAL A 52 -0.75 1.08 5.65
N HIS A 53 -1.93 1.54 5.20
CA HIS A 53 -3.14 1.33 5.95
C HIS A 53 -4.20 1.00 4.94
N GLN A 54 -5.30 0.34 5.40
CA GLN A 54 -6.37 -0.04 4.51
C GLN A 54 -7.04 1.19 3.95
N THR A 55 -6.85 2.36 4.59
CA THR A 55 -7.48 3.57 4.10
C THR A 55 -6.57 4.23 3.11
N ALA A 56 -5.42 3.59 2.83
CA ALA A 56 -4.48 4.15 1.90
C ALA A 56 -4.67 3.46 0.58
N ILE A 57 -5.56 2.45 0.55
CA ILE A 57 -5.80 1.71 -0.67
C ILE A 57 -6.80 2.51 -1.45
N LYS A 58 -6.40 2.94 -2.67
CA LYS A 58 -7.28 3.73 -3.50
C LYS A 58 -8.05 2.83 -4.41
N LYS A 59 -7.39 1.81 -5.01
CA LYS A 59 -8.07 0.94 -5.93
C LYS A 59 -8.02 -0.45 -5.40
N ASN A 60 -9.06 -1.25 -5.71
CA ASN A 60 -9.13 -2.60 -5.25
C ASN A 60 -9.85 -3.38 -6.31
N ASN A 61 -9.76 -4.73 -6.26
CA ASN A 61 -10.41 -5.56 -7.23
C ASN A 61 -11.91 -5.48 -6.97
N PRO A 62 -12.66 -5.10 -7.98
CA PRO A 62 -14.12 -4.99 -7.84
C PRO A 62 -14.81 -6.31 -7.68
N ARG A 63 -14.20 -7.40 -8.19
CA ARG A 63 -14.81 -8.71 -8.09
C ARG A 63 -14.74 -9.13 -6.65
N LYS A 64 -13.60 -8.81 -6.00
CA LYS A 64 -13.42 -9.16 -4.61
C LYS A 64 -12.89 -7.95 -3.93
N TYR A 65 -13.79 -7.17 -3.30
CA TYR A 65 -13.34 -5.98 -2.61
C TYR A 65 -12.78 -6.43 -1.31
N LEU A 66 -11.49 -6.13 -1.10
CA LEU A 66 -10.83 -6.53 0.11
C LEU A 66 -10.24 -5.31 0.75
N ARG A 67 -10.01 -5.39 2.07
CA ARG A 67 -9.45 -4.28 2.81
C ARG A 67 -7.99 -4.52 2.97
N SER A 68 -7.43 -5.44 2.18
CA SER A 68 -6.02 -5.76 2.31
C SER A 68 -5.43 -5.89 0.95
N VAL A 69 -4.08 -5.89 0.90
CA VAL A 69 -3.36 -6.01 -0.33
C VAL A 69 -2.67 -7.34 -0.28
N GLY A 70 -2.22 -7.84 -1.45
CA GLY A 70 -1.57 -9.13 -1.49
C GLY A 70 -0.15 -8.95 -1.08
N ASP A 71 0.33 -9.86 -0.21
CA ASP A 71 1.70 -9.79 0.25
C ASP A 71 2.58 -10.29 -0.86
N GLY A 72 3.77 -9.68 -0.99
CA GLY A 72 4.70 -10.10 -2.03
C GLY A 72 4.35 -9.40 -3.31
N GLU A 73 3.32 -8.53 -3.30
CA GLU A 73 2.94 -7.84 -4.50
C GLU A 73 3.66 -6.54 -4.54
N THR A 74 3.99 -6.08 -5.77
CA THR A 74 4.65 -4.83 -5.94
C THR A 74 3.55 -3.86 -6.26
N VAL A 75 3.48 -2.75 -5.50
CA VAL A 75 2.43 -1.79 -5.72
C VAL A 75 3.05 -0.44 -5.92
N GLU A 76 2.26 0.48 -6.51
CA GLU A 76 2.72 1.82 -6.79
C GLU A 76 1.99 2.73 -5.84
N PHE A 77 2.73 3.62 -5.13
CA PHE A 77 2.06 4.48 -4.19
C PHE A 77 2.87 5.72 -3.95
N ASP A 78 2.18 6.76 -3.41
CA ASP A 78 2.82 8.02 -3.09
C ASP A 78 3.19 7.94 -1.65
N VAL A 79 4.25 8.67 -1.24
CA VAL A 79 4.64 8.63 0.14
C VAL A 79 4.38 9.99 0.69
N VAL A 80 3.58 10.07 1.77
CA VAL A 80 3.26 11.33 2.35
C VAL A 80 3.58 11.21 3.81
N GLU A 81 3.72 12.36 4.50
CA GLU A 81 4.05 12.35 5.89
C GLU A 81 2.87 11.78 6.64
N GLY A 82 3.17 10.85 7.59
CA GLY A 82 2.11 10.24 8.36
C GLY A 82 2.47 10.33 9.81
N GLU A 83 1.63 9.72 10.67
CA GLU A 83 1.88 9.76 12.09
C GLU A 83 3.08 8.90 12.40
N LYS A 84 3.36 7.90 11.54
CA LYS A 84 4.49 7.03 11.76
C LYS A 84 5.68 7.62 11.08
N GLY A 85 5.54 8.86 10.62
CA GLY A 85 6.63 9.54 9.95
C GLY A 85 6.32 9.53 8.49
N ALA A 86 6.43 8.35 7.86
CA ALA A 86 6.16 8.24 6.45
C ALA A 86 5.06 7.23 6.29
N GLU A 87 4.08 7.54 5.42
CA GLU A 87 3.01 6.60 5.20
C GLU A 87 2.69 6.61 3.74
N ALA A 88 2.17 5.46 3.24
CA ALA A 88 1.84 5.34 1.84
C ALA A 88 0.46 5.88 1.65
N ALA A 89 0.20 6.44 0.45
CA ALA A 89 -1.11 6.97 0.15
C ALA A 89 -1.37 6.70 -1.30
N ASN A 90 -2.67 6.54 -1.66
CA ASN A 90 -3.04 6.26 -3.03
C ASN A 90 -2.34 5.02 -3.49
N VAL A 91 -2.48 3.91 -2.73
CA VAL A 91 -1.82 2.68 -3.10
C VAL A 91 -2.61 2.04 -4.19
N THR A 92 -1.94 1.81 -5.34
CA THR A 92 -2.57 1.20 -6.48
C THR A 92 -1.59 0.22 -7.05
N GLY A 93 -2.05 -0.68 -7.94
CA GLY A 93 -1.15 -1.63 -8.54
C GLY A 93 -0.45 -0.92 -9.66
N PRO A 94 0.51 -1.60 -10.23
CA PRO A 94 1.28 -1.05 -11.33
C PRO A 94 0.47 -0.90 -12.58
N GLY A 95 0.56 0.27 -13.24
CA GLY A 95 -0.19 0.49 -14.45
C GLY A 95 -1.51 1.10 -14.07
N GLY A 96 -1.79 1.21 -12.75
CA GLY A 96 -3.03 1.78 -12.30
C GLY A 96 -4.04 0.68 -12.17
N VAL A 97 -3.60 -0.58 -12.27
CA VAL A 97 -4.50 -1.69 -12.16
C VAL A 97 -4.78 -1.92 -10.69
N PRO A 98 -5.93 -2.48 -10.40
CA PRO A 98 -6.31 -2.76 -9.01
C PRO A 98 -5.51 -3.88 -8.41
N VAL A 99 -5.40 -3.89 -7.07
CA VAL A 99 -4.64 -4.94 -6.42
C VAL A 99 -5.54 -6.13 -6.25
N GLN A 100 -4.96 -7.34 -6.38
CA GLN A 100 -5.73 -8.55 -6.24
C GLN A 100 -6.19 -8.68 -4.82
N GLY A 101 -5.30 -8.33 -3.86
CA GLY A 101 -5.64 -8.44 -2.47
C GLY A 101 -5.01 -9.69 -1.95
N SER A 102 -5.35 -10.07 -0.70
CA SER A 102 -4.80 -11.27 -0.12
C SER A 102 -5.61 -12.44 -0.66
N LYS A 103 -5.32 -13.66 -0.16
CA LYS A 103 -6.04 -14.83 -0.64
C LYS A 103 -7.50 -14.65 -0.31
N TYR A 104 -7.79 -14.22 0.94
CA TYR A 104 -9.14 -14.00 1.34
C TYR A 104 -9.10 -12.97 2.42
N ALA A 105 -9.91 -11.89 2.29
CA ALA A 105 -9.89 -10.86 3.30
C ALA A 105 -11.27 -10.28 3.39
N ALA A 106 -12.25 -11.08 3.82
CA ALA A 106 -13.60 -10.57 3.93
C ALA A 106 -14.39 -11.55 4.81
N ASP A 17 -3.01 20.93 1.03
CA ASP A 17 -1.67 21.38 1.51
C ASP A 17 -1.05 20.32 2.38
N LYS A 18 -0.90 19.09 1.83
CA LYS A 18 -0.32 18.02 2.57
C LYS A 18 1.07 17.84 2.05
N LYS A 19 2.05 17.70 2.96
CA LYS A 19 3.42 17.54 2.55
C LYS A 19 3.58 16.18 1.94
N VAL A 20 4.30 16.14 0.80
CA VAL A 20 4.56 14.91 0.12
C VAL A 20 6.04 14.72 0.25
N ILE A 21 6.45 13.54 0.70
CA ILE A 21 7.83 13.28 0.90
C ILE A 21 8.34 12.58 -0.31
N ALA A 22 7.51 11.72 -0.91
CA ALA A 22 7.95 11.03 -2.08
C ALA A 22 6.77 10.85 -2.98
N THR A 23 7.02 10.76 -4.29
CA THR A 23 5.97 10.61 -5.25
C THR A 23 5.80 9.15 -5.52
N LYS A 24 4.93 8.84 -6.50
CA LYS A 24 4.65 7.48 -6.89
C LYS A 24 5.91 6.68 -7.00
N VAL A 25 6.10 5.78 -6.02
CA VAL A 25 7.24 4.90 -6.01
C VAL A 25 6.71 3.52 -5.98
N LEU A 26 7.54 2.54 -6.34
CA LEU A 26 7.09 1.18 -6.35
C LEU A 26 7.64 0.54 -5.12
N GLY A 27 6.82 -0.27 -4.44
CA GLY A 27 7.27 -0.92 -3.24
C GLY A 27 6.66 -2.27 -3.19
N THR A 28 7.31 -3.17 -2.41
CA THR A 28 6.83 -4.52 -2.27
C THR A 28 6.23 -4.64 -0.90
N VAL A 29 4.99 -5.18 -0.81
CA VAL A 29 4.35 -5.34 0.47
C VAL A 29 4.99 -6.51 1.14
N LYS A 30 5.85 -6.22 2.15
CA LYS A 30 6.52 -7.28 2.84
C LYS A 30 5.55 -7.94 3.77
N TRP A 31 4.79 -7.11 4.53
CA TRP A 31 3.84 -7.68 5.47
C TRP A 31 2.62 -6.82 5.50
N PHE A 32 1.44 -7.47 5.54
CA PHE A 32 0.20 -6.75 5.63
C PHE A 32 -0.73 -7.64 6.37
N ASN A 33 -1.20 -7.18 7.55
CA ASN A 33 -2.08 -7.99 8.34
C ASN A 33 -3.48 -7.51 8.10
N VAL A 34 -4.35 -8.43 7.63
CA VAL A 34 -5.73 -8.09 7.35
C VAL A 34 -6.41 -7.71 8.63
N ARG A 35 -6.14 -8.46 9.72
CA ARG A 35 -6.77 -8.20 10.99
C ARG A 35 -6.37 -6.85 11.52
N ASN A 36 -5.08 -6.45 11.36
CA ASN A 36 -4.66 -5.18 11.86
C ASN A 36 -5.20 -4.09 10.97
N GLY A 37 -5.35 -4.40 9.67
CA GLY A 37 -5.86 -3.41 8.75
C GLY A 37 -4.71 -2.54 8.33
N TYR A 38 -3.47 -2.98 8.60
CA TYR A 38 -2.33 -2.19 8.23
C TYR A 38 -1.15 -3.10 8.12
N GLY A 39 -0.05 -2.60 7.51
CA GLY A 39 1.12 -3.41 7.33
C GLY A 39 2.24 -2.50 6.98
N PHE A 40 3.32 -3.09 6.41
CA PHE A 40 4.47 -2.30 6.04
C PHE A 40 4.82 -2.62 4.62
N ILE A 41 5.19 -1.57 3.85
CA ILE A 41 5.55 -1.75 2.47
C ILE A 41 6.97 -1.29 2.34
N ASN A 42 7.84 -2.13 1.74
CA ASN A 42 9.22 -1.77 1.58
C ASN A 42 9.36 -1.15 0.22
N ARG A 43 9.89 0.08 0.17
CA ARG A 43 10.06 0.75 -1.10
C ARG A 43 11.12 0.03 -1.86
N ASN A 44 10.84 -0.28 -3.13
CA ASN A 44 11.82 -0.99 -3.94
C ASN A 44 12.79 -0.01 -4.50
N ASP A 45 12.51 1.31 -4.37
CA ASP A 45 13.41 2.30 -4.93
C ASP A 45 14.33 2.85 -3.88
N THR A 46 13.89 2.91 -2.60
CA THR A 46 14.75 3.47 -1.57
C THR A 46 15.12 2.42 -0.58
N LYS A 47 14.39 1.27 -0.57
CA LYS A 47 14.67 0.20 0.36
C LYS A 47 14.40 0.69 1.75
N GLU A 48 13.28 1.39 1.89
CA GLU A 48 12.87 1.92 3.17
C GLU A 48 11.49 1.41 3.45
N ASP A 49 11.17 1.22 4.74
CA ASP A 49 9.86 0.72 5.11
C ASP A 49 8.92 1.89 5.23
N VAL A 50 7.69 1.73 4.71
CA VAL A 50 6.70 2.77 4.76
C VAL A 50 5.48 2.17 5.39
N PHE A 51 4.77 2.97 6.20
CA PHE A 51 3.60 2.49 6.88
C PHE A 51 2.44 2.62 5.94
N VAL A 52 1.62 1.54 5.82
CA VAL A 52 0.48 1.59 4.94
C VAL A 52 -0.72 1.23 5.76
N HIS A 53 -1.87 1.77 5.36
CA HIS A 53 -3.10 1.53 6.07
C HIS A 53 -4.11 1.11 5.05
N GLN A 54 -5.16 0.38 5.48
CA GLN A 54 -6.17 -0.09 4.58
C GLN A 54 -6.93 1.07 3.98
N THR A 55 -6.85 2.27 4.63
CA THR A 55 -7.56 3.42 4.11
C THR A 55 -6.68 4.16 3.16
N ALA A 56 -5.47 3.62 2.93
CA ALA A 56 -4.54 4.26 2.03
C ALA A 56 -4.62 3.56 0.71
N ILE A 57 -5.39 2.45 0.67
CA ILE A 57 -5.53 1.69 -0.54
C ILE A 57 -6.62 2.32 -1.34
N LYS A 58 -6.29 2.79 -2.56
CA LYS A 58 -7.27 3.45 -3.38
C LYS A 58 -7.85 2.45 -4.36
N LYS A 59 -7.00 1.59 -4.95
CA LYS A 59 -7.48 0.63 -5.92
C LYS A 59 -7.86 -0.63 -5.21
N ASN A 60 -9.06 -1.16 -5.54
CA ASN A 60 -9.53 -2.38 -4.92
C ASN A 60 -9.91 -3.31 -6.03
N ASN A 61 -9.98 -4.62 -5.72
CA ASN A 61 -10.34 -5.60 -6.72
C ASN A 61 -11.84 -5.54 -6.89
N PRO A 62 -12.30 -5.26 -8.10
CA PRO A 62 -13.73 -5.20 -8.40
C PRO A 62 -14.47 -6.48 -8.15
N ARG A 63 -13.79 -7.64 -8.36
CA ARG A 63 -14.43 -8.92 -8.20
C ARG A 63 -14.82 -9.13 -6.76
N LYS A 64 -13.95 -8.76 -5.81
CA LYS A 64 -14.27 -8.94 -4.42
C LYS A 64 -13.82 -7.72 -3.70
N TYR A 65 -14.67 -7.17 -2.81
CA TYR A 65 -14.29 -5.98 -2.10
C TYR A 65 -13.30 -6.38 -1.04
N LEU A 66 -12.05 -5.90 -1.19
CA LEU A 66 -11.03 -6.22 -0.23
C LEU A 66 -10.38 -4.94 0.17
N ARG A 67 -10.01 -4.85 1.46
CA ARG A 67 -9.37 -3.67 1.97
C ARG A 67 -7.97 -4.05 2.35
N SER A 68 -7.52 -5.21 1.85
CA SER A 68 -6.20 -5.69 2.17
C SER A 68 -5.46 -5.94 0.89
N VAL A 69 -4.12 -6.02 0.98
CA VAL A 69 -3.31 -6.25 -0.18
C VAL A 69 -2.61 -7.57 0.02
N GLY A 70 -2.06 -8.15 -1.07
CA GLY A 70 -1.40 -9.42 -0.96
C GLY A 70 0.05 -9.17 -0.70
N ASP A 71 0.64 -9.98 0.19
CA ASP A 71 2.04 -9.85 0.51
C ASP A 71 2.82 -10.32 -0.68
N GLY A 72 3.96 -9.64 -0.97
CA GLY A 72 4.77 -10.04 -2.09
C GLY A 72 4.34 -9.31 -3.32
N GLU A 73 3.22 -8.54 -3.24
CA GLU A 73 2.77 -7.82 -4.40
C GLU A 73 3.53 -6.54 -4.48
N THR A 74 3.80 -6.11 -5.73
CA THR A 74 4.49 -4.87 -5.95
C THR A 74 3.43 -3.87 -6.28
N VAL A 75 3.39 -2.75 -5.53
CA VAL A 75 2.37 -1.76 -5.76
C VAL A 75 3.03 -0.43 -5.88
N GLU A 76 2.31 0.56 -6.46
CA GLU A 76 2.86 1.88 -6.63
C GLU A 76 2.12 2.77 -5.67
N PHE A 77 2.84 3.71 -5.02
CA PHE A 77 2.16 4.56 -4.07
C PHE A 77 2.95 5.82 -3.85
N ASP A 78 2.26 6.85 -3.30
CA ASP A 78 2.90 8.12 -3.01
C ASP A 78 3.25 8.07 -1.56
N VAL A 79 4.31 8.79 -1.17
CA VAL A 79 4.70 8.78 0.21
C VAL A 79 4.41 10.14 0.76
N VAL A 80 3.62 10.20 1.83
CA VAL A 80 3.29 11.47 2.42
C VAL A 80 3.61 11.35 3.87
N GLU A 81 3.73 12.49 4.58
CA GLU A 81 4.07 12.45 5.98
C GLU A 81 2.90 11.85 6.73
N GLY A 82 3.22 11.02 7.74
CA GLY A 82 2.18 10.39 8.52
C GLY A 82 2.58 10.48 9.96
N GLU A 83 1.73 9.91 10.85
CA GLU A 83 2.00 9.95 12.26
C GLU A 83 3.16 9.03 12.56
N LYS A 84 3.49 8.12 11.62
CA LYS A 84 4.59 7.21 11.83
C LYS A 84 5.79 7.78 11.15
N GLY A 85 5.67 9.05 10.72
CA GLY A 85 6.76 9.71 10.05
C GLY A 85 6.43 9.71 8.59
N ALA A 86 6.54 8.52 7.97
CA ALA A 86 6.25 8.41 6.57
C ALA A 86 5.16 7.38 6.42
N GLU A 87 4.15 7.68 5.57
CA GLU A 87 3.08 6.74 5.37
C GLU A 87 2.77 6.73 3.90
N ALA A 88 2.21 5.60 3.41
CA ALA A 88 1.88 5.47 2.02
C ALA A 88 0.49 6.00 1.82
N ALA A 89 0.23 6.55 0.62
CA ALA A 89 -1.08 7.07 0.32
C ALA A 89 -1.29 6.85 -1.14
N ASN A 90 -2.58 6.69 -1.56
CA ASN A 90 -2.88 6.47 -2.95
C ASN A 90 -2.19 5.21 -3.39
N VAL A 91 -2.41 4.10 -2.63
CA VAL A 91 -1.76 2.86 -2.97
C VAL A 91 -2.58 2.20 -4.04
N THR A 92 -1.94 1.96 -5.20
CA THR A 92 -2.62 1.33 -6.30
C THR A 92 -1.67 0.31 -6.87
N GLY A 93 -2.19 -0.61 -7.70
CA GLY A 93 -1.32 -1.61 -8.29
C GLY A 93 -0.56 -0.93 -9.38
N PRO A 94 0.34 -1.68 -9.97
CA PRO A 94 1.18 -1.16 -11.02
C PRO A 94 0.39 -0.86 -12.27
N GLY A 95 0.51 0.39 -12.76
CA GLY A 95 -0.22 0.78 -13.94
C GLY A 95 -1.61 1.20 -13.53
N GLY A 96 -1.88 1.21 -12.21
CA GLY A 96 -3.18 1.62 -11.73
C GLY A 96 -4.12 0.45 -11.81
N VAL A 97 -3.59 -0.77 -11.96
CA VAL A 97 -4.44 -1.93 -12.03
C VAL A 97 -4.82 -2.32 -10.63
N PRO A 98 -5.95 -2.99 -10.49
CA PRO A 98 -6.44 -3.45 -9.19
C PRO A 98 -5.49 -4.41 -8.53
N VAL A 99 -5.49 -4.43 -7.17
CA VAL A 99 -4.60 -5.33 -6.47
C VAL A 99 -5.30 -6.65 -6.35
N GLN A 100 -4.51 -7.76 -6.36
CA GLN A 100 -5.08 -9.08 -6.26
C GLN A 100 -5.69 -9.24 -4.89
N GLY A 101 -4.99 -8.72 -3.86
CA GLY A 101 -5.49 -8.83 -2.51
C GLY A 101 -4.77 -9.96 -1.84
N SER A 102 -5.14 -10.22 -0.57
CA SER A 102 -4.52 -11.29 0.19
C SER A 102 -5.07 -12.58 -0.31
N LYS A 103 -4.49 -13.72 0.16
CA LYS A 103 -4.97 -15.03 -0.27
C LYS A 103 -6.40 -15.16 0.15
N TYR A 104 -6.72 -14.68 1.36
CA TYR A 104 -8.08 -14.73 1.83
C TYR A 104 -8.33 -13.42 2.51
N ALA A 105 -9.42 -12.73 2.12
CA ALA A 105 -9.73 -11.46 2.71
C ALA A 105 -11.22 -11.33 2.69
N ALA A 106 -11.77 -10.45 3.56
CA ALA A 106 -13.19 -10.25 3.61
C ALA A 106 -13.45 -8.97 4.40
N ASP A 17 -4.35 17.67 2.24
CA ASP A 17 -3.25 18.58 1.81
C ASP A 17 -2.06 18.45 2.73
N LYS A 18 -1.40 17.27 2.69
CA LYS A 18 -0.25 17.05 3.53
C LYS A 18 0.97 17.12 2.67
N LYS A 19 2.16 17.09 3.31
CA LYS A 19 3.39 17.16 2.58
C LYS A 19 3.62 15.83 1.90
N VAL A 20 4.11 15.89 0.65
CA VAL A 20 4.39 14.70 -0.09
C VAL A 20 5.86 14.54 -0.02
N ILE A 21 6.31 13.40 0.55
CA ILE A 21 7.72 13.17 0.70
C ILE A 21 8.20 12.48 -0.53
N ALA A 22 7.38 11.59 -1.10
CA ALA A 22 7.81 10.91 -2.28
C ALA A 22 6.60 10.71 -3.15
N THR A 23 6.84 10.61 -4.46
CA THR A 23 5.76 10.43 -5.39
C THR A 23 5.63 8.97 -5.64
N LYS A 24 4.73 8.63 -6.58
CA LYS A 24 4.46 7.25 -6.94
C LYS A 24 5.73 6.47 -7.06
N VAL A 25 5.96 5.60 -6.07
CA VAL A 25 7.12 4.75 -6.06
C VAL A 25 6.61 3.35 -6.00
N LEU A 26 7.48 2.39 -6.33
CA LEU A 26 7.08 1.01 -6.30
C LEU A 26 7.67 0.42 -5.06
N GLY A 27 6.85 -0.37 -4.34
CA GLY A 27 7.34 -0.97 -3.12
C GLY A 27 6.76 -2.34 -3.04
N THR A 28 7.41 -3.20 -2.25
CA THR A 28 6.96 -4.56 -2.09
C THR A 28 6.36 -4.68 -0.72
N VAL A 29 5.14 -5.25 -0.64
CA VAL A 29 4.48 -5.41 0.64
C VAL A 29 5.13 -6.57 1.32
N LYS A 30 6.02 -6.27 2.28
CA LYS A 30 6.71 -7.31 3.00
C LYS A 30 5.74 -7.98 3.93
N TRP A 31 4.92 -7.18 4.65
CA TRP A 31 4.00 -7.76 5.59
C TRP A 31 2.74 -6.96 5.58
N PHE A 32 1.58 -7.64 5.63
CA PHE A 32 0.31 -6.97 5.70
C PHE A 32 -0.60 -7.90 6.43
N ASN A 33 -1.16 -7.43 7.56
CA ASN A 33 -2.04 -8.27 8.33
C ASN A 33 -3.42 -7.67 8.26
N VAL A 34 -4.38 -8.47 7.75
CA VAL A 34 -5.74 -8.03 7.61
C VAL A 34 -6.30 -7.74 8.98
N ARG A 35 -5.96 -8.60 9.97
CA ARG A 35 -6.48 -8.44 11.31
C ARG A 35 -5.99 -7.14 11.90
N ASN A 36 -4.72 -6.76 11.65
CA ASN A 36 -4.21 -5.52 12.21
C ASN A 36 -4.82 -4.38 11.46
N GLY A 37 -5.13 -4.60 10.16
CA GLY A 37 -5.72 -3.56 9.36
C GLY A 37 -4.61 -2.69 8.85
N TYR A 38 -3.35 -3.16 8.96
CA TYR A 38 -2.25 -2.38 8.49
C TYR A 38 -1.09 -3.30 8.26
N GLY A 39 -0.06 -2.78 7.59
CA GLY A 39 1.09 -3.60 7.30
C GLY A 39 2.23 -2.69 7.03
N PHE A 40 3.33 -3.26 6.50
CA PHE A 40 4.49 -2.46 6.20
C PHE A 40 4.88 -2.75 4.78
N ILE A 41 5.24 -1.68 4.05
CA ILE A 41 5.63 -1.82 2.67
C ILE A 41 7.01 -1.26 2.56
N ASN A 42 7.93 -2.03 1.96
CA ASN A 42 9.29 -1.56 1.80
C ASN A 42 9.39 -0.99 0.41
N ARG A 43 9.91 0.25 0.32
CA ARG A 43 10.07 0.87 -0.97
C ARG A 43 11.14 0.10 -1.70
N ASN A 44 10.88 -0.25 -2.97
CA ASN A 44 11.86 -1.00 -3.71
C ASN A 44 12.78 -0.03 -4.41
N ASP A 45 12.49 1.28 -4.30
CA ASP A 45 13.31 2.26 -4.95
C ASP A 45 14.25 2.90 -3.96
N THR A 46 13.86 2.99 -2.67
CA THR A 46 14.72 3.63 -1.70
C THR A 46 15.09 2.66 -0.62
N LYS A 47 14.37 1.51 -0.51
CA LYS A 47 14.66 0.54 0.52
C LYS A 47 14.39 1.14 1.85
N GLU A 48 13.23 1.78 1.96
CA GLU A 48 12.82 2.41 3.19
C GLU A 48 11.50 1.82 3.57
N ASP A 49 11.21 1.77 4.89
CA ASP A 49 9.97 1.22 5.37
C ASP A 49 8.92 2.29 5.31
N VAL A 50 7.70 1.92 4.84
CA VAL A 50 6.62 2.86 4.77
C VAL A 50 5.43 2.21 5.41
N PHE A 51 4.64 3.01 6.15
CA PHE A 51 3.49 2.48 6.84
C PHE A 51 2.32 2.58 5.90
N VAL A 52 1.55 1.47 5.78
CA VAL A 52 0.40 1.48 4.89
C VAL A 52 -0.81 1.18 5.73
N HIS A 53 -1.97 1.62 5.23
CA HIS A 53 -3.20 1.43 5.95
C HIS A 53 -4.25 1.06 4.93
N GLN A 54 -5.38 0.52 5.41
CA GLN A 54 -6.46 0.11 4.54
C GLN A 54 -7.01 1.30 3.81
N THR A 55 -7.07 2.47 4.50
CA THR A 55 -7.62 3.65 3.89
C THR A 55 -6.63 4.26 2.94
N ALA A 56 -5.47 3.61 2.79
CA ALA A 56 -4.47 4.14 1.89
C ALA A 56 -4.68 3.49 0.55
N ILE A 57 -5.53 2.45 0.52
CA ILE A 57 -5.80 1.74 -0.71
C ILE A 57 -6.87 2.52 -1.42
N LYS A 58 -6.57 3.02 -2.64
CA LYS A 58 -7.53 3.81 -3.37
C LYS A 58 -8.30 2.93 -4.32
N LYS A 59 -7.61 2.00 -5.01
CA LYS A 59 -8.29 1.15 -5.97
C LYS A 59 -8.47 -0.22 -5.38
N ASN A 60 -9.67 -0.80 -5.60
CA ASN A 60 -9.97 -2.11 -5.10
C ASN A 60 -10.41 -2.93 -6.28
N ASN A 61 -10.16 -4.26 -6.23
CA ASN A 61 -10.55 -5.12 -7.33
C ASN A 61 -12.06 -5.21 -7.32
N PRO A 62 -12.68 -5.03 -8.47
CA PRO A 62 -14.14 -5.08 -8.58
C PRO A 62 -14.73 -6.44 -8.39
N ARG A 63 -13.98 -7.52 -8.70
CA ARG A 63 -14.50 -8.85 -8.55
C ARG A 63 -14.60 -9.14 -7.09
N LYS A 64 -13.60 -8.70 -6.32
CA LYS A 64 -13.59 -8.92 -4.90
C LYS A 64 -13.09 -7.67 -4.27
N TYR A 65 -13.99 -6.88 -3.65
CA TYR A 65 -13.55 -5.67 -3.03
C TYR A 65 -12.97 -6.05 -1.70
N LEU A 66 -11.65 -5.84 -1.55
CA LEU A 66 -10.99 -6.20 -0.32
C LEU A 66 -10.19 -5.01 0.10
N ARG A 67 -10.01 -4.85 1.43
CA ARG A 67 -9.25 -3.74 1.95
C ARG A 67 -7.87 -4.25 2.25
N SER A 68 -7.55 -5.44 1.71
CA SER A 68 -6.27 -6.04 1.93
C SER A 68 -5.46 -5.87 0.68
N VAL A 69 -4.13 -6.03 0.81
CA VAL A 69 -3.25 -5.89 -0.32
C VAL A 69 -2.56 -7.20 -0.50
N GLY A 70 -1.94 -7.41 -1.68
CA GLY A 70 -1.27 -8.66 -1.93
C GLY A 70 0.03 -8.66 -1.19
N ASP A 71 0.22 -9.70 -0.35
CA ASP A 71 1.43 -9.82 0.42
C ASP A 71 2.50 -10.35 -0.50
N GLY A 72 3.62 -9.59 -0.62
CA GLY A 72 4.72 -10.01 -1.46
C GLY A 72 4.52 -9.45 -2.84
N GLU A 73 3.45 -8.65 -3.05
CA GLU A 73 3.22 -8.08 -4.36
C GLU A 73 3.87 -6.73 -4.40
N THR A 74 4.26 -6.31 -5.62
CA THR A 74 4.86 -5.02 -5.80
C THR A 74 3.72 -4.10 -6.14
N VAL A 75 3.59 -2.98 -5.40
CA VAL A 75 2.51 -2.07 -5.64
C VAL A 75 3.08 -0.69 -5.81
N GLU A 76 2.27 0.23 -6.38
CA GLU A 76 2.71 1.58 -6.64
C GLU A 76 1.98 2.47 -5.68
N PHE A 77 2.71 3.37 -4.99
CA PHE A 77 2.04 4.23 -4.04
C PHE A 77 2.82 5.50 -3.86
N ASP A 78 2.13 6.54 -3.33
CA ASP A 78 2.75 7.83 -3.08
C ASP A 78 3.13 7.82 -1.63
N VAL A 79 4.18 8.58 -1.27
CA VAL A 79 4.60 8.59 0.10
C VAL A 79 4.32 9.97 0.62
N VAL A 80 3.54 10.06 1.71
CA VAL A 80 3.25 11.34 2.28
C VAL A 80 3.68 11.26 3.72
N GLU A 81 3.90 12.43 4.35
CA GLU A 81 4.33 12.41 5.73
C GLU A 81 3.21 11.92 6.59
N GLY A 82 3.56 11.18 7.64
CA GLY A 82 2.56 10.64 8.53
C GLY A 82 3.07 10.81 9.92
N GLU A 83 2.21 10.48 10.91
CA GLU A 83 2.59 10.60 12.30
C GLU A 83 3.67 9.60 12.62
N LYS A 84 3.69 8.47 11.88
CA LYS A 84 4.68 7.45 12.15
C LYS A 84 5.91 7.74 11.33
N GLY A 85 5.90 8.88 10.61
CA GLY A 85 7.03 9.26 9.81
C GLY A 85 6.58 9.31 8.39
N ALA A 86 6.51 8.13 7.74
CA ALA A 86 6.11 8.07 6.36
C ALA A 86 4.88 7.23 6.27
N GLU A 87 3.86 7.75 5.55
CA GLU A 87 2.63 7.01 5.38
C GLU A 87 2.39 6.87 3.91
N ALA A 88 2.01 5.65 3.49
CA ALA A 88 1.75 5.40 2.10
C ALA A 88 0.35 5.87 1.80
N ALA A 89 0.13 6.38 0.58
CA ALA A 89 -1.18 6.85 0.23
C ALA A 89 -1.36 6.59 -1.24
N ASN A 90 -2.64 6.41 -1.67
CA ASN A 90 -2.93 6.16 -3.07
C ASN A 90 -2.24 4.88 -3.47
N VAL A 91 -2.50 3.79 -2.72
CA VAL A 91 -1.87 2.52 -3.03
C VAL A 91 -2.64 1.88 -4.14
N THR A 92 -1.95 1.62 -5.27
CA THR A 92 -2.57 1.00 -6.41
C THR A 92 -1.59 0.00 -6.94
N GLY A 93 -2.04 -0.90 -7.84
CA GLY A 93 -1.15 -1.88 -8.40
C GLY A 93 -0.40 -1.19 -9.50
N PRO A 94 0.55 -1.90 -10.05
CA PRO A 94 1.35 -1.37 -11.14
C PRO A 94 0.56 -1.22 -12.40
N GLY A 95 0.72 -0.06 -13.08
CA GLY A 95 -0.01 0.18 -14.30
C GLY A 95 -1.28 0.87 -13.95
N GLY A 96 -1.57 1.03 -12.64
CA GLY A 96 -2.79 1.70 -12.22
C GLY A 96 -3.87 0.68 -12.07
N VAL A 97 -3.51 -0.62 -12.15
CA VAL A 97 -4.50 -1.66 -12.01
C VAL A 97 -4.82 -1.79 -10.54
N PRO A 98 -6.01 -2.26 -10.24
CA PRO A 98 -6.42 -2.45 -8.85
C PRO A 98 -5.70 -3.58 -8.19
N VAL A 99 -5.59 -3.53 -6.84
CA VAL A 99 -4.89 -4.56 -6.13
C VAL A 99 -5.83 -5.73 -5.98
N GLN A 100 -5.30 -6.95 -6.23
CA GLN A 100 -6.10 -8.14 -6.11
C GLN A 100 -6.44 -8.36 -4.67
N GLY A 101 -5.47 -8.09 -3.77
CA GLY A 101 -5.70 -8.29 -2.36
C GLY A 101 -5.01 -9.55 -1.97
N SER A 102 -5.44 -10.13 -0.83
CA SER A 102 -4.83 -11.36 -0.37
C SER A 102 -5.66 -12.49 -0.90
N LYS A 103 -5.40 -13.73 -0.41
CA LYS A 103 -6.14 -14.88 -0.86
C LYS A 103 -7.60 -14.68 -0.51
N TYR A 104 -7.85 -14.22 0.72
CA TYR A 104 -9.21 -14.00 1.13
C TYR A 104 -9.15 -12.94 2.20
N ALA A 105 -10.05 -11.94 2.14
CA ALA A 105 -10.03 -10.89 3.12
C ALA A 105 -11.43 -10.44 3.38
N ALA A 106 -12.26 -11.34 3.95
CA ALA A 106 -13.62 -10.97 4.24
C ALA A 106 -14.11 -11.86 5.39
N ASP A 17 -2.56 18.00 0.53
CA ASP A 17 -2.49 16.60 1.05
C ASP A 17 -1.25 16.40 1.86
N LYS A 18 -0.95 17.36 2.78
CA LYS A 18 0.22 17.27 3.62
C LYS A 18 1.44 17.37 2.76
N LYS A 19 2.61 17.09 3.36
CA LYS A 19 3.85 17.17 2.64
C LYS A 19 4.05 15.87 1.93
N VAL A 20 4.49 15.94 0.67
CA VAL A 20 4.74 14.76 -0.10
C VAL A 20 6.21 14.54 -0.01
N ILE A 21 6.61 13.38 0.56
CA ILE A 21 7.99 13.09 0.72
C ILE A 21 8.45 12.38 -0.50
N ALA A 22 7.59 11.52 -1.06
CA ALA A 22 7.98 10.80 -2.25
C ALA A 22 6.76 10.66 -3.11
N THR A 23 6.99 10.59 -4.43
CA THR A 23 5.89 10.47 -5.35
C THR A 23 5.69 9.02 -5.63
N LYS A 24 4.77 8.72 -6.56
CA LYS A 24 4.46 7.37 -6.95
C LYS A 24 5.71 6.57 -7.14
N VAL A 25 5.96 5.68 -6.17
CA VAL A 25 7.11 4.81 -6.22
C VAL A 25 6.60 3.42 -6.09
N LEU A 26 7.45 2.43 -6.46
CA LEU A 26 7.03 1.06 -6.36
C LEU A 26 7.65 0.51 -5.12
N GLY A 27 6.88 -0.31 -4.38
CA GLY A 27 7.39 -0.88 -3.16
C GLY A 27 6.87 -2.27 -3.05
N THR A 28 7.54 -3.07 -2.21
CA THR A 28 7.14 -4.46 -2.02
C THR A 28 6.51 -4.56 -0.65
N VAL A 29 5.32 -5.20 -0.59
CA VAL A 29 4.63 -5.36 0.67
C VAL A 29 5.31 -6.48 1.42
N LYS A 30 5.94 -6.14 2.57
CA LYS A 30 6.59 -7.17 3.35
C LYS A 30 5.53 -8.01 3.96
N TRP A 31 4.47 -7.35 4.46
CA TRP A 31 3.39 -8.07 5.07
C TRP A 31 2.27 -7.11 5.33
N PHE A 32 1.03 -7.63 5.27
CA PHE A 32 -0.13 -6.82 5.52
C PHE A 32 -1.09 -7.71 6.25
N ASN A 33 -1.50 -7.29 7.46
CA ASN A 33 -2.42 -8.11 8.22
C ASN A 33 -3.80 -7.57 7.98
N VAL A 34 -4.69 -8.44 7.46
CA VAL A 34 -6.05 -8.04 7.18
C VAL A 34 -6.72 -7.67 8.47
N ARG A 35 -6.44 -8.44 9.55
CA ARG A 35 -7.07 -8.19 10.83
C ARG A 35 -6.65 -6.85 11.37
N ASN A 36 -5.36 -6.47 11.20
CA ASN A 36 -4.92 -5.19 11.73
C ASN A 36 -5.46 -4.11 10.85
N GLY A 37 -5.61 -4.41 9.54
CA GLY A 37 -6.11 -3.43 8.63
C GLY A 37 -4.96 -2.56 8.20
N TYR A 38 -3.72 -3.02 8.47
CA TYR A 38 -2.57 -2.25 8.10
C TYR A 38 -1.40 -3.17 8.00
N GLY A 39 -0.31 -2.70 7.40
CA GLY A 39 0.86 -3.52 7.23
C GLY A 39 2.01 -2.62 6.94
N PHE A 40 3.11 -3.20 6.41
CA PHE A 40 4.27 -2.39 6.11
C PHE A 40 4.67 -2.66 4.69
N ILE A 41 5.05 -1.59 3.97
CA ILE A 41 5.47 -1.72 2.60
C ILE A 41 6.82 -1.06 2.51
N ASN A 42 7.81 -1.78 1.93
CA ASN A 42 9.12 -1.22 1.82
C ASN A 42 9.29 -0.70 0.43
N ARG A 43 9.84 0.52 0.31
CA ARG A 43 10.05 1.09 -1.00
C ARG A 43 11.14 0.31 -1.67
N ASN A 44 10.95 -0.03 -2.96
CA ASN A 44 11.96 -0.78 -3.66
C ASN A 44 12.97 0.19 -4.23
N ASP A 45 12.72 1.51 -4.09
CA ASP A 45 13.63 2.47 -4.64
C ASP A 45 14.60 2.97 -3.60
N THR A 46 14.12 3.17 -2.34
CA THR A 46 14.99 3.68 -1.31
C THR A 46 15.21 2.64 -0.25
N LYS A 47 14.41 1.55 -0.27
CA LYS A 47 14.54 0.52 0.73
C LYS A 47 14.16 1.07 2.07
N GLU A 48 13.28 2.08 2.04
CA GLU A 48 12.81 2.68 3.26
C GLU A 48 11.51 2.04 3.61
N ASP A 49 11.20 1.97 4.93
CA ASP A 49 9.99 1.36 5.38
C ASP A 49 8.90 2.40 5.30
N VAL A 50 7.69 1.99 4.84
CA VAL A 50 6.59 2.91 4.75
C VAL A 50 5.41 2.25 5.39
N PHE A 51 4.59 3.05 6.10
CA PHE A 51 3.44 2.52 6.79
C PHE A 51 2.28 2.65 5.84
N VAL A 52 1.50 1.55 5.69
CA VAL A 52 0.35 1.58 4.81
C VAL A 52 -0.84 1.23 5.64
N HIS A 53 -2.01 1.70 5.19
CA HIS A 53 -3.24 1.47 5.91
C HIS A 53 -4.27 1.10 4.88
N GLN A 54 -5.35 0.41 5.31
CA GLN A 54 -6.39 -0.01 4.39
C GLN A 54 -7.09 1.20 3.83
N THR A 55 -6.96 2.37 4.47
CA THR A 55 -7.63 3.56 3.97
C THR A 55 -6.71 4.25 3.00
N ALA A 56 -5.55 3.65 2.75
CA ALA A 56 -4.59 4.24 1.84
C ALA A 56 -4.73 3.54 0.52
N ILE A 57 -5.59 2.50 0.47
CA ILE A 57 -5.77 1.76 -0.76
C ILE A 57 -6.78 2.52 -1.58
N LYS A 58 -6.35 2.98 -2.77
CA LYS A 58 -7.23 3.76 -3.62
C LYS A 58 -8.06 2.86 -4.49
N LYS A 59 -7.46 1.80 -5.07
CA LYS A 59 -8.20 0.94 -5.96
C LYS A 59 -8.45 -0.38 -5.30
N ASN A 60 -9.69 -0.91 -5.47
CA ASN A 60 -10.06 -2.17 -4.89
C ASN A 60 -10.66 -2.98 -6.00
N ASN A 61 -10.69 -4.33 -5.85
CA ASN A 61 -11.26 -5.16 -6.87
C ASN A 61 -12.77 -4.98 -6.83
N PRO A 62 -13.39 -4.94 -7.98
CA PRO A 62 -14.83 -4.78 -8.07
C PRO A 62 -15.59 -6.04 -7.78
N ARG A 63 -14.96 -7.21 -8.06
CA ARG A 63 -15.63 -8.48 -7.85
C ARG A 63 -15.77 -8.72 -6.37
N LYS A 64 -14.71 -8.41 -5.61
CA LYS A 64 -14.76 -8.60 -4.18
C LYS A 64 -14.12 -7.41 -3.56
N TYR A 65 -14.71 -6.90 -2.46
CA TYR A 65 -14.15 -5.75 -1.81
C TYR A 65 -13.05 -6.23 -0.90
N LEU A 66 -11.81 -5.82 -1.20
CA LEU A 66 -10.70 -6.23 -0.38
C LEU A 66 -10.04 -4.98 0.13
N ARG A 67 -9.70 -4.99 1.42
CA ARG A 67 -9.08 -3.85 2.05
C ARG A 67 -7.67 -4.24 2.41
N SER A 68 -7.19 -5.33 1.81
CA SER A 68 -5.86 -5.82 2.10
C SER A 68 -5.11 -5.96 0.81
N VAL A 69 -3.77 -6.03 0.92
CA VAL A 69 -2.93 -6.18 -0.24
C VAL A 69 -2.16 -7.46 -0.05
N GLY A 70 -1.73 -8.05 -1.18
CA GLY A 70 -1.03 -9.31 -1.13
C GLY A 70 0.37 -9.10 -0.63
N ASP A 71 0.88 -10.10 0.12
CA ASP A 71 2.21 -10.03 0.65
C ASP A 71 3.16 -10.36 -0.47
N GLY A 72 4.24 -9.57 -0.62
CA GLY A 72 5.21 -9.82 -1.65
C GLY A 72 4.71 -9.21 -2.93
N GLU A 73 3.53 -8.55 -2.90
CA GLU A 73 2.99 -7.95 -4.06
C GLU A 73 3.62 -6.60 -4.22
N THR A 74 3.98 -6.26 -5.47
CA THR A 74 4.60 -4.98 -5.73
C THR A 74 3.47 -4.02 -5.99
N VAL A 75 3.50 -2.87 -5.29
CA VAL A 75 2.44 -1.89 -5.45
C VAL A 75 3.06 -0.56 -5.74
N GLU A 76 2.23 0.34 -6.32
CA GLU A 76 2.68 1.67 -6.67
C GLU A 76 1.99 2.59 -5.72
N PHE A 77 2.74 3.49 -5.05
CA PHE A 77 2.10 4.38 -4.11
C PHE A 77 2.92 5.62 -3.91
N ASP A 78 2.27 6.69 -3.38
CA ASP A 78 2.94 7.94 -3.11
C ASP A 78 3.26 7.91 -1.65
N VAL A 79 4.30 8.64 -1.24
CA VAL A 79 4.67 8.64 0.15
C VAL A 79 4.46 10.03 0.64
N VAL A 80 3.67 10.17 1.73
CA VAL A 80 3.41 11.46 2.28
C VAL A 80 3.82 11.37 3.72
N GLU A 81 4.08 12.52 4.36
CA GLU A 81 4.50 12.51 5.74
C GLU A 81 3.33 12.09 6.57
N GLY A 82 3.60 11.25 7.59
CA GLY A 82 2.55 10.78 8.46
C GLY A 82 3.04 10.88 9.87
N GLU A 83 2.18 10.48 10.83
CA GLU A 83 2.52 10.54 12.23
C GLU A 83 3.65 9.58 12.50
N LYS A 84 3.67 8.43 11.81
CA LYS A 84 4.70 7.45 12.03
C LYS A 84 5.91 7.80 11.20
N GLY A 85 5.87 8.98 10.56
CA GLY A 85 6.98 9.43 9.77
C GLY A 85 6.57 9.41 8.33
N ALA A 86 6.47 8.20 7.74
CA ALA A 86 6.10 8.10 6.35
C ALA A 86 4.85 7.28 6.26
N GLU A 87 3.86 7.79 5.49
CA GLU A 87 2.62 7.09 5.32
C GLU A 87 2.39 6.96 3.85
N ALA A 88 1.98 5.75 3.42
CA ALA A 88 1.73 5.51 2.01
C ALA A 88 0.36 6.03 1.72
N ALA A 89 0.15 6.53 0.47
CA ALA A 89 -1.14 7.03 0.10
C ALA A 89 -1.34 6.71 -1.35
N ASN A 90 -2.63 6.55 -1.75
CA ASN A 90 -2.96 6.22 -3.13
C ASN A 90 -2.25 4.96 -3.51
N VAL A 91 -2.42 3.89 -2.69
CA VAL A 91 -1.77 2.65 -2.98
C VAL A 91 -2.56 1.93 -4.03
N THR A 92 -1.92 1.67 -5.18
CA THR A 92 -2.57 0.98 -6.26
C THR A 92 -1.58 -0.01 -6.80
N GLY A 93 -2.04 -0.93 -7.67
CA GLY A 93 -1.13 -1.88 -8.26
C GLY A 93 -0.49 -1.19 -9.41
N PRO A 94 0.40 -1.89 -10.05
CA PRO A 94 1.11 -1.36 -11.19
C PRO A 94 0.22 -1.18 -12.39
N GLY A 95 0.33 -0.02 -13.07
CA GLY A 95 -0.49 0.22 -14.22
C GLY A 95 -1.80 0.80 -13.76
N GLY A 96 -1.98 0.98 -12.43
CA GLY A 96 -3.20 1.55 -11.91
C GLY A 96 -4.20 0.45 -11.70
N VAL A 97 -3.76 -0.83 -11.82
CA VAL A 97 -4.65 -1.94 -11.62
C VAL A 97 -4.90 -2.09 -10.14
N PRO A 98 -6.02 -2.68 -9.78
CA PRO A 98 -6.34 -2.91 -8.38
C PRO A 98 -5.47 -3.95 -7.76
N VAL A 99 -5.39 -3.97 -6.41
CA VAL A 99 -4.56 -4.93 -5.72
C VAL A 99 -5.17 -6.30 -5.90
N GLN A 100 -4.30 -7.30 -6.17
CA GLN A 100 -4.77 -8.65 -6.38
C GLN A 100 -5.37 -9.16 -5.10
N GLY A 101 -4.72 -8.86 -3.97
CA GLY A 101 -5.21 -9.31 -2.69
C GLY A 101 -4.26 -10.36 -2.20
N SER A 102 -4.61 -11.01 -1.06
CA SER A 102 -3.75 -12.02 -0.49
C SER A 102 -4.35 -13.36 -0.83
N LYS A 103 -3.88 -14.42 -0.13
CA LYS A 103 -4.39 -15.75 -0.38
C LYS A 103 -5.85 -15.76 -0.06
N TYR A 104 -6.21 -15.15 1.08
CA TYR A 104 -7.60 -15.10 1.48
C TYR A 104 -7.81 -13.74 2.07
N ALA A 105 -8.89 -13.06 1.64
CA ALA A 105 -9.17 -11.75 2.14
C ALA A 105 -10.66 -11.61 2.20
N ALA A 106 -11.16 -10.70 3.06
CA ALA A 106 -12.57 -10.49 3.17
C ALA A 106 -12.79 -9.15 3.88
N ASP A 17 -3.58 18.51 2.41
CA ASP A 17 -2.37 19.19 1.89
C ASP A 17 -1.19 18.92 2.79
N LYS A 18 -0.66 17.69 2.76
CA LYS A 18 0.46 17.34 3.59
C LYS A 18 1.69 17.32 2.71
N LYS A 19 2.86 17.19 3.35
CA LYS A 19 4.10 17.15 2.61
C LYS A 19 4.21 15.83 1.91
N VAL A 20 4.70 15.87 0.67
CA VAL A 20 4.88 14.68 -0.10
C VAL A 20 6.35 14.41 -0.07
N ILE A 21 6.73 13.24 0.48
CA ILE A 21 8.11 12.91 0.59
C ILE A 21 8.52 12.21 -0.66
N ALA A 22 7.63 11.40 -1.22
CA ALA A 22 7.97 10.70 -2.42
C ALA A 22 6.74 10.58 -3.26
N THR A 23 6.93 10.50 -4.59
CA THR A 23 5.82 10.40 -5.49
C THR A 23 5.61 8.95 -5.78
N LYS A 24 4.69 8.67 -6.71
CA LYS A 24 4.36 7.32 -7.12
C LYS A 24 5.61 6.50 -7.28
N VAL A 25 5.87 5.63 -6.29
CA VAL A 25 7.01 4.77 -6.33
C VAL A 25 6.50 3.38 -6.19
N LEU A 26 7.34 2.39 -6.57
CA LEU A 26 6.94 1.02 -6.47
C LEU A 26 7.56 0.47 -5.22
N GLY A 27 6.80 -0.34 -4.47
CA GLY A 27 7.32 -0.91 -3.26
C GLY A 27 6.80 -2.29 -3.15
N THR A 28 7.47 -3.11 -2.32
CA THR A 28 7.07 -4.48 -2.13
C THR A 28 6.46 -4.57 -0.77
N VAL A 29 5.25 -5.17 -0.69
CA VAL A 29 4.55 -5.30 0.58
C VAL A 29 5.27 -6.33 1.39
N LYS A 30 5.83 -5.91 2.55
CA LYS A 30 6.52 -6.83 3.41
C LYS A 30 5.50 -7.75 3.97
N TRP A 31 4.36 -7.17 4.41
CA TRP A 31 3.30 -7.96 4.95
C TRP A 31 2.15 -7.03 5.23
N PHE A 32 0.93 -7.59 5.22
CA PHE A 32 -0.25 -6.81 5.49
C PHE A 32 -1.14 -7.70 6.29
N ASN A 33 -1.51 -7.26 7.52
CA ASN A 33 -2.37 -8.09 8.33
C ASN A 33 -3.78 -7.61 8.10
N VAL A 34 -4.64 -8.53 7.62
CA VAL A 34 -6.02 -8.19 7.35
C VAL A 34 -6.67 -7.82 8.65
N ARG A 35 -6.35 -8.55 9.73
CA ARG A 35 -6.95 -8.29 11.03
C ARG A 35 -6.60 -6.91 11.50
N ASN A 36 -5.32 -6.48 11.36
CA ASN A 36 -4.93 -5.18 11.82
C ASN A 36 -5.50 -4.15 10.90
N GLY A 37 -5.65 -4.50 9.61
CA GLY A 37 -6.18 -3.57 8.66
C GLY A 37 -5.06 -2.67 8.21
N TYR A 38 -3.81 -3.08 8.51
CA TYR A 38 -2.68 -2.29 8.11
C TYR A 38 -1.48 -3.18 8.06
N GLY A 39 -0.39 -2.67 7.44
CA GLY A 39 0.80 -3.46 7.32
C GLY A 39 1.91 -2.53 6.95
N PHE A 40 3.01 -3.09 6.42
CA PHE A 40 4.14 -2.28 6.04
C PHE A 40 4.52 -2.61 4.63
N ILE A 41 4.89 -1.56 3.85
CA ILE A 41 5.29 -1.76 2.49
C ILE A 41 6.67 -1.20 2.38
N ASN A 42 7.63 -2.00 1.88
CA ASN A 42 8.98 -1.53 1.77
C ASN A 42 9.09 -0.86 0.44
N ARG A 43 9.45 0.44 0.46
CA ARG A 43 9.58 1.17 -0.78
C ARG A 43 10.88 0.74 -1.39
N ASN A 44 10.84 0.32 -2.66
CA ASN A 44 12.05 -0.14 -3.31
C ASN A 44 12.84 1.06 -3.76
N ASP A 45 12.28 2.27 -3.57
CA ASP A 45 12.95 3.47 -3.96
C ASP A 45 14.13 3.72 -3.06
N THR A 46 13.96 3.51 -1.73
CA THR A 46 15.06 3.77 -0.82
C THR A 46 15.09 2.73 0.28
N LYS A 47 14.05 1.86 0.38
CA LYS A 47 14.01 0.82 1.40
C LYS A 47 13.98 1.45 2.76
N GLU A 48 13.18 2.51 2.91
CA GLU A 48 13.08 3.18 4.19
C GLU A 48 11.90 2.64 4.93
N ASP A 49 11.11 1.81 4.22
CA ASP A 49 9.93 1.21 4.80
C ASP A 49 8.85 2.27 4.89
N VAL A 50 7.62 1.92 4.45
CA VAL A 50 6.52 2.86 4.49
C VAL A 50 5.37 2.19 5.17
N PHE A 51 4.62 2.96 5.96
CA PHE A 51 3.48 2.44 6.68
C PHE A 51 2.29 2.58 5.77
N VAL A 52 1.49 1.50 5.65
CA VAL A 52 0.32 1.54 4.80
C VAL A 52 -0.86 1.21 5.64
N HIS A 53 -2.04 1.69 5.21
CA HIS A 53 -3.24 1.47 5.94
C HIS A 53 -4.31 1.17 4.91
N GLN A 54 -5.39 0.49 5.35
CA GLN A 54 -6.46 0.14 4.43
C GLN A 54 -7.14 1.39 3.91
N THR A 55 -6.94 2.55 4.58
CA THR A 55 -7.56 3.76 4.14
C THR A 55 -6.67 4.43 3.14
N ALA A 56 -5.54 3.79 2.83
CA ALA A 56 -4.59 4.36 1.89
C ALA A 56 -4.79 3.69 0.57
N ILE A 57 -5.68 2.68 0.52
CA ILE A 57 -5.93 1.96 -0.70
C ILE A 57 -6.91 2.77 -1.50
N LYS A 58 -6.48 3.21 -2.70
CA LYS A 58 -7.33 4.02 -3.54
C LYS A 58 -8.22 3.15 -4.39
N LYS A 59 -7.66 2.06 -4.97
CA LYS A 59 -8.47 1.23 -5.82
C LYS A 59 -8.59 -0.14 -5.19
N ASN A 60 -9.80 -0.72 -5.31
CA ASN A 60 -10.06 -2.02 -4.75
C ASN A 60 -10.45 -2.93 -5.88
N ASN A 61 -10.30 -4.25 -5.67
CA ASN A 61 -10.65 -5.21 -6.68
C ASN A 61 -12.16 -5.19 -6.81
N PRO A 62 -12.66 -5.00 -8.02
CA PRO A 62 -14.09 -4.96 -8.26
C PRO A 62 -14.79 -6.29 -8.12
N ARG A 63 -14.04 -7.40 -8.33
CA ARG A 63 -14.65 -8.70 -8.22
C ARG A 63 -14.98 -8.99 -6.78
N LYS A 64 -14.06 -8.62 -5.87
CA LYS A 64 -14.29 -8.84 -4.46
C LYS A 64 -13.79 -7.63 -3.76
N TYR A 65 -14.60 -7.05 -2.85
CA TYR A 65 -14.16 -5.88 -2.14
C TYR A 65 -13.19 -6.33 -1.10
N LEU A 66 -11.91 -5.90 -1.25
CA LEU A 66 -10.91 -6.27 -0.29
C LEU A 66 -10.27 -5.01 0.18
N ARG A 67 -9.96 -4.97 1.50
CA ARG A 67 -9.34 -3.81 2.08
C ARG A 67 -7.92 -4.17 2.39
N SER A 68 -7.44 -5.28 1.78
CA SER A 68 -6.10 -5.74 2.03
C SER A 68 -5.40 -5.88 0.70
N VAL A 69 -4.05 -5.94 0.75
CA VAL A 69 -3.27 -6.07 -0.45
C VAL A 69 -2.51 -7.36 -0.34
N GLY A 70 -1.98 -7.84 -1.49
CA GLY A 70 -1.26 -9.09 -1.50
C GLY A 70 0.08 -8.91 -0.86
N ASP A 71 0.48 -9.92 -0.06
CA ASP A 71 1.74 -9.89 0.62
C ASP A 71 2.81 -10.29 -0.38
N GLY A 72 3.93 -9.53 -0.42
CA GLY A 72 5.00 -9.86 -1.32
C GLY A 72 4.70 -9.30 -2.69
N GLU A 73 3.56 -8.61 -2.83
CA GLU A 73 3.21 -8.06 -4.12
C GLU A 73 3.86 -6.72 -4.26
N THR A 74 3.97 -6.25 -5.52
CA THR A 74 4.56 -4.98 -5.80
C THR A 74 3.43 -4.05 -6.08
N VAL A 75 3.40 -2.89 -5.39
CA VAL A 75 2.33 -1.95 -5.57
C VAL A 75 2.93 -0.59 -5.84
N GLU A 76 2.12 0.32 -6.42
CA GLU A 76 2.58 1.65 -6.74
C GLU A 76 1.89 2.57 -5.78
N PHE A 77 2.64 3.47 -5.12
CA PHE A 77 2.00 4.36 -4.17
C PHE A 77 2.82 5.60 -3.97
N ASP A 78 2.15 6.66 -3.44
CA ASP A 78 2.80 7.92 -3.16
C ASP A 78 3.21 7.85 -1.72
N VAL A 79 4.29 8.56 -1.36
CA VAL A 79 4.73 8.54 0.00
C VAL A 79 4.54 9.92 0.54
N VAL A 80 3.80 10.04 1.65
CA VAL A 80 3.57 11.33 2.24
C VAL A 80 4.00 11.20 3.67
N GLU A 81 4.29 12.34 4.33
CA GLU A 81 4.72 12.29 5.69
C GLU A 81 3.55 11.86 6.55
N GLY A 82 3.83 11.03 7.57
CA GLY A 82 2.78 10.56 8.43
C GLY A 82 3.31 10.53 9.84
N GLU A 83 2.46 10.10 10.78
CA GLU A 83 2.84 10.04 12.18
C GLU A 83 3.88 8.95 12.35
N LYS A 84 3.85 7.94 11.45
CA LYS A 84 4.80 6.86 11.55
C LYS A 84 6.03 7.23 10.77
N GLY A 85 6.09 8.51 10.35
CA GLY A 85 7.22 8.99 9.60
C GLY A 85 6.80 9.07 8.17
N ALA A 86 6.64 7.89 7.53
CA ALA A 86 6.26 7.85 6.15
C ALA A 86 4.98 7.08 6.07
N GLU A 87 3.97 7.66 5.38
CA GLU A 87 2.70 7.00 5.22
C GLU A 87 2.44 6.87 3.75
N ALA A 88 1.99 5.68 3.33
CA ALA A 88 1.71 5.44 1.94
C ALA A 88 0.35 6.01 1.65
N ALA A 89 0.15 6.53 0.42
CA ALA A 89 -1.12 7.09 0.06
C ALA A 89 -1.37 6.75 -1.38
N ASN A 90 -2.66 6.60 -1.75
CA ASN A 90 -3.04 6.29 -3.12
C ASN A 90 -2.35 5.01 -3.52
N VAL A 91 -2.52 3.94 -2.70
CA VAL A 91 -1.89 2.68 -3.00
C VAL A 91 -2.70 2.01 -4.07
N THR A 92 -2.05 1.71 -5.21
CA THR A 92 -2.71 1.05 -6.31
C THR A 92 -1.76 0.01 -6.82
N GLY A 93 -2.26 -0.91 -7.68
CA GLY A 93 -1.41 -1.93 -8.22
C GLY A 93 -0.65 -1.31 -9.36
N PRO A 94 0.24 -2.09 -9.92
CA PRO A 94 1.05 -1.63 -11.02
C PRO A 94 0.24 -1.41 -12.27
N GLY A 95 0.47 -0.28 -12.95
CA GLY A 95 -0.27 0.02 -14.16
C GLY A 95 -1.56 0.66 -13.75
N GLY A 96 -1.78 0.85 -12.43
CA GLY A 96 -3.00 1.47 -11.96
C GLY A 96 -4.08 0.43 -11.91
N VAL A 97 -3.71 -0.86 -11.96
CA VAL A 97 -4.69 -1.91 -11.91
C VAL A 97 -5.07 -2.14 -10.47
N PRO A 98 -6.25 -2.67 -10.25
CA PRO A 98 -6.73 -2.98 -8.90
C PRO A 98 -5.86 -3.97 -8.19
N VAL A 99 -5.86 -3.90 -6.84
CA VAL A 99 -5.03 -4.82 -6.07
C VAL A 99 -5.58 -6.21 -6.24
N GLN A 100 -4.67 -7.19 -6.44
CA GLN A 100 -5.08 -8.56 -6.63
C GLN A 100 -5.66 -9.08 -5.35
N GLY A 101 -5.03 -8.71 -4.22
CA GLY A 101 -5.49 -9.17 -2.94
C GLY A 101 -4.52 -10.20 -2.47
N SER A 102 -4.85 -10.92 -1.38
CA SER A 102 -3.96 -11.91 -0.84
C SER A 102 -4.66 -13.25 -0.96
N LYS A 103 -3.96 -14.33 -0.55
CA LYS A 103 -4.54 -15.65 -0.62
C LYS A 103 -5.73 -15.71 0.29
N TYR A 104 -5.61 -15.07 1.48
CA TYR A 104 -6.70 -15.04 2.41
C TYR A 104 -7.12 -13.61 2.54
N ALA A 105 -8.44 -13.34 2.44
CA ALA A 105 -8.91 -12.00 2.53
C ALA A 105 -10.25 -12.04 3.21
N ALA A 106 -10.63 -10.92 3.86
CA ALA A 106 -11.90 -10.84 4.54
C ALA A 106 -11.90 -11.89 5.68
N ASP A 17 -4.32 17.66 2.12
CA ASP A 17 -3.29 18.72 1.84
C ASP A 17 -2.11 18.56 2.76
N LYS A 18 -1.49 17.36 2.75
CA LYS A 18 -0.34 17.11 3.58
C LYS A 18 0.88 17.15 2.72
N LYS A 19 2.06 17.12 3.37
CA LYS A 19 3.30 17.16 2.63
C LYS A 19 3.51 15.83 1.97
N VAL A 20 4.06 15.86 0.75
CA VAL A 20 4.35 14.66 0.03
C VAL A 20 5.83 14.49 0.13
N ILE A 21 6.27 13.32 0.62
CA ILE A 21 7.66 13.08 0.79
C ILE A 21 8.15 12.38 -0.43
N ALA A 22 7.31 11.51 -1.01
CA ALA A 22 7.72 10.81 -2.18
C ALA A 22 6.52 10.64 -3.05
N THR A 23 6.76 10.56 -4.38
CA THR A 23 5.68 10.42 -5.31
C THR A 23 5.52 8.96 -5.56
N LYS A 24 4.63 8.63 -6.53
CA LYS A 24 4.34 7.27 -6.90
C LYS A 24 5.63 6.51 -7.07
N VAL A 25 5.91 5.63 -6.09
CA VAL A 25 7.08 4.80 -6.12
C VAL A 25 6.61 3.39 -6.05
N LEU A 26 7.49 2.45 -6.42
CA LEU A 26 7.11 1.06 -6.38
C LEU A 26 7.72 0.47 -5.14
N GLY A 27 6.94 -0.37 -4.44
CA GLY A 27 7.45 -0.96 -3.24
C GLY A 27 6.90 -2.35 -3.14
N THR A 28 7.57 -3.18 -2.31
CA THR A 28 7.15 -4.54 -2.13
C THR A 28 6.50 -4.64 -0.79
N VAL A 29 5.28 -5.22 -0.74
CA VAL A 29 4.58 -5.34 0.52
C VAL A 29 5.16 -6.50 1.24
N LYS A 30 5.86 -6.21 2.38
CA LYS A 30 6.46 -7.26 3.16
C LYS A 30 5.36 -8.10 3.73
N TRP A 31 4.32 -7.41 4.26
CA TRP A 31 3.21 -8.13 4.83
C TRP A 31 2.14 -7.14 5.16
N PHE A 32 0.89 -7.62 5.24
CA PHE A 32 -0.23 -6.78 5.58
C PHE A 32 -1.14 -7.64 6.38
N ASN A 33 -1.44 -7.23 7.63
CA ASN A 33 -2.30 -8.02 8.46
C ASN A 33 -3.64 -7.38 8.45
N VAL A 34 -4.66 -8.15 8.00
CA VAL A 34 -6.02 -7.65 7.94
C VAL A 34 -6.50 -7.39 9.33
N ARG A 35 -6.16 -8.28 10.28
CA ARG A 35 -6.59 -8.14 11.65
C ARG A 35 -6.04 -6.87 12.25
N ASN A 36 -4.76 -6.54 11.94
CA ASN A 36 -4.17 -5.34 12.49
C ASN A 36 -4.76 -4.16 11.78
N GLY A 37 -5.12 -4.36 10.49
CA GLY A 37 -5.69 -3.28 9.73
C GLY A 37 -4.59 -2.48 9.14
N TYR A 38 -3.34 -3.01 9.19
CA TYR A 38 -2.23 -2.28 8.64
C TYR A 38 -1.14 -3.25 8.33
N GLY A 39 -0.13 -2.77 7.57
CA GLY A 39 0.96 -3.63 7.20
C GLY A 39 2.14 -2.74 6.95
N PHE A 40 3.22 -3.34 6.39
CA PHE A 40 4.40 -2.56 6.12
C PHE A 40 4.79 -2.80 4.70
N ILE A 41 5.18 -1.72 4.00
CA ILE A 41 5.58 -1.83 2.62
C ILE A 41 6.98 -1.30 2.52
N ASN A 42 7.88 -2.08 1.87
CA ASN A 42 9.25 -1.64 1.74
C ASN A 42 9.38 -0.99 0.39
N ARG A 43 9.92 0.24 0.36
CA ARG A 43 10.11 0.92 -0.91
C ARG A 43 11.19 0.20 -1.64
N ASN A 44 10.96 -0.12 -2.93
CA ASN A 44 11.96 -0.82 -3.70
C ASN A 44 12.95 0.18 -4.25
N ASP A 45 12.65 1.49 -4.12
CA ASP A 45 13.54 2.48 -4.67
C ASP A 45 14.43 3.05 -3.61
N THR A 46 13.96 3.14 -2.33
CA THR A 46 14.78 3.72 -1.30
C THR A 46 15.12 2.68 -0.26
N LYS A 47 14.39 1.53 -0.27
CA LYS A 47 14.65 0.48 0.71
C LYS A 47 14.34 1.00 2.07
N GLU A 48 13.20 1.70 2.17
CA GLU A 48 12.76 2.25 3.43
C GLU A 48 11.41 1.68 3.73
N ASP A 49 11.08 1.58 5.04
CA ASP A 49 9.81 1.03 5.44
C ASP A 49 8.79 2.13 5.38
N VAL A 50 7.57 1.79 4.91
CA VAL A 50 6.51 2.77 4.82
C VAL A 50 5.32 2.15 5.47
N PHE A 51 4.56 2.97 6.21
CA PHE A 51 3.38 2.50 6.90
C PHE A 51 2.22 2.62 5.95
N VAL A 52 1.42 1.54 5.82
CA VAL A 52 0.29 1.59 4.93
C VAL A 52 -0.95 1.37 5.75
N HIS A 53 -2.05 1.98 5.30
CA HIS A 53 -3.30 1.88 6.02
C HIS A 53 -4.36 1.42 5.06
N GLN A 54 -5.53 1.04 5.59
CA GLN A 54 -6.62 0.56 4.78
C GLN A 54 -7.18 1.71 3.97
N THR A 55 -6.99 2.95 4.46
CA THR A 55 -7.51 4.10 3.76
C THR A 55 -6.55 4.49 2.68
N ALA A 56 -5.45 3.72 2.57
CA ALA A 56 -4.45 4.01 1.57
C ALA A 56 -4.79 3.25 0.32
N ILE A 57 -5.78 2.32 0.39
CA ILE A 57 -6.14 1.56 -0.78
C ILE A 57 -6.98 2.46 -1.65
N LYS A 58 -6.49 2.78 -2.87
CA LYS A 58 -7.23 3.64 -3.75
C LYS A 58 -8.02 2.79 -4.70
N LYS A 59 -7.39 1.74 -5.27
CA LYS A 59 -8.07 0.90 -6.21
C LYS A 59 -8.05 -0.49 -5.68
N ASN A 60 -9.10 -1.27 -5.99
CA ASN A 60 -9.18 -2.63 -5.54
C ASN A 60 -10.05 -3.35 -6.52
N ASN A 61 -10.25 -4.67 -6.31
CA ASN A 61 -11.07 -5.45 -7.21
C ASN A 61 -12.51 -5.13 -6.92
N PRO A 62 -13.29 -4.86 -7.95
CA PRO A 62 -14.69 -4.55 -7.79
C PRO A 62 -15.54 -5.73 -7.40
N ARG A 63 -15.09 -6.95 -7.78
CA ARG A 63 -15.84 -8.14 -7.47
C ARG A 63 -15.68 -8.45 -6.00
N LYS A 64 -14.52 -8.09 -5.42
CA LYS A 64 -14.29 -8.35 -4.02
C LYS A 64 -13.57 -7.16 -3.47
N TYR A 65 -14.27 -6.35 -2.66
CA TYR A 65 -13.66 -5.17 -2.10
C TYR A 65 -12.82 -5.61 -0.94
N LEU A 66 -11.49 -5.37 -1.04
CA LEU A 66 -10.60 -5.75 0.02
C LEU A 66 -9.92 -4.49 0.50
N ARG A 67 -9.60 -4.47 1.81
CA ARG A 67 -8.95 -3.33 2.39
C ARG A 67 -7.51 -3.69 2.63
N SER A 68 -7.05 -4.77 1.97
CA SER A 68 -5.71 -5.25 2.15
C SER A 68 -5.13 -5.52 0.81
N VAL A 69 -3.79 -5.66 0.76
CA VAL A 69 -3.10 -5.93 -0.48
C VAL A 69 -2.37 -7.21 -0.29
N GLY A 70 -1.99 -7.85 -1.42
CA GLY A 70 -1.31 -9.12 -1.36
C GLY A 70 0.11 -8.89 -0.94
N ASP A 71 0.60 -9.74 -0.01
CA ASP A 71 1.95 -9.63 0.46
C ASP A 71 2.86 -10.24 -0.57
N GLY A 72 4.08 -9.69 -0.70
CA GLY A 72 5.05 -10.20 -1.64
C GLY A 72 4.77 -9.61 -2.99
N GLU A 73 3.71 -8.77 -3.10
CA GLU A 73 3.38 -8.17 -4.37
C GLU A 73 4.05 -6.85 -4.44
N THR A 74 4.15 -6.33 -5.68
CA THR A 74 4.77 -5.04 -5.90
C THR A 74 3.64 -4.10 -6.20
N VAL A 75 3.58 -2.97 -5.48
CA VAL A 75 2.53 -2.02 -5.68
C VAL A 75 3.12 -0.66 -5.89
N GLU A 76 2.30 0.25 -6.46
CA GLU A 76 2.74 1.59 -6.73
C GLU A 76 2.01 2.48 -5.77
N PHE A 77 2.73 3.37 -5.06
CA PHE A 77 2.05 4.22 -4.11
C PHE A 77 2.83 5.48 -3.89
N ASP A 78 2.14 6.52 -3.36
CA ASP A 78 2.76 7.79 -3.06
C ASP A 78 3.10 7.77 -1.61
N VAL A 79 4.11 8.56 -1.20
CA VAL A 79 4.49 8.57 0.18
C VAL A 79 4.23 9.94 0.69
N VAL A 80 3.45 10.05 1.78
CA VAL A 80 3.15 11.32 2.37
C VAL A 80 3.56 11.22 3.80
N GLU A 81 3.78 12.38 4.46
CA GLU A 81 4.19 12.35 5.84
C GLU A 81 3.03 11.86 6.66
N GLY A 82 3.34 11.03 7.68
CA GLY A 82 2.30 10.50 8.52
C GLY A 82 2.78 10.53 9.94
N GLU A 83 1.94 10.04 10.86
CA GLU A 83 2.28 10.02 12.27
C GLU A 83 3.39 9.02 12.48
N LYS A 84 3.48 8.00 11.60
CA LYS A 84 4.51 6.99 11.75
C LYS A 84 5.72 7.44 10.99
N GLY A 85 5.70 8.71 10.53
CA GLY A 85 6.81 9.25 9.80
C GLY A 85 6.43 9.28 8.36
N ALA A 86 6.36 8.10 7.73
CA ALA A 86 6.01 8.02 6.34
C ALA A 86 4.78 7.17 6.23
N GLU A 87 3.77 7.67 5.50
CA GLU A 87 2.54 6.93 5.32
C GLU A 87 2.32 6.79 3.85
N ALA A 88 1.96 5.57 3.42
CA ALA A 88 1.71 5.31 2.02
C ALA A 88 0.31 5.75 1.73
N ALA A 89 0.08 6.26 0.50
CA ALA A 89 -1.24 6.70 0.14
C ALA A 89 -1.43 6.41 -1.33
N ASN A 90 -2.70 6.20 -1.73
CA ASN A 90 -3.02 5.92 -3.12
C ASN A 90 -2.28 4.69 -3.55
N VAL A 91 -2.50 3.55 -2.84
CA VAL A 91 -1.82 2.34 -3.19
C VAL A 91 -2.59 1.68 -4.30
N THR A 92 -1.91 1.50 -5.46
CA THR A 92 -2.53 0.88 -6.60
C THR A 92 -1.54 -0.09 -7.16
N GLY A 93 -1.99 -0.97 -8.07
CA GLY A 93 -1.08 -1.92 -8.67
C GLY A 93 -0.34 -1.20 -9.76
N PRO A 94 0.61 -1.88 -10.33
CA PRO A 94 1.42 -1.30 -11.39
C PRO A 94 0.64 -1.12 -12.65
N GLY A 95 0.78 0.07 -13.28
CA GLY A 95 0.06 0.33 -14.50
C GLY A 95 -1.26 0.97 -14.13
N GLY A 96 -1.56 1.04 -12.81
CA GLY A 96 -2.80 1.65 -12.37
C GLY A 96 -3.86 0.58 -12.33
N VAL A 97 -3.46 -0.70 -12.51
CA VAL A 97 -4.41 -1.78 -12.49
C VAL A 97 -4.70 -2.12 -11.05
N PRO A 98 -5.84 -2.72 -10.80
CA PRO A 98 -6.23 -3.13 -9.45
C PRO A 98 -5.26 -4.10 -8.84
N VAL A 99 -5.12 -4.05 -7.49
CA VAL A 99 -4.19 -4.93 -6.82
C VAL A 99 -4.82 -6.30 -6.77
N GLN A 100 -3.95 -7.34 -6.71
CA GLN A 100 -4.43 -8.71 -6.67
C GLN A 100 -5.18 -8.91 -5.39
N GLY A 101 -4.67 -8.35 -4.28
CA GLY A 101 -5.32 -8.47 -3.01
C GLY A 101 -4.69 -9.64 -2.29
N SER A 102 -5.07 -9.82 -1.01
CA SER A 102 -4.53 -10.90 -0.22
C SER A 102 -5.15 -12.17 -0.71
N LYS A 103 -4.39 -13.30 -0.62
CA LYS A 103 -4.90 -14.58 -1.06
C LYS A 103 -6.10 -14.91 -0.24
N TYR A 104 -6.04 -14.61 1.07
CA TYR A 104 -7.16 -14.86 1.94
C TYR A 104 -7.57 -13.53 2.49
N ALA A 105 -8.86 -13.19 2.37
CA ALA A 105 -9.32 -11.92 2.85
C ALA A 105 -10.71 -12.11 3.37
N ALA A 106 -11.17 -11.17 4.22
CA ALA A 106 -12.51 -11.24 4.77
C ALA A 106 -12.66 -12.56 5.54
#